data_7TV9
#
_entry.id   7TV9
#
_cell.length_a   99.481
_cell.length_b   104.699
_cell.length_c   103.115
_cell.angle_alpha   90.000
_cell.angle_beta   97.460
_cell.angle_gamma   90.000
#
_symmetry.space_group_name_H-M   'P 1 21 1'
#
loop_
_entity.id
_entity.type
_entity.pdbx_description
1 polymer 'Complement C3 beta chain'
2 polymer "Complement C3b alpha' chain"
3 polymer 'APL-1030 Nanofitin'
4 branched beta-D-mannopyranose-(1-4)-2-acetamido-2-deoxy-beta-D-glucopyranose-(1-4)-2-acetamido-2-deoxy-beta-D-glucopyranose
5 non-polymer 2-acetamido-2-deoxy-beta-D-glucopyranose
#
loop_
_entity_poly.entity_id
_entity_poly.type
_entity_poly.pdbx_seq_one_letter_code
_entity_poly.pdbx_strand_id
1 'polypeptide(L)'
;SPMYSIITPNILRLESEETMVLEAHDAQGDVPVTVTVHDFPGKKLVLSSEKTVLTPATNHMGNVTFTIPANREFKSEKGR
NKFVTVQATFGTQVVEKVVLVSLQSGYLFIQTDKTIYTPGSTVLYRIFTVNHKLLPVGRTVMVNIENPEGIPVKQDSLSS
QNQLGVLPLSWDIPELVNMGQWKIRAYYENSPQQVFSTEFEVKEYVLPSFEVIVEPTEKFYYIYNEKGLEVTITARFLYG
KKVEGTAFVIFGIQDGEQRISLPESLKRIPIEDGSGEVVLSRKVLLDGVQNPRAEDLVGKSLYVSATVILHSGSDMVQAE
RSGIPIVTSPYQIHFTKTPKYFKPGMPFDLMVFVTNPDGSPAYRVPVAVQGEDTVQSLTQGDGVAKLSINTHPSQKPLSI
TVRTKKQELSEAEQATRTMQALPYSTVGNSNNYLHLSVLRTELRPGETLNVNFLLRMDRAHEAKIRYYTYLIMNKGRLLK
AGRQVREPGQDLVVLPLSITTDFIPSFRLVAYYTLIGASGQREVVADSVWVDVKDSCVGSLVVKSGQSEDRQPVPGQQMT
LKIEGDHGARVVLVAVDKGVFVLNKKNKLTQSKIWDVVEKADIGCTPGSGKDYAGVFSDAGLTFTSSSGQQTAQRAELQC
PQPAA
;
A
2 'polypeptide(L)'
;SNLDEDIIAEENIVSRSEFPESWLWNVEDLKEPPKNGISTKLMNIFLKDSITTWEILAVSMSDKKGICVADPFEVTVMQD
FFIDLRLPYSVVRNEQVEIRAVLYNYRQNQELKVRVELLHNPAFCSLATTKRRHQQTVTIPPKSSLSVPYVIVPLKTGLQ
EVEVKAAVYHHFISDGVRKSLKVVPEGIRMNKTVAVRTLDPERLGREGVQKEDIPPADLSDQVPDTESETRILLQGTPVA
QMTEDAVDAERLKHLIVTPSGCGEQNMIGMTPTVIAVHYLDETEQWEKFGLEKRQGALELIKKGYTQQLAFRQPSSAFAA
FVKRAPSTWLTAYVVKVFSLAVNLIAIDSQVLCGAVKWLILEKQKPDGVFQEDAPVIHQEMIGGLRNNNEKDMALTAFVL
ISLQEAKDICEEQVNSLPGSITKAGDFLEANYMNLQRSYTVAIAGYALAQMGRLKGPLLNKFLTTAKDKNRWEDPGKQLY
NVEATSYALLALLQLKDFDFVPPVVRWLNEQRYYGGGYGSTQATFMVFQALAQYQKDAPDHQELNLDVSLQLPSRSSKIT
HRIHWESASLLRSEETKENEGFTVTAEGKGQGTLSVVTMYHAKAKDQLTCNKFDLKVTIKPAPETEKRPQDAKNTMILEI
CTRYRGDQDATMSILDISMMTGFAPDTDDLKQLANGVDRYISKYELDKAFSDRNTLIIYLDKVSHSEDDCLAFKVHQYFN
VELIQPGAVKVYAYYNLEESCTRFYHPEKEDGKLNKLCRDELCRCAEENCFIQKSDDKVTLEERLDKACEPGVDYVYKTR
LVKVQLSNDFDEYIMAIEQTIKSGSDEVQVGQQRTFISPIKCREALKLEEKKHYLMWGLSSDFWGEKPNLSYIIGKDTWV
EHWPEEDECQDEENQKQCQDLGAFTESMVVFGCPN
;
B
3 'polypeptide(L)' MVKVKFDATGEEKEVETSKISAVYRTGKDVLFSYDDQGKIGWGYVSEKDAPKELLDLLARAEREK C
#
# COMPACT_ATOMS: atom_id res chain seq x y z
N SER A 1 15.12 45.83 -28.94
CA SER A 1 15.02 44.69 -27.96
C SER A 1 13.98 43.68 -28.44
N PRO A 2 14.36 42.73 -29.32
CA PRO A 2 13.60 41.50 -29.48
C PRO A 2 13.82 40.58 -28.28
N MET A 3 12.73 39.99 -27.75
CA MET A 3 12.74 39.18 -26.51
C MET A 3 12.44 37.72 -26.87
N TYR A 4 13.32 36.81 -26.48
CA TYR A 4 13.20 35.35 -26.69
C TYR A 4 12.88 34.67 -25.36
N SER A 5 11.70 34.03 -25.27
CA SER A 5 11.15 33.41 -24.04
C SER A 5 11.19 31.88 -24.17
N ILE A 6 11.75 31.21 -23.17
CA ILE A 6 11.69 29.74 -23.01
C ILE A 6 10.69 29.42 -21.89
N ILE A 7 9.72 28.56 -22.19
CA ILE A 7 8.76 27.99 -21.20
C ILE A 7 8.93 26.47 -21.17
N THR A 8 9.41 25.95 -20.03
CA THR A 8 9.46 24.50 -19.70
C THR A 8 8.56 24.23 -18.53
N PRO A 9 8.20 22.96 -18.27
CA PRO A 9 7.58 22.60 -17.02
C PRO A 9 8.56 22.81 -15.85
N ASN A 10 8.00 23.13 -14.67
CA ASN A 10 8.75 23.46 -13.42
C ASN A 10 9.83 22.40 -13.17
N ILE A 11 9.39 21.18 -12.90
CA ILE A 11 10.28 20.00 -12.67
C ILE A 11 10.13 19.05 -13.85
N LEU A 12 11.20 18.88 -14.63
CA LEU A 12 11.25 17.96 -15.81
C LEU A 12 11.17 16.52 -15.33
N ARG A 13 10.77 15.61 -16.22
CA ARG A 13 10.79 14.14 -15.99
C ARG A 13 11.84 13.51 -16.90
N LEU A 14 12.37 12.36 -16.50
CA LEU A 14 13.46 11.66 -17.20
C LEU A 14 12.86 10.48 -17.97
N GLU A 15 13.63 9.96 -18.94
CA GLU A 15 13.14 9.01 -19.99
C GLU A 15 11.64 9.23 -20.19
N SER A 16 11.23 10.49 -20.34
CA SER A 16 9.89 10.90 -20.83
C SER A 16 10.03 12.13 -21.71
N GLU A 17 9.29 12.17 -22.82
CA GLU A 17 9.11 13.35 -23.68
C GLU A 17 8.30 14.39 -22.92
N GLU A 18 8.97 15.43 -22.44
CA GLU A 18 8.37 16.73 -22.11
C GLU A 18 8.90 17.78 -23.09
N THR A 19 8.18 18.90 -23.22
CA THR A 19 8.28 19.84 -24.37
C THR A 19 8.37 21.27 -23.84
N MET A 20 9.21 22.10 -24.45
CA MET A 20 9.42 23.52 -24.07
C MET A 20 8.96 24.43 -25.21
N VAL A 21 8.44 25.61 -24.87
CA VAL A 21 7.78 26.55 -25.82
C VAL A 21 8.79 27.63 -26.22
N LEU A 22 9.01 27.79 -27.53
CA LEU A 22 9.95 28.77 -28.11
C LEU A 22 9.15 29.95 -28.68
N GLU A 23 9.48 31.16 -28.25
CA GLU A 23 8.83 32.41 -28.69
C GLU A 23 9.89 33.48 -28.88
N ALA A 24 9.83 34.21 -29.99
CA ALA A 24 10.53 35.50 -30.21
C ALA A 24 9.49 36.61 -30.41
N HIS A 25 9.50 37.60 -29.54
CA HIS A 25 8.59 38.78 -29.56
C HIS A 25 9.21 39.90 -30.38
N ASP A 26 8.46 40.46 -31.33
CA ASP A 26 8.92 41.52 -32.26
C ASP A 26 10.20 41.03 -32.93
N ALA A 27 10.05 40.14 -33.93
CA ALA A 27 11.15 39.38 -34.56
C ALA A 27 11.00 39.44 -36.08
N GLN A 28 11.88 40.17 -36.74
CA GLN A 28 12.03 40.18 -38.22
C GLN A 28 12.58 38.83 -38.68
N GLY A 29 12.14 38.36 -39.86
CA GLY A 29 12.65 37.14 -40.52
C GLY A 29 12.36 35.88 -39.71
N ASP A 30 12.80 34.73 -40.21
CA ASP A 30 12.73 33.42 -39.49
C ASP A 30 13.99 33.27 -38.64
N VAL A 31 13.83 32.96 -37.34
CA VAL A 31 14.94 32.86 -36.34
C VAL A 31 15.26 31.38 -36.13
N PRO A 32 16.57 31.02 -36.03
CA PRO A 32 16.96 29.67 -35.71
C PRO A 32 17.08 29.43 -34.20
N VAL A 33 16.71 28.24 -33.74
CA VAL A 33 16.82 27.82 -32.32
C VAL A 33 17.28 26.37 -32.26
N THR A 34 18.36 26.12 -31.53
CA THR A 34 18.89 24.78 -31.21
C THR A 34 18.82 24.57 -29.69
N VAL A 35 18.01 23.61 -29.25
CA VAL A 35 17.75 23.33 -27.81
C VAL A 35 18.83 22.35 -27.30
N THR A 36 19.54 22.74 -26.24
CA THR A 36 20.58 21.93 -25.57
C THR A 36 20.12 21.60 -24.14
N VAL A 37 20.48 20.42 -23.63
CA VAL A 37 20.25 20.00 -22.22
C VAL A 37 21.53 19.33 -21.70
N HIS A 38 22.21 19.98 -20.76
CA HIS A 38 23.38 19.45 -20.02
C HIS A 38 22.95 19.01 -18.62
N ASP A 39 23.68 18.07 -18.02
CA ASP A 39 23.67 17.79 -16.56
C ASP A 39 24.11 19.05 -15.81
N PHE A 40 23.89 19.08 -14.49
CA PHE A 40 24.33 20.18 -13.61
C PHE A 40 25.17 19.63 -12.46
N PRO A 41 26.34 20.23 -12.17
CA PRO A 41 27.01 21.12 -13.12
C PRO A 41 27.61 20.35 -14.31
N GLY A 42 28.32 21.05 -15.19
CA GLY A 42 29.14 20.46 -16.26
C GLY A 42 28.44 20.47 -17.60
N LYS A 43 28.66 19.43 -18.40
CA LYS A 43 28.40 19.43 -19.87
C LYS A 43 28.56 17.99 -20.41
N LYS A 44 27.52 17.17 -20.24
CA LYS A 44 27.43 15.79 -20.81
C LYS A 44 26.64 15.83 -22.13
N LEU A 45 25.84 16.89 -22.33
CA LEU A 45 24.99 17.14 -23.55
C LEU A 45 24.04 15.93 -23.77
N VAL A 46 23.30 15.57 -22.71
CA VAL A 46 22.56 14.27 -22.58
C VAL A 46 21.38 14.25 -23.56
N LEU A 47 20.93 15.43 -24.00
CA LEU A 47 19.87 15.59 -25.02
C LEU A 47 19.84 17.04 -25.50
N SER A 48 20.86 17.44 -26.27
CA SER A 48 20.90 18.71 -27.03
C SER A 48 20.36 18.50 -28.45
N SER A 49 20.20 17.23 -28.85
CA SER A 49 19.79 16.82 -30.23
C SER A 49 18.33 17.23 -30.47
N GLU A 50 18.06 18.54 -30.54
CA GLU A 50 16.74 19.12 -30.90
C GLU A 50 16.95 20.48 -31.55
N LYS A 51 16.49 20.62 -32.79
CA LYS A 51 16.69 21.82 -33.65
C LYS A 51 15.36 22.21 -34.27
N THR A 52 15.18 23.49 -34.59
CA THR A 52 13.93 24.06 -35.13
C THR A 52 14.18 25.48 -35.61
N VAL A 53 13.33 25.97 -36.52
CA VAL A 53 13.38 27.35 -37.08
C VAL A 53 11.97 27.93 -37.08
N LEU A 54 11.70 28.90 -36.20
CA LEU A 54 10.35 29.49 -36.04
C LEU A 54 10.17 30.66 -37.01
N THR A 55 9.00 30.72 -37.67
CA THR A 55 8.70 31.60 -38.82
C THR A 55 7.83 32.77 -38.34
N PRO A 56 7.67 33.85 -39.16
CA PRO A 56 6.57 34.79 -38.96
C PRO A 56 5.22 34.24 -39.47
N ALA A 57 5.24 33.06 -40.11
CA ALA A 57 4.05 32.35 -40.65
C ALA A 57 3.43 31.47 -39.57
N THR A 58 4.06 31.39 -38.40
CA THR A 58 3.47 30.93 -37.11
C THR A 58 3.53 32.08 -36.09
N ASN A 59 3.98 33.26 -36.52
CA ASN A 59 4.24 34.45 -35.67
C ASN A 59 5.20 34.06 -34.53
N HIS A 60 6.18 33.19 -34.84
CA HIS A 60 7.45 33.01 -34.06
C HIS A 60 7.16 32.18 -32.80
N MET A 61 6.10 31.38 -32.81
CA MET A 61 5.86 30.27 -31.84
C MET A 61 6.18 28.93 -32.51
N GLY A 62 6.24 27.88 -31.72
CA GLY A 62 6.95 26.63 -32.06
C GLY A 62 7.65 26.06 -30.85
N ASN A 63 7.99 24.77 -30.91
CA ASN A 63 8.54 24.00 -29.77
C ASN A 63 9.36 22.85 -30.30
N VAL A 64 10.15 22.21 -29.43
CA VAL A 64 10.89 20.95 -29.71
C VAL A 64 10.67 20.00 -28.54
N THR A 65 10.15 18.81 -28.82
CA THR A 65 10.00 17.70 -27.86
C THR A 65 11.36 17.01 -27.70
N PHE A 66 11.68 16.56 -26.46
CA PHE A 66 12.94 15.85 -26.10
C PHE A 66 12.66 14.88 -24.93
N THR A 67 13.36 13.73 -24.93
CA THR A 67 13.44 12.77 -23.80
C THR A 67 14.84 12.83 -23.18
N ILE A 68 14.93 13.14 -21.88
CA ILE A 68 16.19 13.10 -21.07
C ILE A 68 16.41 11.67 -20.57
N PRO A 69 17.32 10.89 -21.18
CA PRO A 69 17.83 9.66 -20.58
C PRO A 69 19.10 9.94 -19.78
N ALA A 70 19.60 8.90 -19.08
CA ALA A 70 18.76 7.86 -18.49
C ALA A 70 19.20 7.60 -17.05
N ASN A 71 20.52 7.45 -16.83
CA ASN A 71 21.15 7.37 -15.48
C ASN A 71 22.65 7.73 -15.59
N ARG A 72 23.35 7.78 -14.45
CA ARG A 72 24.79 8.13 -14.35
C ARG A 72 25.13 8.39 -12.88
N GLY A 79 17.67 17.15 1.06
CA GLY A 79 17.95 15.76 0.65
C GLY A 79 18.65 15.69 -0.70
N ARG A 80 18.80 14.48 -1.26
CA ARG A 80 19.41 14.22 -2.59
C ARG A 80 18.52 14.84 -3.69
N ASN A 81 19.08 15.79 -4.46
CA ASN A 81 18.34 16.58 -5.49
C ASN A 81 19.23 16.79 -6.72
N LYS A 82 18.86 16.19 -7.85
CA LYS A 82 19.56 16.34 -9.15
C LYS A 82 18.86 17.41 -9.98
N PHE A 83 19.61 18.11 -10.82
CA PHE A 83 19.15 19.24 -11.68
C PHE A 83 19.76 19.10 -13.08
N VAL A 84 19.22 19.86 -14.06
CA VAL A 84 19.79 19.97 -15.45
C VAL A 84 19.65 21.42 -15.92
N THR A 85 20.65 21.91 -16.67
CA THR A 85 20.64 23.23 -17.35
C THR A 85 20.08 23.04 -18.75
N VAL A 86 18.96 23.70 -19.05
CA VAL A 86 18.28 23.66 -20.37
C VAL A 86 18.64 24.94 -21.12
N GLN A 87 19.24 24.81 -22.30
CA GLN A 87 19.80 25.94 -23.09
C GLN A 87 19.14 25.97 -24.46
N ALA A 88 18.46 27.06 -24.77
CA ALA A 88 17.91 27.37 -26.11
C ALA A 88 18.60 28.62 -26.66
N THR A 89 19.50 28.44 -27.63
CA THR A 89 20.31 29.51 -28.24
C THR A 89 19.63 29.95 -29.55
N PHE A 90 19.22 31.22 -29.60
CA PHE A 90 18.74 31.92 -30.81
C PHE A 90 19.90 32.68 -31.44
N GLY A 91 20.40 32.21 -32.57
CA GLY A 91 21.61 32.75 -33.24
C GLY A 91 22.64 33.25 -32.24
N THR A 92 22.71 34.57 -32.05
CA THR A 92 23.65 35.26 -31.11
C THR A 92 23.32 34.84 -29.67
N GLN A 93 22.03 34.82 -29.33
CA GLN A 93 21.53 34.99 -27.94
C GLN A 93 21.39 33.62 -27.30
N VAL A 94 21.78 33.51 -26.02
CA VAL A 94 21.69 32.26 -25.22
C VAL A 94 20.69 32.47 -24.08
N VAL A 95 19.65 31.65 -24.04
CA VAL A 95 18.66 31.56 -22.93
C VAL A 95 18.80 30.18 -22.28
N GLU A 96 19.28 30.13 -21.03
CA GLU A 96 19.47 28.87 -20.27
C GLU A 96 18.80 28.99 -18.90
N LYS A 97 18.01 27.98 -18.52
CA LYS A 97 17.41 27.80 -17.18
C LYS A 97 17.99 26.54 -16.53
N VAL A 98 18.02 26.49 -15.20
CA VAL A 98 18.27 25.24 -14.41
C VAL A 98 16.94 24.78 -13.80
N VAL A 99 16.46 23.61 -14.22
CA VAL A 99 15.15 23.02 -13.81
C VAL A 99 15.41 21.72 -13.04
N LEU A 100 14.90 21.62 -11.82
CA LEU A 100 14.78 20.35 -11.06
C LEU A 100 14.30 19.25 -11.99
N VAL A 101 14.68 18.02 -11.72
CA VAL A 101 14.37 16.84 -12.57
C VAL A 101 13.96 15.67 -11.66
N SER A 102 12.86 14.99 -11.98
CA SER A 102 12.30 13.86 -11.21
C SER A 102 12.96 12.55 -11.67
N LEU A 103 13.77 11.96 -10.80
CA LEU A 103 14.21 10.54 -10.89
C LEU A 103 12.98 9.67 -11.15
N GLN A 104 11.90 9.95 -10.43
CA GLN A 104 10.74 9.03 -10.21
C GLN A 104 10.05 8.74 -11.54
N SER A 105 10.00 7.45 -11.93
CA SER A 105 9.65 6.98 -13.29
C SER A 105 8.18 7.30 -13.61
N GLY A 106 7.28 6.96 -12.69
CA GLY A 106 5.83 7.17 -12.83
C GLY A 106 5.07 6.70 -11.60
N TYR A 107 3.93 6.02 -11.80
CA TYR A 107 3.04 5.49 -10.75
C TYR A 107 2.99 3.96 -10.83
N LEU A 108 2.62 3.32 -9.73
CA LEU A 108 2.29 1.87 -9.65
C LEU A 108 0.93 1.70 -9.00
N PHE A 109 0.11 0.81 -9.55
CA PHE A 109 -1.19 0.39 -8.98
C PHE A 109 -1.24 -1.14 -8.93
N ILE A 110 -1.61 -1.68 -7.78
CA ILE A 110 -1.49 -3.13 -7.47
C ILE A 110 -2.87 -3.66 -7.08
N GLN A 111 -3.47 -4.45 -7.95
CA GLN A 111 -4.76 -5.14 -7.72
C GLN A 111 -4.48 -6.50 -7.05
N THR A 112 -5.28 -6.86 -6.06
CA THR A 112 -5.36 -8.24 -5.50
C THR A 112 -6.72 -8.86 -5.88
N ASP A 113 -6.77 -10.20 -5.97
CA ASP A 113 -7.98 -10.96 -6.44
C ASP A 113 -9.07 -10.87 -5.35
N LYS A 114 -8.70 -10.50 -4.11
CA LYS A 114 -9.64 -10.32 -2.97
C LYS A 114 -9.11 -9.25 -2.00
N THR A 115 -9.93 -8.86 -1.04
CA THR A 115 -9.62 -7.86 0.00
C THR A 115 -9.03 -8.56 1.21
N ILE A 116 -9.44 -9.81 1.41
CA ILE A 116 -9.19 -10.61 2.64
C ILE A 116 -8.92 -12.07 2.22
N TYR A 117 -7.96 -12.73 2.88
CA TYR A 117 -7.50 -14.10 2.55
C TYR A 117 -7.34 -14.92 3.84
N THR A 118 -7.54 -16.24 3.73
CA THR A 118 -7.11 -17.24 4.75
C THR A 118 -5.65 -17.60 4.51
N PRO A 119 -4.97 -18.15 5.53
CA PRO A 119 -3.80 -18.97 5.31
C PRO A 119 -4.15 -20.20 4.47
N GLY A 120 -3.24 -20.61 3.60
CA GLY A 120 -3.40 -21.79 2.74
C GLY A 120 -3.78 -21.41 1.32
N SER A 121 -4.46 -20.27 1.17
CA SER A 121 -4.86 -19.69 -0.14
C SER A 121 -3.70 -18.89 -0.71
N THR A 122 -3.59 -18.86 -2.04
CA THR A 122 -2.70 -17.96 -2.81
C THR A 122 -3.35 -16.58 -2.92
N VAL A 123 -2.54 -15.52 -2.80
CA VAL A 123 -2.91 -14.13 -3.14
C VAL A 123 -2.38 -13.81 -4.54
N LEU A 124 -3.25 -13.83 -5.53
CA LEU A 124 -3.00 -13.24 -6.84
C LEU A 124 -2.98 -11.73 -6.70
N TYR A 125 -1.85 -11.09 -7.02
CA TYR A 125 -1.73 -9.62 -7.11
C TYR A 125 -1.19 -9.25 -8.51
N ARG A 126 -1.57 -8.06 -8.99
CA ARG A 126 -1.07 -7.44 -10.26
C ARG A 126 -0.53 -6.05 -9.96
N ILE A 127 0.64 -5.72 -10.48
CA ILE A 127 1.21 -4.35 -10.48
C ILE A 127 1.15 -3.80 -11.91
N PHE A 128 0.55 -2.63 -12.09
CA PHE A 128 0.50 -1.88 -13.36
C PHE A 128 1.61 -0.84 -13.37
N THR A 129 2.56 -0.98 -14.31
CA THR A 129 3.71 -0.07 -14.51
C THR A 129 3.34 0.99 -15.54
N VAL A 130 3.09 2.22 -15.11
CA VAL A 130 2.66 3.35 -15.99
C VAL A 130 3.45 4.60 -15.62
N ASN A 131 3.80 5.42 -16.62
CA ASN A 131 4.60 6.67 -16.44
C ASN A 131 3.69 7.75 -15.85
N HIS A 132 4.20 8.99 -15.75
CA HIS A 132 3.53 10.13 -15.05
C HIS A 132 2.25 10.54 -15.82
N LYS A 133 2.14 10.13 -17.10
CA LYS A 133 1.02 10.47 -18.01
C LYS A 133 0.11 9.23 -18.20
N LEU A 134 0.10 8.33 -17.20
CA LEU A 134 -0.94 7.28 -17.02
C LEU A 134 -0.79 6.21 -18.12
N LEU A 135 0.39 6.14 -18.74
CA LEU A 135 0.61 5.38 -20.00
C LEU A 135 1.52 4.19 -19.73
N PRO A 136 1.19 2.98 -20.25
CA PRO A 136 1.94 1.78 -19.96
C PRO A 136 3.40 1.89 -20.40
N VAL A 137 4.30 1.24 -19.67
CA VAL A 137 5.77 1.40 -19.78
C VAL A 137 6.44 0.03 -19.54
N GLY A 138 7.74 -0.07 -19.84
CA GLY A 138 8.56 -1.27 -19.58
C GLY A 138 9.77 -0.94 -18.73
N ARG A 139 9.61 -0.96 -17.41
CA ARG A 139 10.73 -0.86 -16.42
C ARG A 139 10.85 -2.19 -15.66
N THR A 140 11.95 -2.37 -14.94
CA THR A 140 12.12 -3.40 -13.89
C THR A 140 11.70 -2.80 -12.53
N VAL A 141 10.87 -3.54 -11.78
CA VAL A 141 10.32 -3.15 -10.45
C VAL A 141 10.47 -4.31 -9.48
N MET A 142 11.04 -4.07 -8.30
CA MET A 142 11.08 -5.04 -7.18
C MET A 142 9.79 -4.93 -6.38
N VAL A 143 9.31 -6.06 -5.86
CA VAL A 143 8.05 -6.17 -5.06
C VAL A 143 8.40 -6.70 -3.67
N ASN A 144 7.72 -6.20 -2.64
CA ASN A 144 7.89 -6.62 -1.23
C ASN A 144 6.53 -7.01 -0.67
N ILE A 145 6.49 -7.99 0.23
CA ILE A 145 5.27 -8.46 0.92
C ILE A 145 5.50 -8.42 2.43
N GLU A 146 5.37 -7.23 3.02
CA GLU A 146 5.50 -7.00 4.48
C GLU A 146 4.37 -7.71 5.21
N ASN A 147 4.53 -7.94 6.51
CA ASN A 147 3.52 -8.57 7.39
C ASN A 147 3.03 -7.56 8.42
N PRO A 148 1.98 -7.87 9.20
CA PRO A 148 1.33 -6.88 10.06
C PRO A 148 2.31 -6.06 10.91
N GLU A 149 3.56 -6.52 11.03
CA GLU A 149 4.74 -5.66 11.30
C GLU A 149 5.75 -5.82 10.16
N GLY A 150 6.00 -4.74 9.42
CA GLY A 150 6.80 -4.75 8.17
C GLY A 150 8.02 -5.63 8.29
N ILE A 151 8.05 -6.73 7.52
CA ILE A 151 9.18 -7.71 7.48
C ILE A 151 9.12 -8.46 6.14
N PRO A 152 9.78 -7.93 5.07
CA PRO A 152 9.57 -8.44 3.71
C PRO A 152 9.70 -9.97 3.57
N VAL A 153 8.56 -10.67 3.62
CA VAL A 153 8.49 -12.16 3.68
C VAL A 153 8.46 -12.72 2.25
N LYS A 154 8.92 -11.93 1.28
CA LYS A 154 9.30 -12.39 -0.08
C LYS A 154 9.55 -11.16 -0.97
N GLN A 155 10.76 -11.07 -1.53
CA GLN A 155 11.21 -9.93 -2.38
C GLN A 155 11.45 -10.43 -3.81
N ASP A 156 10.63 -9.99 -4.75
CA ASP A 156 10.74 -10.32 -6.20
C ASP A 156 11.34 -9.11 -6.93
N SER A 157 11.47 -9.21 -8.26
CA SER A 157 12.05 -8.16 -9.15
C SER A 157 11.88 -8.57 -10.61
N LEU A 158 10.74 -8.21 -11.23
CA LEU A 158 10.41 -8.51 -12.66
C LEU A 158 10.25 -7.18 -13.44
N SER A 159 10.50 -7.21 -14.75
CA SER A 159 10.32 -6.08 -15.70
C SER A 159 9.11 -6.35 -16.61
N SER A 160 8.37 -5.30 -16.98
CA SER A 160 7.04 -5.37 -17.66
C SER A 160 7.23 -5.34 -19.19
N GLN A 161 8.46 -5.07 -19.65
CA GLN A 161 8.86 -5.12 -21.08
C GLN A 161 7.97 -6.13 -21.81
N ASN A 162 7.09 -5.65 -22.68
CA ASN A 162 6.39 -6.45 -23.72
C ASN A 162 5.28 -7.28 -23.06
N GLN A 163 5.07 -7.10 -21.76
CA GLN A 163 3.85 -7.54 -21.02
C GLN A 163 2.79 -6.43 -21.11
N LEU A 164 3.21 -5.20 -21.45
CA LEU A 164 2.32 -4.03 -21.73
C LEU A 164 1.70 -3.51 -20.41
N GLY A 165 2.53 -3.27 -19.40
CA GLY A 165 2.18 -2.48 -18.19
C GLY A 165 1.75 -3.38 -17.02
N VAL A 166 1.54 -4.68 -17.29
CA VAL A 166 0.82 -5.64 -16.39
C VAL A 166 1.83 -6.70 -15.91
N LEU A 167 2.02 -6.80 -14.58
CA LEU A 167 2.83 -7.85 -13.92
C LEU A 167 1.90 -8.75 -13.10
N PRO A 168 1.56 -9.96 -13.61
CA PRO A 168 0.84 -10.94 -12.83
C PRO A 168 1.79 -11.74 -11.94
N LEU A 169 1.59 -11.66 -10.63
CA LEU A 169 2.41 -12.37 -9.62
C LEU A 169 1.50 -13.31 -8.80
N SER A 170 2.11 -14.11 -7.93
CA SER A 170 1.42 -14.94 -6.92
C SER A 170 2.30 -15.08 -5.68
N TRP A 171 1.69 -15.06 -4.50
CA TRP A 171 2.28 -15.55 -3.23
C TRP A 171 1.25 -16.39 -2.49
N ASP A 172 1.52 -17.68 -2.34
CA ASP A 172 0.75 -18.59 -1.45
C ASP A 172 1.08 -18.22 0.00
N ILE A 173 0.05 -18.21 0.86
CA ILE A 173 0.18 -17.87 2.30
C ILE A 173 0.37 -19.17 3.09
N PRO A 174 1.53 -19.35 3.76
CA PRO A 174 1.72 -20.46 4.70
C PRO A 174 0.64 -20.53 5.79
N GLU A 175 0.27 -21.76 6.21
CA GLU A 175 -0.84 -22.03 7.20
C GLU A 175 -0.48 -21.41 8.54
N LEU A 176 0.81 -21.37 8.84
CA LEU A 176 1.39 -20.84 10.09
C LEU A 176 1.86 -19.40 9.86
N VAL A 177 0.93 -18.50 9.58
CA VAL A 177 1.21 -17.11 9.16
C VAL A 177 0.78 -16.17 10.30
N ASN A 178 1.47 -15.04 10.45
CA ASN A 178 1.18 -14.02 11.47
C ASN A 178 -0.13 -13.31 11.11
N MET A 179 -1.26 -13.79 11.65
CA MET A 179 -2.62 -13.25 11.37
C MET A 179 -2.61 -11.73 11.52
N GLY A 180 -3.21 -11.01 10.56
CA GLY A 180 -3.39 -9.55 10.61
C GLY A 180 -3.37 -8.91 9.22
N GLN A 181 -2.80 -7.71 9.12
CA GLN A 181 -3.09 -6.72 8.06
C GLN A 181 -1.88 -6.59 7.14
N TRP A 182 -1.79 -7.42 6.12
CA TRP A 182 -0.58 -7.62 5.30
C TRP A 182 -0.49 -6.52 4.25
N LYS A 183 0.72 -6.02 4.01
CA LYS A 183 1.05 -4.97 3.02
C LYS A 183 1.68 -5.65 1.78
N ILE A 184 1.60 -4.99 0.62
CA ILE A 184 2.52 -5.18 -0.54
C ILE A 184 3.12 -3.83 -0.90
N ARG A 185 4.38 -3.82 -1.29
CA ARG A 185 5.16 -2.58 -1.55
C ARG A 185 5.99 -2.77 -2.82
N ALA A 186 5.63 -2.05 -3.89
CA ALA A 186 6.33 -2.04 -5.19
C ALA A 186 6.96 -0.66 -5.41
N TYR A 187 7.93 -0.58 -6.33
CA TYR A 187 8.76 0.62 -6.58
C TYR A 187 9.73 0.34 -7.74
N TYR A 188 9.84 1.29 -8.66
CA TYR A 188 10.68 1.21 -9.88
C TYR A 188 12.15 1.04 -9.47
N GLU A 189 12.86 0.13 -10.13
CA GLU A 189 14.22 -0.33 -9.73
C GLU A 189 15.17 0.89 -9.66
N ASN A 190 14.83 1.95 -10.39
CA ASN A 190 15.63 3.20 -10.49
C ASN A 190 15.26 4.14 -9.33
N SER A 191 13.99 4.10 -8.92
CA SER A 191 13.38 5.05 -7.95
C SER A 191 13.01 4.32 -6.67
N PRO A 192 13.95 4.17 -5.70
CA PRO A 192 13.68 3.45 -4.47
C PRO A 192 12.72 4.23 -3.55
N GLN A 193 12.52 5.51 -3.83
CA GLN A 193 11.81 6.47 -2.94
C GLN A 193 10.33 6.57 -3.37
N GLN A 194 10.07 6.60 -4.69
CA GLN A 194 8.74 6.32 -5.30
C GLN A 194 8.36 4.87 -4.99
N VAL A 195 7.91 4.60 -3.75
CA VAL A 195 7.30 3.31 -3.31
C VAL A 195 5.78 3.43 -3.39
N PHE A 196 5.10 2.31 -3.65
CA PHE A 196 3.63 2.24 -3.83
C PHE A 196 3.09 1.00 -3.10
N SER A 197 2.08 1.19 -2.24
CA SER A 197 1.57 0.19 -1.26
C SER A 197 0.09 -0.11 -1.53
N THR A 198 -0.31 -1.39 -1.35
CA THR A 198 -1.72 -1.84 -1.18
C THR A 198 -1.77 -2.98 -0.17
N GLU A 199 -2.71 -2.93 0.77
CA GLU A 199 -2.79 -3.84 1.94
C GLU A 199 -3.90 -4.86 1.74
N PHE A 200 -3.80 -6.03 2.38
CA PHE A 200 -4.81 -7.12 2.36
C PHE A 200 -4.81 -7.85 3.69
N GLU A 201 -5.93 -7.76 4.42
CA GLU A 201 -6.18 -8.50 5.69
C GLU A 201 -6.02 -10.00 5.45
N VAL A 202 -5.16 -10.66 6.24
CA VAL A 202 -5.12 -12.12 6.42
C VAL A 202 -5.86 -12.47 7.72
N LYS A 203 -6.51 -13.61 7.74
CA LYS A 203 -7.53 -13.95 8.75
C LYS A 203 -8.04 -15.35 8.46
N GLU A 204 -8.38 -16.09 9.52
CA GLU A 204 -9.49 -17.07 9.53
C GLU A 204 -10.78 -16.32 9.19
N TYR A 205 -11.71 -16.99 8.51
CA TYR A 205 -13.10 -16.49 8.28
C TYR A 205 -13.85 -17.48 7.40
N VAL A 206 -15.16 -17.25 7.25
CA VAL A 206 -16.04 -17.98 6.31
C VAL A 206 -17.07 -17.00 5.75
N LEU A 207 -17.04 -16.76 4.44
CA LEU A 207 -18.04 -15.94 3.69
C LEU A 207 -19.41 -16.06 4.35
N PRO A 208 -20.03 -14.94 4.75
CA PRO A 208 -21.36 -14.97 5.33
C PRO A 208 -22.42 -15.52 4.36
N SER A 209 -23.67 -15.60 4.81
CA SER A 209 -24.87 -15.91 4.00
C SER A 209 -25.40 -14.64 3.36
N PHE A 210 -25.44 -13.56 4.15
CA PHE A 210 -26.09 -12.28 3.80
C PHE A 210 -25.15 -11.13 4.13
N GLU A 211 -25.39 -9.97 3.51
CA GLU A 211 -24.74 -8.69 3.86
C GLU A 211 -25.69 -7.86 4.71
N VAL A 212 -25.16 -6.91 5.45
CA VAL A 212 -25.95 -5.96 6.27
C VAL A 212 -25.53 -4.54 5.89
N ILE A 213 -26.50 -3.71 5.54
CA ILE A 213 -26.32 -2.28 5.17
C ILE A 213 -27.02 -1.42 6.20
N VAL A 214 -26.27 -0.72 7.03
CA VAL A 214 -26.80 0.25 8.04
C VAL A 214 -26.37 1.65 7.63
N GLU A 215 -27.33 2.52 7.40
CA GLU A 215 -27.12 3.95 7.10
C GLU A 215 -28.29 4.75 7.65
N PRO A 216 -28.04 5.96 8.20
CA PRO A 216 -29.09 6.74 8.87
C PRO A 216 -30.01 7.44 7.86
N THR A 217 -31.11 8.05 8.35
CA THR A 217 -31.94 9.02 7.60
C THR A 217 -31.04 10.13 7.05
N GLU A 218 -30.07 10.58 7.86
CA GLU A 218 -29.09 11.64 7.48
C GLU A 218 -27.75 10.99 7.12
N LYS A 219 -26.76 11.80 6.76
CA LYS A 219 -25.31 11.42 6.73
C LYS A 219 -24.57 12.25 7.78
N PHE A 220 -25.26 12.60 8.88
CA PHE A 220 -24.74 13.43 10.00
C PHE A 220 -25.83 13.59 11.04
N TYR A 221 -25.45 14.02 12.24
CA TYR A 221 -26.39 14.42 13.32
C TYR A 221 -26.40 15.93 13.47
N TYR A 222 -27.58 16.52 13.37
CA TYR A 222 -27.84 17.93 13.74
C TYR A 222 -28.14 18.00 15.24
N ILE A 223 -27.20 18.54 16.01
CA ILE A 223 -27.16 18.42 17.50
C ILE A 223 -28.54 18.73 18.08
N TYR A 224 -29.32 19.59 17.40
CA TYR A 224 -30.58 20.15 17.92
C TYR A 224 -31.78 19.44 17.27
N ASN A 225 -31.54 18.28 16.66
CA ASN A 225 -32.59 17.40 16.08
C ASN A 225 -33.06 16.42 17.16
N GLU A 226 -34.05 16.83 17.97
CA GLU A 226 -34.56 16.07 19.13
C GLU A 226 -35.11 14.70 18.66
N LYS A 227 -35.23 14.50 17.34
CA LYS A 227 -35.73 13.24 16.73
C LYS A 227 -34.64 12.16 16.80
N GLY A 228 -33.43 12.54 17.24
CA GLY A 228 -32.28 11.62 17.41
C GLY A 228 -31.87 11.01 16.08
N LEU A 229 -30.68 10.40 16.04
CA LEU A 229 -30.05 9.86 14.80
C LEU A 229 -30.76 8.59 14.37
N GLU A 230 -31.86 8.71 13.61
CA GLU A 230 -32.61 7.55 13.06
C GLU A 230 -31.68 6.74 12.17
N VAL A 231 -31.78 5.41 12.22
CA VAL A 231 -31.05 4.46 11.32
C VAL A 231 -32.01 3.33 10.89
N THR A 232 -32.08 3.08 9.59
CA THR A 232 -32.67 1.87 8.99
C THR A 232 -31.56 0.85 8.74
N ILE A 233 -31.80 -0.40 9.15
CA ILE A 233 -30.92 -1.57 8.87
C ILE A 233 -31.47 -2.32 7.66
N THR A 234 -30.60 -2.85 6.82
CA THR A 234 -30.94 -3.73 5.68
C THR A 234 -30.13 -5.03 5.77
N ALA A 235 -30.74 -6.13 5.34
CA ALA A 235 -30.20 -7.48 5.47
C ALA A 235 -30.64 -8.32 4.26
N ARG A 236 -29.73 -8.52 3.31
CA ARG A 236 -29.97 -9.26 2.05
C ARG A 236 -29.03 -10.47 1.97
N PHE A 237 -29.56 -11.65 1.66
CA PHE A 237 -28.81 -12.80 1.10
C PHE A 237 -28.03 -12.33 -0.13
N LEU A 238 -26.80 -12.82 -0.28
CA LEU A 238 -25.85 -12.42 -1.35
C LEU A 238 -26.47 -12.71 -2.74
N TYR A 239 -27.53 -13.53 -2.78
CA TYR A 239 -28.21 -13.93 -4.04
C TYR A 239 -29.47 -13.07 -4.25
N GLY A 240 -29.80 -12.21 -3.28
CA GLY A 240 -30.68 -11.04 -3.48
C GLY A 240 -31.85 -11.04 -2.52
N LYS A 241 -32.59 -12.16 -2.45
CA LYS A 241 -33.80 -12.30 -1.59
C LYS A 241 -33.51 -11.74 -0.19
N LYS A 242 -34.53 -11.19 0.47
CA LYS A 242 -34.40 -10.48 1.77
C LYS A 242 -34.23 -11.50 2.90
N VAL A 243 -33.86 -11.02 4.09
CA VAL A 243 -33.53 -11.86 5.27
C VAL A 243 -34.56 -11.60 6.36
N GLU A 244 -35.14 -12.68 6.91
CA GLU A 244 -35.84 -12.66 8.21
C GLU A 244 -34.87 -13.09 9.31
N GLY A 245 -34.72 -12.27 10.35
CA GLY A 245 -33.85 -12.53 11.50
C GLY A 245 -34.14 -11.57 12.64
N THR A 246 -33.09 -11.15 13.36
CA THR A 246 -33.15 -10.13 14.44
C THR A 246 -31.76 -9.49 14.57
N ALA A 247 -31.73 -8.23 15.03
CA ALA A 247 -30.58 -7.31 14.87
C ALA A 247 -30.24 -6.67 16.22
N PHE A 248 -28.96 -6.73 16.62
CA PHE A 248 -28.40 -6.09 17.84
C PHE A 248 -27.51 -4.91 17.43
N VAL A 249 -27.98 -3.69 17.68
CA VAL A 249 -27.28 -2.44 17.27
C VAL A 249 -27.00 -1.59 18.51
N ILE A 250 -25.81 -1.01 18.57
CA ILE A 250 -25.33 -0.12 19.67
C ILE A 250 -24.56 1.05 19.05
N PHE A 251 -24.65 2.22 19.66
CA PHE A 251 -24.06 3.49 19.15
C PHE A 251 -22.88 3.89 20.04
N GLY A 252 -22.13 4.90 19.62
CA GLY A 252 -21.00 5.45 20.39
C GLY A 252 -20.40 6.68 19.74
N ILE A 253 -20.07 7.68 20.56
CA ILE A 253 -19.30 8.90 20.16
C ILE A 253 -17.81 8.57 20.15
N GLN A 254 -17.02 9.29 19.36
CA GLN A 254 -15.56 9.05 19.20
C GLN A 254 -14.88 10.36 18.82
N ASP A 255 -13.98 10.87 19.67
CA ASP A 255 -13.08 12.03 19.36
C ASP A 255 -11.72 11.81 19.99
N GLY A 256 -10.71 11.60 19.14
CA GLY A 256 -10.91 11.39 17.72
C GLY A 256 -10.66 9.96 17.32
N GLU A 257 -9.50 9.44 17.70
CA GLU A 257 -9.11 8.02 17.50
C GLU A 257 -9.92 7.14 18.47
N GLN A 258 -9.90 7.49 19.76
CA GLN A 258 -10.59 6.76 20.84
C GLN A 258 -12.11 6.81 20.59
N ARG A 259 -12.81 5.68 20.80
CA ARG A 259 -14.29 5.57 20.77
C ARG A 259 -14.82 5.53 22.21
N ILE A 260 -16.14 5.62 22.37
CA ILE A 260 -16.85 5.46 23.68
C ILE A 260 -18.24 4.89 23.41
N SER A 261 -18.36 3.56 23.41
CA SER A 261 -19.65 2.83 23.39
C SER A 261 -20.66 3.55 24.30
N LEU A 262 -21.89 3.69 23.83
CA LEU A 262 -23.03 4.22 24.61
C LEU A 262 -23.93 3.07 25.01
N PRO A 263 -23.59 2.33 26.07
CA PRO A 263 -24.21 1.03 26.33
C PRO A 263 -25.73 1.14 26.47
N GLU A 264 -26.22 2.28 26.97
CA GLU A 264 -27.66 2.57 27.13
C GLU A 264 -28.35 2.45 25.76
N SER A 265 -27.61 2.73 24.67
CA SER A 265 -28.15 2.88 23.28
C SER A 265 -28.19 1.51 22.59
N LEU A 266 -28.02 0.43 23.35
CA LEU A 266 -28.07 -0.98 22.84
C LEU A 266 -29.53 -1.39 22.67
N LYS A 267 -29.93 -1.70 21.44
CA LYS A 267 -31.33 -1.95 21.06
C LYS A 267 -31.39 -3.22 20.20
N ARG A 268 -32.41 -4.05 20.44
CA ARG A 268 -32.64 -5.33 19.74
C ARG A 268 -33.97 -5.25 19.00
N ILE A 269 -33.96 -5.54 17.72
CA ILE A 269 -35.06 -5.26 16.78
C ILE A 269 -35.22 -6.44 15.84
N PRO A 270 -36.47 -6.84 15.51
CA PRO A 270 -36.71 -7.77 14.42
C PRO A 270 -36.40 -7.17 13.05
N ILE A 271 -35.84 -7.98 12.15
CA ILE A 271 -35.77 -7.73 10.69
C ILE A 271 -36.98 -8.38 10.02
N GLU A 272 -37.99 -7.59 9.69
CA GLU A 272 -39.13 -7.98 8.82
C GLU A 272 -38.90 -7.46 7.40
N ASP A 273 -39.11 -8.30 6.39
CA ASP A 273 -38.80 -8.03 4.95
C ASP A 273 -37.43 -7.29 4.86
N GLY A 274 -36.43 -7.79 5.59
CA GLY A 274 -35.00 -7.49 5.36
C GLY A 274 -34.65 -6.06 5.72
N SER A 275 -35.50 -5.40 6.50
CA SER A 275 -35.36 -3.96 6.84
C SER A 275 -35.98 -3.70 8.21
N GLY A 276 -35.14 -3.36 9.19
CA GLY A 276 -35.55 -2.81 10.49
C GLY A 276 -35.16 -1.36 10.62
N GLU A 277 -35.66 -0.69 11.67
CA GLU A 277 -35.36 0.72 11.97
C GLU A 277 -35.12 0.87 13.48
N VAL A 278 -34.02 1.51 13.85
CA VAL A 278 -33.63 1.77 15.26
C VAL A 278 -33.26 3.25 15.39
N VAL A 279 -33.35 3.79 16.60
CA VAL A 279 -33.13 5.24 16.89
C VAL A 279 -32.05 5.36 17.95
N LEU A 280 -31.38 6.51 17.98
CA LEU A 280 -30.56 6.97 19.13
C LEU A 280 -31.07 8.35 19.59
N SER A 281 -31.96 8.35 20.60
CA SER A 281 -32.54 9.59 21.21
C SER A 281 -31.42 10.60 21.46
N ARG A 282 -31.78 11.87 21.65
CA ARG A 282 -30.85 12.92 22.10
C ARG A 282 -30.59 12.76 23.60
N LYS A 283 -31.62 12.37 24.36
CA LYS A 283 -31.52 12.11 25.83
C LYS A 283 -30.41 11.09 26.08
N VAL A 284 -30.49 9.94 25.40
CA VAL A 284 -29.49 8.83 25.52
C VAL A 284 -28.09 9.40 25.26
N LEU A 285 -27.92 10.14 24.17
CA LEU A 285 -26.62 10.69 23.71
C LEU A 285 -26.07 11.64 24.78
N LEU A 286 -26.89 12.58 25.25
CA LEU A 286 -26.48 13.67 26.17
C LEU A 286 -26.05 13.07 27.52
N ASP A 287 -26.98 12.38 28.19
CA ASP A 287 -26.69 11.50 29.35
C ASP A 287 -25.37 10.75 29.07
N GLY A 288 -25.37 9.91 28.04
CA GLY A 288 -24.29 8.95 27.73
C GLY A 288 -22.91 9.58 27.86
N VAL A 289 -22.69 10.71 27.19
CA VAL A 289 -21.37 11.40 27.12
C VAL A 289 -20.86 11.62 28.55
N GLN A 290 -21.55 12.46 29.32
CA GLN A 290 -21.01 13.16 30.52
C GLN A 290 -22.15 13.89 31.24
N ASN A 291 -23.33 13.97 30.60
CA ASN A 291 -24.44 14.89 30.97
C ASN A 291 -24.10 16.32 30.54
N PRO A 292 -23.09 16.54 29.65
CA PRO A 292 -22.52 17.87 29.48
C PRO A 292 -23.48 18.79 28.72
N ARG A 293 -22.96 19.58 27.77
CA ARG A 293 -23.76 20.48 26.89
C ARG A 293 -23.67 19.98 25.45
N ALA A 294 -24.81 19.84 24.78
CA ALA A 294 -24.94 19.25 23.44
C ALA A 294 -23.85 19.81 22.52
N GLU A 295 -23.48 21.07 22.72
CA GLU A 295 -22.58 21.84 21.81
C GLU A 295 -21.13 21.42 22.05
N ASP A 296 -20.78 21.08 23.30
CA ASP A 296 -19.48 20.45 23.68
C ASP A 296 -19.06 19.47 22.57
N LEU A 297 -20.04 18.76 21.97
CA LEU A 297 -19.86 17.44 21.29
C LEU A 297 -19.65 17.65 19.79
N VAL A 298 -19.84 18.88 19.32
CA VAL A 298 -19.69 19.23 17.87
C VAL A 298 -18.23 19.00 17.47
N GLY A 299 -18.01 18.46 16.28
CA GLY A 299 -16.67 18.18 15.74
C GLY A 299 -16.22 16.77 16.06
N LYS A 300 -16.85 16.16 17.07
CA LYS A 300 -16.80 14.69 17.31
C LYS A 300 -17.45 13.97 16.13
N SER A 301 -17.74 12.69 16.30
CA SER A 301 -18.54 11.85 15.37
C SER A 301 -18.98 10.60 16.09
N LEU A 302 -20.06 9.97 15.63
CA LEU A 302 -20.51 8.69 16.20
C LEU A 302 -20.51 7.61 15.13
N TYR A 303 -20.46 6.35 15.58
CA TYR A 303 -20.62 5.13 14.77
C TYR A 303 -21.82 4.37 15.28
N VAL A 304 -22.39 3.52 14.43
CA VAL A 304 -23.42 2.52 14.81
C VAL A 304 -22.90 1.13 14.40
N SER A 305 -23.37 0.08 15.09
CA SER A 305 -22.74 -1.28 15.08
C SER A 305 -23.85 -2.35 15.13
N ALA A 306 -24.32 -2.79 13.97
CA ALA A 306 -25.45 -3.74 13.82
C ALA A 306 -24.91 -5.17 13.75
N THR A 307 -25.52 -6.07 14.51
CA THR A 307 -25.17 -7.52 14.56
C THR A 307 -26.45 -8.33 14.31
N VAL A 308 -26.62 -8.85 13.10
CA VAL A 308 -27.88 -9.48 12.62
C VAL A 308 -27.68 -11.00 12.61
N ILE A 309 -28.50 -11.72 13.39
CA ILE A 309 -28.51 -13.21 13.45
C ILE A 309 -29.78 -13.71 12.81
N LEU A 310 -29.68 -14.60 11.84
CA LEU A 310 -30.82 -15.21 11.15
C LEU A 310 -31.76 -15.81 12.18
N HIS A 311 -33.00 -16.11 11.79
CA HIS A 311 -34.05 -16.64 12.67
C HIS A 311 -33.88 -18.15 12.85
N SER A 312 -33.02 -18.77 12.02
CA SER A 312 -32.53 -20.16 12.19
C SER A 312 -31.48 -20.21 13.30
N GLY A 313 -30.47 -19.35 13.20
CA GLY A 313 -29.30 -19.32 14.10
C GLY A 313 -28.05 -19.73 13.39
N SER A 314 -28.20 -20.39 12.24
CA SER A 314 -27.11 -20.96 11.40
C SER A 314 -26.07 -19.89 11.13
N ASP A 315 -26.51 -18.64 10.87
CA ASP A 315 -25.65 -17.54 10.35
C ASP A 315 -25.99 -16.25 11.09
N MET A 316 -24.97 -15.39 11.28
CA MET A 316 -25.10 -14.03 11.81
C MET A 316 -24.02 -13.16 11.18
N VAL A 317 -24.26 -11.84 11.13
CA VAL A 317 -23.40 -10.87 10.38
C VAL A 317 -23.25 -9.58 11.21
N GLN A 318 -22.00 -9.12 11.35
CA GLN A 318 -21.63 -7.80 11.92
C GLN A 318 -21.45 -6.79 10.78
N ALA A 319 -21.78 -5.54 11.04
CA ALA A 319 -21.50 -4.40 10.13
C ALA A 319 -21.68 -3.11 10.90
N GLU A 320 -20.76 -2.17 10.72
CA GLU A 320 -20.77 -0.86 11.40
C GLU A 320 -20.67 0.25 10.35
N ARG A 321 -21.49 1.28 10.49
CA ARG A 321 -21.33 2.58 9.82
C ARG A 321 -20.68 3.57 10.78
N SER A 322 -19.47 4.01 10.46
CA SER A 322 -18.68 5.00 11.25
C SER A 322 -18.67 6.34 10.52
N GLY A 323 -18.20 7.40 11.19
CA GLY A 323 -17.85 8.70 10.58
C GLY A 323 -18.97 9.72 10.74
N ILE A 324 -20.19 9.24 11.01
CA ILE A 324 -21.41 10.10 11.24
C ILE A 324 -21.02 11.28 12.12
N PRO A 325 -20.55 12.40 11.53
CA PRO A 325 -20.11 13.54 12.31
C PRO A 325 -21.30 14.32 12.88
N ILE A 326 -21.13 14.89 14.06
CA ILE A 326 -22.15 15.73 14.73
C ILE A 326 -21.78 17.19 14.51
N VAL A 327 -22.70 17.98 13.93
CA VAL A 327 -22.39 19.26 13.22
C VAL A 327 -23.51 20.25 13.46
N THR A 328 -23.17 21.55 13.39
CA THR A 328 -24.07 22.71 13.61
C THR A 328 -24.86 23.00 12.33
N SER A 329 -24.28 22.66 11.17
CA SER A 329 -24.70 23.14 9.83
C SER A 329 -24.50 22.02 8.81
N PRO A 330 -25.56 21.65 8.05
CA PRO A 330 -25.50 20.51 7.13
C PRO A 330 -24.38 20.58 6.07
N TYR A 331 -23.56 21.65 6.09
CA TYR A 331 -22.72 22.08 4.92
C TYR A 331 -21.35 22.57 5.39
N GLN A 332 -20.36 22.54 4.47
CA GLN A 332 -18.97 23.05 4.67
C GLN A 332 -18.52 23.79 3.41
N ILE A 333 -17.96 24.99 3.56
CA ILE A 333 -17.52 25.85 2.42
C ILE A 333 -15.99 25.93 2.43
N HIS A 334 -15.36 25.41 1.38
CA HIS A 334 -13.88 25.36 1.22
C HIS A 334 -13.46 26.20 0.02
N PHE A 335 -12.58 27.17 0.24
CA PHE A 335 -11.93 27.97 -0.81
C PHE A 335 -10.63 27.28 -1.28
N THR A 336 -10.62 25.94 -1.33
CA THR A 336 -9.40 25.13 -1.65
C THR A 336 -9.16 25.16 -3.17
N LYS A 337 -10.20 25.53 -3.95
CA LYS A 337 -10.19 25.52 -5.44
C LYS A 337 -10.04 26.97 -5.96
N THR A 338 -10.04 27.93 -5.06
CA THR A 338 -10.22 29.38 -5.35
C THR A 338 -8.86 30.07 -5.35
N PRO A 339 -8.48 30.80 -6.42
CA PRO A 339 -7.25 31.57 -6.41
C PRO A 339 -7.20 32.49 -5.18
N LYS A 340 -6.02 32.62 -4.55
CA LYS A 340 -5.81 33.53 -3.38
C LYS A 340 -4.97 34.72 -3.83
N TYR A 341 -5.26 35.25 -5.01
CA TYR A 341 -4.72 36.53 -5.53
C TYR A 341 -5.75 37.17 -6.46
N PHE A 342 -6.07 38.42 -6.19
CA PHE A 342 -6.99 39.23 -7.00
C PHE A 342 -6.18 40.24 -7.81
N LYS A 343 -6.81 40.82 -8.84
CA LYS A 343 -6.22 41.86 -9.73
C LYS A 343 -6.96 43.18 -9.48
N PRO A 344 -6.27 44.21 -8.93
CA PRO A 344 -6.92 45.47 -8.58
C PRO A 344 -7.85 45.99 -9.67
N GLY A 345 -9.13 46.21 -9.32
CA GLY A 345 -10.18 46.70 -10.24
C GLY A 345 -10.89 45.55 -10.91
N MET A 346 -10.16 44.73 -11.67
CA MET A 346 -10.71 43.59 -12.44
C MET A 346 -11.62 42.76 -11.54
N PRO A 347 -12.63 42.07 -12.11
CA PRO A 347 -13.50 41.23 -11.32
C PRO A 347 -12.73 40.08 -10.69
N PHE A 348 -13.13 39.69 -9.47
CA PHE A 348 -12.56 38.54 -8.72
C PHE A 348 -13.57 37.40 -8.70
N ASP A 349 -13.19 36.26 -9.29
CA ASP A 349 -13.97 35.00 -9.27
C ASP A 349 -13.54 34.15 -8.06
N LEU A 350 -14.51 33.73 -7.25
CA LEU A 350 -14.34 32.68 -6.22
C LEU A 350 -14.91 31.37 -6.77
N MET A 351 -14.15 30.26 -6.63
CA MET A 351 -14.67 28.88 -6.80
C MET A 351 -15.03 28.31 -5.43
N VAL A 352 -16.18 28.72 -4.91
CA VAL A 352 -16.78 28.15 -3.68
C VAL A 352 -16.93 26.66 -3.88
N PHE A 353 -16.54 25.87 -2.86
CA PHE A 353 -16.69 24.38 -2.81
C PHE A 353 -17.45 24.00 -1.54
N VAL A 354 -18.65 23.49 -1.68
CA VAL A 354 -19.51 23.07 -0.55
C VAL A 354 -19.57 21.56 -0.51
N THR A 355 -19.31 20.98 0.67
CA THR A 355 -19.37 19.53 0.97
C THR A 355 -20.42 19.28 2.02
N ASN A 356 -20.98 18.09 2.05
CA ASN A 356 -21.68 17.52 3.23
C ASN A 356 -20.66 17.26 4.33
N PRO A 357 -21.11 17.05 5.59
CA PRO A 357 -20.19 16.71 6.66
C PRO A 357 -19.28 15.54 6.28
N ASP A 358 -19.84 14.56 5.58
CA ASP A 358 -19.14 13.34 5.09
C ASP A 358 -18.28 13.69 3.86
N GLY A 359 -17.98 14.98 3.68
CA GLY A 359 -17.02 15.48 2.68
C GLY A 359 -17.44 15.14 1.24
N SER A 360 -18.68 14.68 1.06
CA SER A 360 -19.35 14.55 -0.27
C SER A 360 -19.78 15.92 -0.76
N PRO A 361 -19.76 16.18 -2.11
CA PRO A 361 -20.11 17.48 -2.65
C PRO A 361 -21.62 17.73 -2.65
N ALA A 362 -22.05 18.91 -2.24
CA ALA A 362 -23.46 19.34 -2.16
C ALA A 362 -23.94 19.81 -3.54
N TYR A 363 -25.16 19.44 -3.93
CA TYR A 363 -25.82 19.88 -5.18
C TYR A 363 -26.94 20.86 -4.85
N ARG A 364 -27.12 21.89 -5.71
CA ARG A 364 -28.21 22.90 -5.63
C ARG A 364 -28.19 23.56 -4.26
N VAL A 365 -27.05 24.09 -3.85
CA VAL A 365 -26.87 24.82 -2.56
C VAL A 365 -26.62 26.29 -2.88
N PRO A 366 -27.62 27.17 -2.66
CA PRO A 366 -27.42 28.59 -2.83
C PRO A 366 -26.31 29.12 -1.91
N VAL A 367 -25.19 29.55 -2.49
CA VAL A 367 -24.05 30.18 -1.77
C VAL A 367 -23.85 31.59 -2.28
N ALA A 368 -23.40 32.49 -1.41
CA ALA A 368 -23.39 33.96 -1.64
C ALA A 368 -22.33 34.60 -0.76
N VAL A 369 -21.79 35.74 -1.20
CA VAL A 369 -20.94 36.63 -0.37
C VAL A 369 -21.75 37.08 0.85
N GLN A 370 -21.09 37.29 1.97
CA GLN A 370 -21.75 37.61 3.25
C GLN A 370 -22.41 38.98 3.13
N GLY A 371 -23.60 39.12 3.71
CA GLY A 371 -24.43 40.31 3.61
C GLY A 371 -25.85 39.97 3.21
N GLU A 372 -26.60 40.96 2.72
CA GLU A 372 -28.07 40.94 2.62
C GLU A 372 -28.47 40.46 1.21
N ASP A 373 -28.65 41.41 0.28
CA ASP A 373 -29.08 41.13 -1.12
C ASP A 373 -27.84 41.00 -2.00
N THR A 374 -26.98 40.02 -1.68
CA THR A 374 -25.70 39.75 -2.36
C THR A 374 -25.92 38.80 -3.54
N VAL A 375 -25.05 38.86 -4.57
CA VAL A 375 -25.00 37.84 -5.68
C VAL A 375 -25.02 36.45 -5.05
N GLN A 376 -25.90 35.57 -5.55
CA GLN A 376 -26.15 34.23 -4.97
C GLN A 376 -26.11 33.19 -6.09
N SER A 377 -25.07 32.35 -6.11
CA SER A 377 -24.87 31.27 -7.10
C SER A 377 -25.20 29.90 -6.47
N LEU A 378 -25.55 28.92 -7.30
CA LEU A 378 -25.91 27.54 -6.88
C LEU A 378 -24.76 26.60 -7.21
N THR A 379 -24.49 25.62 -6.33
CA THR A 379 -23.41 24.60 -6.50
C THR A 379 -23.80 23.62 -7.59
N GLN A 380 -22.89 23.36 -8.53
CA GLN A 380 -23.00 22.30 -9.56
C GLN A 380 -23.14 20.93 -8.89
N GLY A 381 -23.09 19.86 -9.68
CA GLY A 381 -22.82 18.48 -9.22
C GLY A 381 -21.43 18.39 -8.57
N ASP A 382 -20.50 19.24 -9.00
CA ASP A 382 -19.09 19.28 -8.50
C ASP A 382 -19.09 19.64 -7.01
N GLY A 383 -20.25 20.08 -6.50
CA GLY A 383 -20.34 20.86 -5.24
C GLY A 383 -19.53 22.14 -5.34
N VAL A 384 -19.15 22.52 -6.56
CA VAL A 384 -18.64 23.87 -6.91
C VAL A 384 -19.81 24.72 -7.39
N ALA A 385 -20.01 25.87 -6.77
CA ALA A 385 -20.55 27.09 -7.39
C ALA A 385 -19.41 28.02 -7.74
N LYS A 386 -19.64 28.92 -8.69
CA LYS A 386 -18.82 30.14 -8.91
C LYS A 386 -19.52 31.33 -8.27
N LEU A 387 -18.82 32.46 -8.17
CA LEU A 387 -19.31 33.70 -7.55
C LEU A 387 -18.33 34.84 -7.87
N SER A 388 -18.70 35.72 -8.79
CA SER A 388 -17.86 36.83 -9.27
C SER A 388 -18.23 38.12 -8.52
N ILE A 389 -17.21 38.85 -8.05
CA ILE A 389 -17.35 40.05 -7.17
C ILE A 389 -16.42 41.15 -7.71
N ASN A 390 -16.91 42.37 -7.80
CA ASN A 390 -16.16 43.50 -8.36
C ASN A 390 -15.16 43.99 -7.33
N THR A 391 -13.99 44.39 -7.80
CA THR A 391 -12.82 44.79 -6.99
C THR A 391 -12.64 46.31 -7.10
N HIS A 392 -11.92 46.90 -6.14
CA HIS A 392 -11.48 48.32 -6.18
C HIS A 392 -10.05 48.40 -6.68
N PRO A 393 -9.56 49.60 -7.05
CA PRO A 393 -8.24 49.73 -7.65
C PRO A 393 -7.08 49.69 -6.62
N SER A 394 -7.43 49.67 -5.33
CA SER A 394 -6.49 49.74 -4.18
C SER A 394 -5.67 48.45 -4.09
N GLN A 395 -4.42 48.55 -3.62
CA GLN A 395 -3.49 47.40 -3.41
C GLN A 395 -3.65 46.89 -1.97
N LYS A 396 -4.86 47.03 -1.40
CA LYS A 396 -5.20 46.58 -0.02
C LYS A 396 -5.54 45.10 -0.03
N PRO A 397 -5.23 44.35 1.05
CA PRO A 397 -5.75 43.00 1.22
C PRO A 397 -7.28 42.91 1.13
N LEU A 398 -7.80 41.77 0.64
CA LEU A 398 -9.24 41.54 0.36
C LEU A 398 -9.76 40.38 1.23
N SER A 399 -10.61 40.69 2.21
CA SER A 399 -11.26 39.69 3.12
C SER A 399 -12.72 39.46 2.69
N ILE A 400 -12.99 38.31 2.06
CA ILE A 400 -14.33 37.87 1.54
C ILE A 400 -14.87 36.74 2.43
N THR A 401 -16.08 36.90 2.96
CA THR A 401 -16.86 35.84 3.64
C THR A 401 -17.98 35.35 2.70
N VAL A 402 -18.14 34.02 2.60
CA VAL A 402 -19.24 33.36 1.83
C VAL A 402 -20.18 32.69 2.82
N ARG A 403 -21.39 32.36 2.38
CA ARG A 403 -22.43 31.71 3.19
C ARG A 403 -23.26 30.80 2.30
N THR A 404 -23.97 29.85 2.92
CA THR A 404 -25.07 29.10 2.31
C THR A 404 -26.37 29.90 2.48
N LYS A 405 -27.22 29.91 1.46
CA LYS A 405 -28.45 30.73 1.38
C LYS A 405 -29.67 29.81 1.18
N LYS A 406 -29.50 28.52 1.44
CA LYS A 406 -30.58 27.51 1.41
C LYS A 406 -31.78 28.05 2.19
N GLN A 407 -32.98 27.90 1.64
CA GLN A 407 -34.20 28.59 2.12
C GLN A 407 -34.72 27.88 3.38
N GLU A 408 -34.54 26.56 3.46
CA GLU A 408 -35.11 25.69 4.54
C GLU A 408 -34.33 25.92 5.84
N LEU A 409 -33.00 26.07 5.74
CA LEU A 409 -32.07 26.21 6.89
C LEU A 409 -32.28 27.56 7.58
N SER A 410 -32.37 27.56 8.91
CA SER A 410 -32.22 28.77 9.77
C SER A 410 -30.87 29.42 9.50
N GLU A 411 -30.70 30.67 9.92
CA GLU A 411 -29.51 31.49 9.59
C GLU A 411 -28.35 31.07 10.48
N ALA A 412 -28.65 30.59 11.70
CA ALA A 412 -27.69 29.90 12.59
C ALA A 412 -27.20 28.63 11.91
N GLU A 413 -28.06 27.97 11.13
CA GLU A 413 -27.82 26.63 10.53
C GLU A 413 -26.96 26.76 9.28
N GLN A 414 -26.81 27.97 8.76
CA GLN A 414 -26.07 28.24 7.51
C GLN A 414 -24.57 28.25 7.81
N ALA A 415 -23.82 27.41 7.12
CA ALA A 415 -22.35 27.32 7.20
C ALA A 415 -21.73 28.59 6.62
N THR A 416 -20.54 28.95 7.08
CA THR A 416 -19.75 30.10 6.60
C THR A 416 -18.30 29.68 6.41
N ARG A 417 -17.52 30.49 5.72
CA ARG A 417 -16.05 30.41 5.63
C ARG A 417 -15.52 31.73 5.07
N THR A 418 -14.46 32.26 5.68
CA THR A 418 -13.81 33.53 5.30
C THR A 418 -12.46 33.24 4.68
N MET A 419 -12.05 34.04 3.71
CA MET A 419 -10.77 33.88 2.99
C MET A 419 -10.25 35.26 2.59
N GLN A 420 -9.08 35.30 2.00
CA GLN A 420 -8.21 36.51 1.90
C GLN A 420 -7.30 36.37 0.70
N ALA A 421 -7.60 37.10 -0.37
CA ALA A 421 -6.74 37.24 -1.57
C ALA A 421 -5.82 38.45 -1.40
N LEU A 422 -4.59 38.33 -1.86
CA LEU A 422 -3.60 39.42 -1.91
C LEU A 422 -3.57 40.01 -3.31
N PRO A 423 -3.26 41.32 -3.45
CA PRO A 423 -3.11 41.93 -4.76
C PRO A 423 -1.90 41.35 -5.53
N TYR A 424 -2.17 40.74 -6.70
CA TYR A 424 -1.19 40.56 -7.79
C TYR A 424 -0.27 41.79 -7.85
N SER A 425 1.00 41.60 -7.51
CA SER A 425 2.06 42.61 -7.63
C SER A 425 2.43 42.80 -9.11
N THR A 426 2.87 44.00 -9.47
CA THR A 426 2.89 44.50 -10.86
C THR A 426 4.19 45.28 -11.10
N VAL A 427 4.77 45.14 -12.29
CA VAL A 427 6.13 45.67 -12.66
C VAL A 427 6.07 47.21 -12.67
N GLY A 428 6.99 47.85 -11.94
CA GLY A 428 7.09 49.31 -11.83
C GLY A 428 5.79 49.92 -11.33
N ASN A 429 4.95 49.13 -10.66
CA ASN A 429 3.53 49.42 -10.39
C ASN A 429 2.89 49.98 -11.67
N SER A 430 3.11 49.31 -12.80
CA SER A 430 2.51 49.64 -14.12
C SER A 430 0.98 49.66 -13.99
N ASN A 431 0.45 48.89 -13.05
CA ASN A 431 -1.00 48.65 -12.89
C ASN A 431 -1.58 48.26 -14.27
N ASN A 432 -0.77 47.56 -15.10
CA ASN A 432 -1.23 46.55 -16.10
C ASN A 432 -1.50 45.23 -15.40
N TYR A 433 -2.66 44.63 -15.63
CA TYR A 433 -3.05 43.30 -15.12
C TYR A 433 -3.52 42.44 -16.29
N LEU A 434 -3.71 41.15 -16.03
CA LEU A 434 -4.43 40.21 -16.91
C LEU A 434 -5.29 39.29 -16.05
N HIS A 435 -6.52 39.04 -16.46
CA HIS A 435 -7.44 38.10 -15.80
C HIS A 435 -7.91 37.06 -16.80
N LEU A 436 -8.37 35.92 -16.30
CA LEU A 436 -8.90 34.79 -17.11
C LEU A 436 -10.18 34.28 -16.50
N SER A 437 -11.31 34.58 -17.10
CA SER A 437 -12.66 34.14 -16.66
C SER A 437 -13.10 32.92 -17.47
N VAL A 438 -13.83 32.01 -16.83
CA VAL A 438 -14.35 30.76 -17.44
C VAL A 438 -15.61 30.34 -16.69
N LEU A 439 -16.61 29.83 -17.42
CA LEU A 439 -17.86 29.28 -16.84
C LEU A 439 -17.55 27.94 -16.15
N ARG A 440 -17.91 27.82 -14.86
CA ARG A 440 -17.45 26.72 -13.95
C ARG A 440 -18.54 25.65 -13.85
N THR A 441 -19.22 25.38 -14.97
CA THR A 441 -20.03 24.15 -15.21
C THR A 441 -19.15 22.91 -14.99
N GLU A 442 -19.67 21.73 -15.32
CA GLU A 442 -18.89 20.47 -15.44
C GLU A 442 -18.48 20.28 -16.90
N LEU A 443 -17.17 20.31 -17.18
CA LEU A 443 -16.60 20.08 -18.54
C LEU A 443 -16.56 18.58 -18.81
N ARG A 444 -17.17 18.14 -19.90
CA ARG A 444 -17.00 16.78 -20.48
C ARG A 444 -16.25 16.90 -21.81
N PRO A 445 -15.26 16.03 -22.08
CA PRO A 445 -14.48 16.10 -23.30
C PRO A 445 -15.35 15.90 -24.53
N GLY A 446 -14.99 16.54 -25.64
CA GLY A 446 -15.84 16.70 -26.83
C GLY A 446 -16.85 17.83 -26.65
N GLU A 447 -16.70 18.62 -25.58
CA GLU A 447 -17.33 19.96 -25.43
C GLU A 447 -16.26 21.04 -25.63
N THR A 448 -16.68 22.30 -25.69
CA THR A 448 -15.80 23.49 -25.89
C THR A 448 -15.92 24.41 -24.68
N LEU A 449 -14.79 24.82 -24.11
CA LEU A 449 -14.72 25.85 -23.05
C LEU A 449 -14.34 27.16 -23.67
N ASN A 450 -15.07 28.23 -23.32
CA ASN A 450 -14.76 29.62 -23.70
C ASN A 450 -14.01 30.29 -22.55
N VAL A 451 -12.79 30.72 -22.80
CA VAL A 451 -11.85 31.29 -21.79
C VAL A 451 -11.69 32.79 -22.06
N ASN A 452 -12.12 33.62 -21.11
CA ASN A 452 -12.29 35.09 -21.30
C ASN A 452 -11.04 35.82 -20.80
N PHE A 453 -10.10 36.09 -21.71
CA PHE A 453 -8.86 36.87 -21.42
C PHE A 453 -9.22 38.36 -21.28
N LEU A 454 -9.46 38.82 -20.04
CA LEU A 454 -9.70 40.26 -19.71
C LEU A 454 -8.35 40.97 -19.58
N LEU A 455 -8.20 42.12 -20.26
CA LEU A 455 -7.02 43.01 -20.12
C LEU A 455 -7.38 44.19 -19.22
N ARG A 456 -6.39 44.68 -18.47
CA ARG A 456 -6.54 45.84 -17.54
C ARG A 456 -5.19 46.60 -17.47
N MET A 457 -4.87 47.37 -18.51
CA MET A 457 -3.82 48.43 -18.50
C MET A 457 -4.45 49.76 -18.95
N ASP A 458 -3.70 50.86 -18.82
CA ASP A 458 -4.10 52.21 -19.31
C ASP A 458 -4.20 52.19 -20.86
N ARG A 459 -5.15 52.96 -21.42
CA ARG A 459 -5.47 52.97 -22.89
C ARG A 459 -4.21 53.25 -23.69
N ALA A 460 -3.24 53.95 -23.08
CA ALA A 460 -2.18 54.71 -23.77
C ALA A 460 -1.15 53.75 -24.41
N HIS A 461 -1.09 52.51 -23.90
CA HIS A 461 -0.07 51.51 -24.29
C HIS A 461 -0.76 50.25 -24.84
N GLU A 462 -2.11 50.26 -24.86
CA GLU A 462 -2.97 49.08 -25.10
C GLU A 462 -2.91 48.69 -26.59
N ALA A 463 -2.50 49.61 -27.46
CA ALA A 463 -2.30 49.39 -28.90
C ALA A 463 -1.33 48.23 -29.11
N LYS A 464 -0.27 48.16 -28.27
CA LYS A 464 0.91 47.26 -28.46
C LYS A 464 0.53 45.81 -28.13
N ILE A 465 -0.32 45.63 -27.12
CA ILE A 465 -0.90 44.33 -26.75
C ILE A 465 -1.65 43.76 -27.95
N ARG A 466 -1.00 42.90 -28.72
CA ARG A 466 -1.48 42.40 -30.02
C ARG A 466 -1.93 40.95 -29.88
N TYR A 467 -1.37 40.22 -28.91
CA TYR A 467 -1.69 38.79 -28.61
C TYR A 467 -1.48 38.48 -27.12
N TYR A 468 -2.08 37.40 -26.65
CA TYR A 468 -1.66 36.63 -25.47
C TYR A 468 -1.03 35.31 -25.92
N THR A 469 -0.05 34.80 -25.15
CA THR A 469 0.42 33.40 -25.20
C THR A 469 -0.27 32.59 -24.09
N TYR A 470 -1.02 31.55 -24.47
CA TYR A 470 -1.79 30.69 -23.55
C TYR A 470 -1.21 29.29 -23.57
N LEU A 471 -0.97 28.72 -22.38
CA LEU A 471 -0.38 27.37 -22.20
C LEU A 471 -1.30 26.54 -21.33
N ILE A 472 -1.53 25.29 -21.72
CA ILE A 472 -2.44 24.35 -21.02
C ILE A 472 -1.60 23.24 -20.39
N MET A 473 -1.53 23.22 -19.05
CA MET A 473 -0.89 22.15 -18.25
C MET A 473 -1.90 21.03 -18.01
N ASN A 474 -1.46 19.76 -18.12
CA ASN A 474 -2.26 18.54 -17.82
C ASN A 474 -1.32 17.41 -17.41
N LYS A 475 -1.63 16.74 -16.30
CA LYS A 475 -0.82 15.64 -15.72
C LYS A 475 0.63 16.10 -15.59
N GLY A 476 0.84 17.33 -15.13
CA GLY A 476 2.16 17.91 -14.81
C GLY A 476 3.04 18.03 -16.04
N ARG A 477 2.44 18.25 -17.19
CA ARG A 477 3.12 18.27 -18.49
C ARG A 477 2.36 19.22 -19.41
N LEU A 478 3.09 19.95 -20.27
CA LEU A 478 2.52 20.89 -21.28
C LEU A 478 1.71 20.11 -22.31
N LEU A 479 0.39 19.98 -22.07
CA LEU A 479 -0.58 19.27 -22.95
C LEU A 479 -0.53 19.87 -24.34
N LYS A 480 -0.79 21.18 -24.43
CA LYS A 480 -0.57 22.01 -25.65
C LYS A 480 -0.58 23.50 -25.25
N ALA A 481 -0.21 24.38 -26.19
CA ALA A 481 -0.22 25.85 -26.04
C ALA A 481 -0.32 26.50 -27.42
N GLY A 482 -0.52 27.82 -27.45
CA GLY A 482 -0.62 28.62 -28.69
C GLY A 482 -0.86 30.08 -28.38
N ARG A 483 -1.32 30.84 -29.39
CA ARG A 483 -1.56 32.31 -29.31
C ARG A 483 -3.07 32.59 -29.28
N GLN A 484 -3.45 33.70 -28.68
CA GLN A 484 -4.83 34.25 -28.75
C GLN A 484 -4.76 35.70 -29.22
N VAL A 485 -5.04 35.95 -30.49
CA VAL A 485 -4.85 37.26 -31.15
C VAL A 485 -5.84 38.26 -30.54
N ARG A 486 -5.50 39.54 -30.61
CA ARG A 486 -6.30 40.67 -30.07
C ARG A 486 -5.98 41.94 -30.87
N GLU A 487 -6.98 42.49 -31.58
CA GLU A 487 -6.87 43.76 -32.35
C GLU A 487 -7.19 44.94 -31.42
N PRO A 488 -6.54 46.11 -31.61
CA PRO A 488 -6.65 47.21 -30.65
C PRO A 488 -8.09 47.56 -30.26
N GLY A 489 -8.30 47.94 -29.00
CA GLY A 489 -9.62 48.27 -28.44
C GLY A 489 -10.42 47.01 -28.11
N GLN A 490 -9.79 45.82 -28.21
CA GLN A 490 -10.40 44.49 -27.86
C GLN A 490 -10.03 44.13 -26.41
N ASP A 491 -10.80 44.64 -25.46
CA ASP A 491 -10.48 44.61 -24.02
C ASP A 491 -10.76 43.20 -23.48
N LEU A 492 -11.75 42.52 -24.04
CA LEU A 492 -11.96 41.06 -23.85
C LEU A 492 -11.93 40.36 -25.19
N VAL A 493 -11.05 39.37 -25.33
CA VAL A 493 -11.10 38.35 -26.42
C VAL A 493 -11.41 36.97 -25.80
N VAL A 494 -12.16 36.13 -26.52
CA VAL A 494 -12.69 34.81 -26.05
C VAL A 494 -11.98 33.69 -26.82
N LEU A 495 -11.48 32.68 -26.10
CA LEU A 495 -10.82 31.48 -26.68
C LEU A 495 -11.81 30.31 -26.71
N PRO A 496 -12.08 29.74 -27.90
CA PRO A 496 -12.85 28.53 -27.99
C PRO A 496 -11.96 27.31 -27.78
N LEU A 497 -11.95 26.79 -26.57
CA LEU A 497 -11.13 25.62 -26.17
C LEU A 497 -11.94 24.35 -26.37
N SER A 498 -11.50 23.51 -27.31
CA SER A 498 -11.99 22.12 -27.52
C SER A 498 -11.31 21.19 -26.51
N ILE A 499 -12.09 20.66 -25.54
CA ILE A 499 -11.65 19.62 -24.57
C ILE A 499 -11.59 18.26 -25.30
N THR A 500 -10.46 17.55 -25.18
CA THR A 500 -10.29 16.15 -25.66
C THR A 500 -10.23 15.19 -24.46
N THR A 501 -10.35 13.90 -24.72
CA THR A 501 -10.07 12.81 -23.77
C THR A 501 -8.57 12.78 -23.44
N ASP A 502 -7.98 13.96 -23.20
CA ASP A 502 -6.55 14.10 -22.80
C ASP A 502 -6.44 15.17 -21.72
N PHE A 503 -7.53 15.87 -21.46
CA PHE A 503 -7.61 17.01 -20.50
C PHE A 503 -7.97 16.46 -19.11
N ILE A 504 -8.38 15.19 -19.05
CA ILE A 504 -8.76 14.47 -17.79
C ILE A 504 -7.51 14.26 -16.96
N PRO A 505 -7.53 14.54 -15.63
CA PRO A 505 -8.78 14.75 -14.88
C PRO A 505 -9.12 16.22 -14.70
N SER A 506 -8.20 17.07 -15.16
CA SER A 506 -8.26 18.55 -15.05
C SER A 506 -7.15 19.13 -15.94
N PHE A 507 -7.04 20.44 -15.98
CA PHE A 507 -5.92 21.16 -16.62
C PHE A 507 -5.81 22.55 -16.06
N ARG A 508 -4.61 23.08 -16.04
CA ARG A 508 -4.34 24.51 -15.81
C ARG A 508 -4.13 25.20 -17.15
N LEU A 509 -4.65 26.43 -17.27
CA LEU A 509 -4.34 27.39 -18.35
C LEU A 509 -3.65 28.62 -17.75
N VAL A 510 -2.42 28.90 -18.18
CA VAL A 510 -1.69 30.14 -17.81
C VAL A 510 -1.39 30.92 -19.09
N ALA A 511 -1.71 32.21 -19.08
CA ALA A 511 -1.56 33.16 -20.22
C ALA A 511 -0.63 34.30 -19.82
N TYR A 512 0.02 34.94 -20.79
CA TYR A 512 0.90 36.12 -20.59
C TYR A 512 0.99 36.91 -21.91
N TYR A 513 0.63 38.20 -21.85
CA TYR A 513 1.03 39.27 -22.82
C TYR A 513 2.24 40.01 -22.28
N THR A 514 3.15 40.42 -23.15
CA THR A 514 4.36 41.19 -22.79
C THR A 514 4.46 42.44 -23.67
N LEU A 515 5.06 43.49 -23.12
CA LEU A 515 5.27 44.80 -23.80
C LEU A 515 6.49 45.49 -23.19
N ILE A 516 7.15 46.34 -23.97
CA ILE A 516 8.27 47.19 -23.49
C ILE A 516 7.71 48.55 -23.08
N GLY A 517 6.80 48.55 -22.10
CA GLY A 517 5.95 49.71 -21.75
C GLY A 517 6.52 50.49 -20.57
N ALA A 518 5.79 51.53 -20.13
CA ALA A 518 6.13 52.42 -19.00
C ALA A 518 7.59 52.90 -19.16
N SER A 519 8.49 52.44 -18.28
CA SER A 519 9.85 52.98 -18.06
C SER A 519 10.85 52.26 -18.97
N GLY A 520 10.60 52.27 -20.28
CA GLY A 520 11.52 51.74 -21.33
C GLY A 520 12.09 50.37 -20.94
N GLN A 521 11.44 49.68 -20.00
CA GLN A 521 11.81 48.30 -19.56
C GLN A 521 10.72 47.32 -20.02
N ARG A 522 11.14 46.14 -20.47
CA ARG A 522 10.23 45.01 -20.79
C ARG A 522 9.42 44.64 -19.55
N GLU A 523 8.14 44.34 -19.73
CA GLU A 523 7.23 43.88 -18.66
C GLU A 523 6.48 42.65 -19.16
N VAL A 524 6.42 41.60 -18.33
CA VAL A 524 5.57 40.40 -18.55
C VAL A 524 4.42 40.44 -17.55
N VAL A 525 3.20 40.42 -18.04
CA VAL A 525 1.98 40.17 -17.24
C VAL A 525 1.50 38.77 -17.54
N ALA A 526 0.93 38.09 -16.55
CA ALA A 526 0.51 36.68 -16.62
C ALA A 526 -0.63 36.41 -15.64
N ASP A 527 -1.28 35.26 -15.78
CA ASP A 527 -2.31 34.75 -14.85
C ASP A 527 -2.63 33.30 -15.22
N SER A 528 -2.85 32.46 -14.21
CA SER A 528 -3.24 31.04 -14.36
C SER A 528 -4.70 30.86 -13.94
N VAL A 529 -5.34 29.84 -14.48
CA VAL A 529 -6.65 29.32 -14.00
C VAL A 529 -6.58 27.79 -14.03
N TRP A 530 -7.06 27.14 -12.98
CA TRP A 530 -7.27 25.67 -12.92
C TRP A 530 -8.68 25.35 -13.41
N VAL A 531 -8.82 24.29 -14.19
CA VAL A 531 -10.12 23.88 -14.81
C VAL A 531 -10.32 22.39 -14.59
N ASP A 532 -11.09 22.03 -13.58
CA ASP A 532 -11.55 20.63 -13.32
C ASP A 532 -12.36 20.15 -14.53
N VAL A 533 -11.94 19.03 -15.14
CA VAL A 533 -12.71 18.30 -16.20
C VAL A 533 -13.52 17.18 -15.52
N LYS A 534 -14.62 16.75 -16.15
CA LYS A 534 -15.49 15.65 -15.66
C LYS A 534 -14.71 14.35 -15.69
N ASP A 535 -14.37 13.82 -14.50
CA ASP A 535 -13.42 12.68 -14.30
C ASP A 535 -14.10 11.40 -14.81
N SER A 536 -13.29 10.47 -15.34
CA SER A 536 -13.75 9.27 -16.10
C SER A 536 -12.58 8.73 -16.92
N CYS A 537 -12.78 7.58 -17.57
CA CYS A 537 -11.73 6.86 -18.34
C CYS A 537 -11.39 7.64 -19.61
N VAL A 538 -10.10 7.81 -19.89
CA VAL A 538 -9.57 8.31 -21.20
C VAL A 538 -10.34 7.64 -22.32
N GLY A 539 -10.18 6.32 -22.44
CA GLY A 539 -11.04 5.44 -23.24
C GLY A 539 -12.25 4.99 -22.46
N SER A 540 -12.86 3.89 -22.87
CA SER A 540 -13.97 3.21 -22.15
C SER A 540 -13.69 1.71 -22.07
N LEU A 541 -14.16 1.07 -21.00
CA LEU A 541 -14.33 -0.39 -20.91
C LEU A 541 -15.60 -0.70 -20.14
N VAL A 542 -16.34 -1.68 -20.60
CA VAL A 542 -17.55 -2.18 -19.95
C VAL A 542 -17.48 -3.69 -19.88
N VAL A 543 -18.24 -4.28 -18.98
CA VAL A 543 -18.51 -5.74 -18.92
C VAL A 543 -20.00 -5.92 -18.68
N LYS A 544 -20.65 -6.79 -19.45
CA LYS A 544 -22.11 -7.03 -19.37
C LYS A 544 -22.45 -8.39 -19.99
N SER A 545 -23.68 -8.84 -19.81
CA SER A 545 -24.17 -10.18 -20.17
C SER A 545 -24.34 -10.28 -21.68
N GLY A 546 -23.35 -10.84 -22.37
CA GLY A 546 -23.50 -11.43 -23.72
C GLY A 546 -24.77 -12.27 -23.80
N GLN A 547 -25.01 -13.12 -22.78
CA GLN A 547 -26.26 -13.92 -22.62
C GLN A 547 -27.45 -12.96 -22.52
N SER A 548 -28.46 -13.16 -23.36
CA SER A 548 -29.68 -12.32 -23.44
C SER A 548 -30.66 -12.72 -22.34
N GLU A 549 -30.96 -11.80 -21.41
CA GLU A 549 -32.13 -11.86 -20.49
C GLU A 549 -31.98 -13.08 -19.57
N ASP A 550 -32.27 -14.29 -20.11
CA ASP A 550 -32.56 -15.53 -19.33
C ASP A 550 -33.46 -15.17 -18.15
N ARG A 551 -33.28 -15.86 -17.01
CA ARG A 551 -33.40 -15.29 -15.66
C ARG A 551 -32.03 -15.38 -14.96
N GLN A 552 -32.00 -15.85 -13.72
CA GLN A 552 -30.77 -16.03 -12.93
C GLN A 552 -29.99 -17.21 -13.50
N PRO A 553 -28.76 -16.98 -14.03
CA PRO A 553 -27.87 -18.08 -14.39
C PRO A 553 -27.79 -19.11 -13.26
N VAL A 554 -28.08 -20.37 -13.55
CA VAL A 554 -28.10 -21.49 -12.58
C VAL A 554 -26.67 -21.99 -12.40
N PRO A 555 -26.30 -22.47 -11.19
CA PRO A 555 -24.94 -22.91 -10.91
C PRO A 555 -24.29 -23.67 -12.09
N GLY A 556 -22.96 -23.65 -12.16
CA GLY A 556 -22.15 -24.54 -13.01
C GLY A 556 -22.43 -24.32 -14.51
N GLN A 557 -23.44 -23.51 -14.83
CA GLN A 557 -23.90 -23.24 -16.21
C GLN A 557 -22.91 -22.30 -16.91
N GLN A 558 -22.90 -22.33 -18.24
CA GLN A 558 -22.13 -21.39 -19.08
C GLN A 558 -22.99 -20.15 -19.37
N MET A 559 -22.37 -18.98 -19.34
CA MET A 559 -22.87 -17.74 -19.99
C MET A 559 -21.73 -17.07 -20.75
N THR A 560 -22.04 -16.00 -21.47
CA THR A 560 -21.08 -15.20 -22.27
C THR A 560 -20.97 -13.81 -21.66
N LEU A 561 -19.85 -13.13 -21.90
CA LEU A 561 -19.51 -11.81 -21.32
C LEU A 561 -19.06 -10.88 -22.44
N LYS A 562 -19.78 -9.78 -22.67
CA LYS A 562 -19.41 -8.71 -23.63
C LYS A 562 -18.41 -7.78 -22.95
N ILE A 563 -17.25 -7.59 -23.59
CA ILE A 563 -16.11 -6.80 -23.05
C ILE A 563 -15.79 -5.67 -24.06
N GLU A 564 -16.60 -4.61 -24.02
CA GLU A 564 -16.56 -3.49 -25.00
C GLU A 564 -15.48 -2.49 -24.56
N GLY A 565 -14.29 -2.60 -25.14
CA GLY A 565 -13.08 -1.87 -24.70
C GLY A 565 -12.31 -1.28 -25.87
N ASP A 566 -11.28 -0.50 -25.57
CA ASP A 566 -10.48 0.25 -26.57
C ASP A 566 -9.67 -0.74 -27.41
N HIS A 567 -9.84 -0.71 -28.73
CA HIS A 567 -9.21 -1.69 -29.69
C HIS A 567 -7.72 -1.81 -29.39
N GLY A 568 -7.19 -3.04 -29.40
CA GLY A 568 -5.76 -3.35 -29.25
C GLY A 568 -5.27 -3.09 -27.84
N ALA A 569 -6.05 -3.49 -26.84
CA ALA A 569 -5.75 -3.31 -25.41
C ALA A 569 -5.88 -4.64 -24.69
N ARG A 570 -5.05 -4.84 -23.67
CA ARG A 570 -5.06 -6.05 -22.82
C ARG A 570 -6.00 -5.82 -21.64
N VAL A 571 -7.12 -6.53 -21.62
CA VAL A 571 -8.10 -6.52 -20.50
C VAL A 571 -7.73 -7.64 -19.54
N VAL A 572 -7.87 -7.40 -18.24
CA VAL A 572 -7.62 -8.39 -17.14
C VAL A 572 -8.84 -8.41 -16.22
N LEU A 573 -9.27 -9.61 -15.80
CA LEU A 573 -10.54 -9.83 -15.09
C LEU A 573 -10.26 -10.44 -13.71
N VAL A 574 -11.26 -10.41 -12.83
CA VAL A 574 -11.35 -11.27 -11.63
C VAL A 574 -12.78 -11.21 -11.07
N ALA A 575 -13.41 -12.36 -10.94
CA ALA A 575 -14.69 -12.52 -10.21
C ALA A 575 -14.40 -12.67 -8.73
N VAL A 576 -15.22 -12.05 -7.89
CA VAL A 576 -15.10 -12.12 -6.39
C VAL A 576 -16.49 -12.28 -5.80
N ASP A 577 -16.76 -13.40 -5.15
CA ASP A 577 -18.01 -13.66 -4.39
C ASP A 577 -18.19 -12.53 -3.37
N LYS A 578 -19.33 -11.83 -3.45
CA LYS A 578 -19.58 -10.51 -2.77
C LYS A 578 -19.57 -10.72 -1.25
N GLY A 579 -19.74 -11.98 -0.81
CA GLY A 579 -19.31 -12.45 0.51
C GLY A 579 -18.07 -11.70 0.99
N VAL A 580 -16.97 -11.80 0.23
CA VAL A 580 -15.64 -11.24 0.60
C VAL A 580 -15.82 -9.80 1.07
N PHE A 581 -16.75 -9.06 0.44
CA PHE A 581 -16.86 -7.57 0.54
C PHE A 581 -17.79 -7.21 1.70
N VAL A 582 -18.42 -8.19 2.33
CA VAL A 582 -19.10 -8.05 3.65
C VAL A 582 -18.02 -8.05 4.74
N LEU A 583 -16.97 -8.86 4.57
CA LEU A 583 -15.87 -9.03 5.54
C LEU A 583 -14.95 -7.80 5.47
N ASN A 584 -14.64 -7.34 4.27
CA ASN A 584 -13.57 -6.35 4.00
C ASN A 584 -13.73 -5.85 2.57
N LYS A 585 -14.02 -4.54 2.40
CA LYS A 585 -14.31 -3.90 1.08
C LYS A 585 -13.39 -2.65 0.91
N LYS A 586 -12.18 -2.70 1.50
CA LYS A 586 -11.16 -1.62 1.40
C LYS A 586 -10.09 -2.05 0.39
N ASN A 587 -9.38 -1.07 -0.21
CA ASN A 587 -8.15 -1.28 -1.02
C ASN A 587 -8.53 -1.91 -2.37
N LYS A 588 -9.82 -1.88 -2.71
CA LYS A 588 -10.33 -2.13 -4.09
C LYS A 588 -9.82 -1.02 -5.01
N LEU A 589 -9.49 -1.36 -6.25
CA LEU A 589 -8.99 -0.41 -7.26
C LEU A 589 -10.17 0.19 -8.01
N THR A 590 -10.28 1.52 -8.00
CA THR A 590 -11.29 2.32 -8.72
C THR A 590 -10.59 3.42 -9.50
N GLN A 591 -10.81 3.50 -10.82
CA GLN A 591 -10.30 4.59 -11.70
C GLN A 591 -10.24 5.88 -10.88
N SER A 592 -11.20 6.07 -9.99
CA SER A 592 -11.35 7.30 -9.17
C SER A 592 -10.14 7.47 -8.25
N LYS A 593 -9.74 6.39 -7.55
CA LYS A 593 -8.52 6.33 -6.69
C LYS A 593 -7.29 6.72 -7.53
N ILE A 594 -7.22 6.24 -8.78
CA ILE A 594 -6.13 6.56 -9.74
C ILE A 594 -6.04 8.07 -9.92
N TRP A 595 -7.11 8.70 -10.41
CA TRP A 595 -7.16 10.16 -10.66
C TRP A 595 -6.68 10.91 -9.40
N ASP A 596 -7.21 10.55 -8.23
CA ASP A 596 -6.81 11.12 -6.90
C ASP A 596 -5.28 11.17 -6.82
N VAL A 597 -4.61 10.08 -7.25
CA VAL A 597 -3.12 9.94 -7.25
C VAL A 597 -2.51 11.07 -8.07
N VAL A 598 -3.01 11.26 -9.29
CA VAL A 598 -2.43 12.15 -10.33
C VAL A 598 -2.79 13.61 -10.00
N GLU A 599 -3.80 13.81 -9.15
CA GLU A 599 -4.18 15.14 -8.61
C GLU A 599 -3.20 15.54 -7.51
N LYS A 600 -2.58 14.56 -6.85
CA LYS A 600 -1.55 14.77 -5.81
C LYS A 600 -0.20 15.10 -6.49
N ALA A 601 0.12 14.40 -7.57
CA ALA A 601 1.42 14.46 -8.27
C ALA A 601 1.47 15.70 -9.17
N ASP A 602 0.63 16.70 -8.88
CA ASP A 602 0.53 17.97 -9.65
C ASP A 602 1.72 18.87 -9.27
N ILE A 603 2.59 19.17 -10.23
CA ILE A 603 3.69 20.17 -10.09
C ILE A 603 3.09 21.55 -9.82
N GLY A 604 1.83 21.75 -10.25
CA GLY A 604 1.02 22.94 -9.94
C GLY A 604 0.41 22.86 -8.56
N CYS A 605 0.50 23.94 -7.78
CA CYS A 605 0.26 23.96 -6.31
C CYS A 605 -0.64 25.13 -5.93
N THR A 606 -1.06 25.93 -6.93
CA THR A 606 -1.99 27.08 -6.77
C THR A 606 -3.22 26.87 -7.63
N PRO A 607 -4.42 27.12 -7.09
CA PRO A 607 -5.64 27.14 -7.90
C PRO A 607 -5.54 28.05 -9.13
N GLY A 608 -4.92 29.24 -8.96
CA GLY A 608 -4.82 30.27 -10.02
C GLY A 608 -3.84 31.38 -9.65
N SER A 609 -3.65 32.33 -10.56
CA SER A 609 -2.92 33.61 -10.34
C SER A 609 -1.62 33.35 -9.56
N GLY A 610 -1.24 34.29 -8.70
CA GLY A 610 0.10 34.34 -8.08
C GLY A 610 0.57 35.77 -7.89
N LYS A 611 1.52 35.99 -6.98
CA LYS A 611 1.92 37.33 -6.48
C LYS A 611 2.36 38.21 -7.66
N ASP A 612 3.40 37.79 -8.37
CA ASP A 612 3.99 38.53 -9.51
C ASP A 612 3.69 37.76 -10.80
N TYR A 613 4.28 38.18 -11.92
CA TYR A 613 4.32 37.43 -13.19
C TYR A 613 4.98 36.06 -12.94
N ALA A 614 6.19 36.07 -12.37
CA ALA A 614 7.00 34.87 -12.04
C ALA A 614 6.13 33.89 -11.24
N GLY A 615 5.42 34.40 -10.23
CA GLY A 615 4.75 33.60 -9.19
C GLY A 615 3.56 32.84 -9.74
N VAL A 616 3.14 33.16 -10.96
CA VAL A 616 2.04 32.46 -11.69
C VAL A 616 2.58 31.15 -12.25
N PHE A 617 3.77 31.19 -12.85
CA PHE A 617 4.33 30.11 -13.70
C PHE A 617 4.79 28.94 -12.80
N SER A 618 5.63 29.25 -11.82
CA SER A 618 6.05 28.31 -10.74
C SER A 618 4.80 27.67 -10.13
N ASP A 619 3.80 28.49 -9.81
CA ASP A 619 2.59 28.09 -9.04
C ASP A 619 1.63 27.30 -9.93
N ALA A 620 1.86 27.27 -11.24
CA ALA A 620 1.08 26.46 -12.20
C ALA A 620 1.98 25.36 -12.77
N GLY A 621 3.25 25.34 -12.34
CA GLY A 621 4.23 24.28 -12.66
C GLY A 621 4.93 24.54 -13.98
N LEU A 622 5.52 25.74 -14.13
CA LEU A 622 6.15 26.19 -15.38
C LEU A 622 7.34 27.11 -15.04
N THR A 623 8.43 26.99 -15.78
CA THR A 623 9.59 27.91 -15.74
C THR A 623 9.63 28.73 -17.01
N PHE A 624 9.00 29.90 -16.98
CA PHE A 624 9.27 31.01 -17.92
C PHE A 624 10.69 31.53 -17.67
N THR A 625 11.34 32.02 -18.71
CA THR A 625 12.72 32.56 -18.68
C THR A 625 13.07 33.14 -20.04
N SER A 626 13.48 34.41 -20.07
CA SER A 626 13.60 35.23 -21.29
C SER A 626 15.06 35.63 -21.51
N SER A 627 15.34 36.32 -22.63
CA SER A 627 16.67 36.86 -23.00
C SER A 627 16.78 38.34 -22.59
N SER A 628 16.04 38.74 -21.55
CA SER A 628 15.95 40.14 -21.07
C SER A 628 16.27 40.20 -19.56
N GLY A 629 16.61 39.04 -18.96
CA GLY A 629 17.00 38.91 -17.54
C GLY A 629 15.84 38.46 -16.66
N GLN A 630 14.69 38.12 -17.29
CA GLN A 630 13.35 38.04 -16.63
C GLN A 630 12.86 36.59 -16.65
N GLN A 631 12.81 35.94 -15.48
CA GLN A 631 12.65 34.47 -15.36
C GLN A 631 11.93 34.13 -14.05
N THR A 632 11.21 33.00 -14.05
CA THR A 632 10.62 32.35 -12.85
C THR A 632 11.73 32.11 -11.83
N ALA A 633 11.42 32.30 -10.54
CA ALA A 633 12.22 31.81 -9.39
C ALA A 633 12.52 30.32 -9.58
N GLN A 634 13.68 29.87 -9.10
CA GLN A 634 14.19 28.49 -9.31
C GLN A 634 13.40 27.53 -8.41
N ARG A 635 13.05 26.35 -8.95
CA ARG A 635 12.24 25.31 -8.26
C ARG A 635 13.18 24.23 -7.73
N ALA A 636 13.14 23.99 -6.42
CA ALA A 636 14.05 23.06 -5.70
C ALA A 636 13.25 21.87 -5.14
N GLU A 637 12.03 22.13 -4.64
CA GLU A 637 11.19 21.14 -3.91
C GLU A 637 10.37 20.33 -4.93
N LEU A 638 10.58 19.01 -4.97
CA LEU A 638 9.87 18.05 -5.87
C LEU A 638 8.39 17.92 -5.43
N GLN A 639 8.11 18.28 -4.19
CA GLN A 639 6.74 18.33 -3.62
C GLN A 639 6.28 19.79 -3.59
N CYS A 640 4.98 20.00 -3.50
CA CYS A 640 4.33 21.33 -3.43
C CYS A 640 4.54 21.93 -2.05
N PRO A 641 5.46 22.90 -1.88
CA PRO A 641 5.74 23.50 -0.58
C PRO A 641 4.45 23.77 0.22
N GLN A 642 4.36 23.20 1.44
CA GLN A 642 3.17 23.30 2.34
C GLN A 642 3.47 24.32 3.45
N ASP B 4 -37.55 -44.76 0.78
CA ASP B 4 -38.76 -45.25 0.06
C ASP B 4 -38.51 -45.16 -1.46
N GLU B 5 -39.35 -44.42 -2.17
CA GLU B 5 -39.55 -44.57 -3.63
C GLU B 5 -40.17 -43.30 -4.20
N ASP B 6 -40.16 -43.16 -5.52
CA ASP B 6 -40.66 -41.98 -6.26
C ASP B 6 -39.87 -40.75 -5.81
N ILE B 7 -38.56 -40.77 -6.02
CA ILE B 7 -37.61 -39.75 -5.50
C ILE B 7 -36.23 -40.05 -6.04
N ILE B 8 -35.49 -39.02 -6.41
CA ILE B 8 -34.12 -39.14 -6.99
C ILE B 8 -33.29 -40.06 -6.09
N ALA B 9 -32.55 -40.99 -6.70
CA ALA B 9 -31.60 -41.90 -6.03
C ALA B 9 -30.35 -41.11 -5.60
N GLU B 10 -29.99 -41.20 -4.31
CA GLU B 10 -28.89 -40.43 -3.70
C GLU B 10 -27.60 -40.57 -4.54
N GLU B 11 -27.37 -41.76 -5.10
CA GLU B 11 -26.09 -42.11 -5.79
C GLU B 11 -25.99 -41.34 -7.10
N ASN B 12 -27.15 -40.96 -7.67
CA ASN B 12 -27.27 -40.33 -9.01
C ASN B 12 -27.26 -38.80 -8.85
N ILE B 13 -26.57 -38.28 -7.82
CA ILE B 13 -26.49 -36.83 -7.49
C ILE B 13 -25.02 -36.40 -7.42
N VAL B 14 -24.47 -35.94 -8.54
CA VAL B 14 -23.33 -34.99 -8.58
C VAL B 14 -23.62 -33.84 -7.60
N SER B 15 -22.75 -33.65 -6.61
CA SER B 15 -22.86 -32.57 -5.60
C SER B 15 -22.06 -31.35 -6.06
N ARG B 16 -22.42 -30.18 -5.57
CA ARG B 16 -21.68 -28.93 -5.79
C ARG B 16 -20.33 -29.01 -5.07
N SER B 17 -19.23 -29.17 -5.82
CA SER B 17 -17.83 -29.25 -5.30
C SER B 17 -17.25 -27.83 -5.17
N GLU B 18 -17.31 -27.05 -6.27
CA GLU B 18 -16.39 -25.90 -6.54
C GLU B 18 -17.03 -24.60 -6.02
N PHE B 19 -16.34 -23.91 -5.10
CA PHE B 19 -16.87 -22.73 -4.35
C PHE B 19 -15.79 -21.67 -4.23
N PRO B 20 -14.94 -21.46 -5.26
CA PRO B 20 -13.88 -20.47 -5.19
C PRO B 20 -14.41 -19.09 -4.76
N GLU B 21 -13.62 -18.37 -3.96
CA GLU B 21 -13.95 -17.01 -3.45
C GLU B 21 -13.57 -15.96 -4.51
N SER B 22 -12.71 -16.36 -5.43
CA SER B 22 -12.26 -15.56 -6.58
C SER B 22 -11.95 -16.53 -7.73
N TRP B 23 -12.05 -16.07 -8.96
CA TRP B 23 -11.72 -16.88 -10.15
C TRP B 23 -11.65 -16.01 -11.39
N LEU B 24 -11.68 -16.63 -12.56
CA LEU B 24 -11.59 -15.94 -13.86
C LEU B 24 -10.42 -14.92 -13.79
N TRP B 25 -9.25 -15.40 -13.36
CA TRP B 25 -8.00 -14.61 -13.28
C TRP B 25 -7.43 -14.41 -14.68
N ASN B 26 -8.30 -14.40 -15.68
CA ASN B 26 -7.93 -14.52 -17.11
C ASN B 26 -7.49 -13.14 -17.64
N VAL B 27 -6.86 -13.12 -18.81
CA VAL B 27 -6.11 -11.97 -19.35
C VAL B 27 -6.37 -11.89 -20.86
N GLU B 28 -7.65 -11.91 -21.27
CA GLU B 28 -8.09 -11.90 -22.69
C GLU B 28 -7.77 -10.53 -23.30
N ASP B 29 -6.94 -10.51 -24.35
CA ASP B 29 -6.59 -9.32 -25.15
C ASP B 29 -7.78 -8.92 -26.03
N LEU B 30 -7.70 -7.73 -26.65
CA LEU B 30 -8.73 -7.18 -27.55
C LEU B 30 -8.09 -6.85 -28.90
N LYS B 31 -8.32 -7.70 -29.90
CA LYS B 31 -7.66 -7.63 -31.25
C LYS B 31 -8.73 -7.49 -32.34
N GLU B 32 -10.01 -7.73 -32.00
CA GLU B 32 -11.12 -7.89 -32.98
C GLU B 32 -11.28 -6.59 -33.77
N PRO B 33 -11.83 -6.66 -34.99
CA PRO B 33 -12.01 -5.47 -35.80
C PRO B 33 -12.78 -4.40 -35.03
N PRO B 34 -12.21 -3.18 -34.86
CA PRO B 34 -12.86 -2.14 -34.07
C PRO B 34 -14.12 -1.58 -34.75
N LYS B 35 -15.23 -2.32 -34.66
CA LYS B 35 -16.56 -1.90 -35.21
C LYS B 35 -17.31 -1.09 -34.14
N ASN B 36 -17.80 0.10 -34.51
CA ASN B 36 -18.54 1.04 -33.61
C ASN B 36 -17.56 1.60 -32.55
N GLY B 37 -16.32 1.87 -32.95
CA GLY B 37 -15.35 2.70 -32.18
C GLY B 37 -14.78 1.95 -30.99
N ILE B 38 -15.18 0.69 -30.82
CA ILE B 38 -15.00 -0.09 -29.56
C ILE B 38 -14.99 -1.59 -29.91
N SER B 39 -13.82 -2.23 -29.75
CA SER B 39 -13.62 -3.70 -29.91
C SER B 39 -14.56 -4.45 -28.96
N THR B 40 -15.49 -5.25 -29.50
CA THR B 40 -16.34 -6.19 -28.75
C THR B 40 -15.72 -7.59 -28.81
N LYS B 41 -15.07 -8.03 -27.70
CA LYS B 41 -14.74 -9.46 -27.42
C LYS B 41 -15.89 -10.11 -26.64
N LEU B 42 -16.48 -11.16 -27.19
CA LEU B 42 -17.41 -12.08 -26.49
C LEU B 42 -16.59 -13.18 -25.84
N MET B 43 -17.05 -13.68 -24.68
CA MET B 43 -16.30 -14.61 -23.81
C MET B 43 -17.28 -15.54 -23.11
N ASN B 44 -17.43 -16.76 -23.62
CA ASN B 44 -18.20 -17.85 -22.96
C ASN B 44 -17.40 -18.34 -21.77
N ILE B 45 -17.97 -18.24 -20.58
CA ILE B 45 -17.36 -18.69 -19.31
C ILE B 45 -18.30 -19.66 -18.63
N PHE B 46 -17.75 -20.62 -17.89
CA PHE B 46 -18.51 -21.57 -17.05
C PHE B 46 -18.49 -21.09 -15.61
N LEU B 47 -19.68 -20.81 -15.07
CA LEU B 47 -19.88 -20.37 -13.68
C LEU B 47 -19.50 -21.49 -12.71
N LYS B 48 -19.12 -21.11 -11.50
CA LYS B 48 -18.94 -22.02 -10.35
C LYS B 48 -20.30 -22.25 -9.69
N ASP B 49 -20.36 -23.18 -8.74
CA ASP B 49 -21.63 -23.73 -8.19
C ASP B 49 -22.00 -22.97 -6.91
N SER B 50 -21.11 -22.11 -6.43
CA SER B 50 -21.39 -21.14 -5.33
C SER B 50 -22.63 -20.33 -5.69
N ILE B 51 -23.67 -20.38 -4.84
CA ILE B 51 -24.96 -19.69 -5.07
C ILE B 51 -24.96 -18.37 -4.31
N THR B 52 -24.52 -17.31 -4.98
CA THR B 52 -24.22 -15.99 -4.38
C THR B 52 -24.44 -14.91 -5.46
N THR B 53 -23.70 -13.80 -5.41
CA THR B 53 -23.49 -12.87 -6.54
C THR B 53 -22.00 -12.63 -6.71
N TRP B 54 -21.45 -13.01 -7.86
CA TRP B 54 -20.08 -12.66 -8.29
C TRP B 54 -20.01 -11.16 -8.59
N GLU B 55 -18.80 -10.59 -8.54
CA GLU B 55 -18.52 -9.19 -8.94
C GLU B 55 -17.27 -9.18 -9.84
N ILE B 56 -17.47 -9.17 -11.16
CA ILE B 56 -16.37 -9.11 -12.18
C ILE B 56 -15.87 -7.67 -12.29
N LEU B 57 -14.57 -7.48 -12.16
CA LEU B 57 -13.91 -6.15 -12.27
C LEU B 57 -12.78 -6.27 -13.27
N ALA B 58 -13.01 -5.78 -14.49
CA ALA B 58 -12.03 -5.70 -15.58
C ALA B 58 -11.17 -4.45 -15.40
N VAL B 59 -9.89 -4.58 -15.71
CA VAL B 59 -8.94 -3.45 -15.95
C VAL B 59 -8.47 -3.53 -17.41
N SER B 60 -8.49 -2.41 -18.14
CA SER B 60 -7.99 -2.29 -19.54
C SER B 60 -6.64 -1.60 -19.55
N MET B 61 -5.75 -2.03 -20.44
CA MET B 61 -4.42 -1.41 -20.66
C MET B 61 -4.19 -1.26 -22.16
N SER B 62 -4.11 -0.01 -22.65
CA SER B 62 -3.83 0.34 -24.06
C SER B 62 -2.69 1.37 -24.11
N ASP B 63 -1.71 1.17 -25.00
CA ASP B 63 -0.50 2.02 -25.11
C ASP B 63 -0.88 3.39 -25.69
N LYS B 64 -2.12 3.52 -26.17
CA LYS B 64 -2.70 4.80 -26.65
C LYS B 64 -3.59 5.40 -25.54
N LYS B 65 -4.46 4.59 -24.92
CA LYS B 65 -5.59 5.05 -24.04
C LYS B 65 -5.15 4.98 -22.56
N GLY B 66 -3.97 4.43 -22.30
CA GLY B 66 -3.41 4.26 -20.94
C GLY B 66 -4.05 3.10 -20.21
N ILE B 67 -4.46 3.31 -18.96
CA ILE B 67 -5.18 2.31 -18.11
C ILE B 67 -6.63 2.77 -17.91
N CYS B 68 -7.53 1.83 -17.64
CA CYS B 68 -8.98 2.07 -17.49
C CYS B 68 -9.61 0.95 -16.64
N VAL B 69 -10.07 1.29 -15.43
CA VAL B 69 -10.76 0.36 -14.48
C VAL B 69 -12.26 0.42 -14.77
N ALA B 70 -12.81 -0.66 -15.30
CA ALA B 70 -14.24 -0.81 -15.62
C ALA B 70 -15.05 -0.79 -14.33
N ASP B 71 -16.32 -0.40 -14.41
CA ASP B 71 -17.29 -0.46 -13.31
C ASP B 71 -17.54 -1.93 -12.96
N PRO B 72 -17.71 -2.26 -11.67
CA PRO B 72 -17.94 -3.64 -11.26
C PRO B 72 -19.26 -4.18 -11.80
N PHE B 73 -19.21 -5.25 -12.59
CA PHE B 73 -20.38 -5.99 -13.09
C PHE B 73 -20.70 -7.13 -12.12
N GLU B 74 -21.97 -7.22 -11.70
CA GLU B 74 -22.49 -8.28 -10.80
C GLU B 74 -23.20 -9.35 -11.66
N VAL B 75 -22.88 -10.62 -11.41
CA VAL B 75 -23.68 -11.80 -11.85
C VAL B 75 -24.24 -12.51 -10.61
N THR B 76 -25.48 -12.99 -10.70
CA THR B 76 -26.24 -13.59 -9.58
C THR B 76 -26.65 -15.03 -9.95
N VAL B 77 -25.83 -16.02 -9.55
CA VAL B 77 -26.17 -17.47 -9.61
C VAL B 77 -27.27 -17.76 -8.58
N MET B 78 -28.29 -18.52 -8.97
CA MET B 78 -29.49 -18.80 -8.11
C MET B 78 -30.22 -20.03 -8.61
N GLN B 79 -31.18 -20.51 -7.83
CA GLN B 79 -31.81 -21.85 -7.97
C GLN B 79 -33.03 -21.93 -7.07
N ASP B 80 -34.07 -22.62 -7.53
CA ASP B 80 -35.44 -22.62 -6.92
C ASP B 80 -35.38 -23.36 -5.58
N PHE B 81 -34.54 -24.38 -5.47
CA PHE B 81 -34.28 -25.15 -4.22
C PHE B 81 -32.81 -25.58 -4.16
N PHE B 82 -32.19 -25.44 -2.99
CA PHE B 82 -30.76 -25.70 -2.72
C PHE B 82 -30.52 -25.70 -1.21
N ILE B 83 -29.40 -26.29 -0.80
CA ILE B 83 -28.93 -26.31 0.61
C ILE B 83 -27.67 -25.45 0.72
N ASP B 84 -27.69 -24.46 1.60
CA ASP B 84 -26.48 -23.81 2.14
C ASP B 84 -25.94 -24.66 3.29
N LEU B 85 -24.82 -25.33 3.07
CA LEU B 85 -24.07 -26.08 4.11
C LEU B 85 -23.21 -25.11 4.91
N ARG B 86 -23.75 -24.61 6.04
CA ARG B 86 -23.08 -23.64 6.96
C ARG B 86 -22.07 -24.40 7.83
N LEU B 87 -20.79 -24.35 7.45
CA LEU B 87 -19.65 -24.88 8.24
C LEU B 87 -19.04 -23.74 9.05
N PRO B 88 -18.17 -24.04 10.04
CA PRO B 88 -17.17 -23.09 10.51
C PRO B 88 -15.98 -23.02 9.54
N TYR B 89 -14.96 -22.24 9.90
CA TYR B 89 -13.63 -22.28 9.27
C TYR B 89 -12.98 -23.64 9.54
N SER B 90 -12.89 -24.03 10.83
CA SER B 90 -12.08 -25.18 11.30
C SER B 90 -12.67 -25.76 12.60
N VAL B 91 -12.39 -27.06 12.85
CA VAL B 91 -12.84 -27.83 14.07
C VAL B 91 -11.63 -28.51 14.71
N VAL B 92 -11.64 -28.62 16.04
CA VAL B 92 -10.58 -29.30 16.82
C VAL B 92 -10.78 -30.80 16.72
N ARG B 93 -9.75 -31.54 16.31
CA ARG B 93 -9.73 -33.03 16.25
C ARG B 93 -10.21 -33.59 17.61
N ASN B 94 -11.31 -34.34 17.60
CA ASN B 94 -11.85 -35.08 18.78
C ASN B 94 -12.75 -34.14 19.60
N GLU B 95 -13.00 -32.92 19.09
CA GLU B 95 -14.02 -31.97 19.62
C GLU B 95 -15.31 -32.12 18.82
N GLN B 96 -16.30 -32.81 19.39
CA GLN B 96 -17.67 -32.93 18.85
C GLN B 96 -18.30 -31.54 18.73
N VAL B 97 -18.80 -31.20 17.54
CA VAL B 97 -19.50 -29.91 17.23
C VAL B 97 -20.64 -30.20 16.25
N GLU B 98 -21.58 -29.27 16.10
CA GLU B 98 -22.80 -29.44 15.25
C GLU B 98 -22.76 -28.42 14.11
N ILE B 99 -23.08 -28.87 12.89
CA ILE B 99 -23.13 -28.03 11.67
C ILE B 99 -24.59 -27.95 11.21
N ARG B 100 -25.05 -26.74 10.90
CA ARG B 100 -26.37 -26.50 10.25
C ARG B 100 -26.21 -26.66 8.74
N ALA B 101 -27.16 -27.32 8.11
CA ALA B 101 -27.40 -27.29 6.66
C ALA B 101 -28.81 -26.77 6.39
N VAL B 102 -28.92 -25.55 5.89
CA VAL B 102 -30.21 -24.83 5.70
C VAL B 102 -30.73 -25.15 4.30
N LEU B 103 -32.01 -25.54 4.22
CA LEU B 103 -32.72 -25.87 2.95
C LEU B 103 -33.59 -24.69 2.53
N TYR B 104 -33.49 -24.29 1.27
CA TYR B 104 -34.15 -23.08 0.72
C TYR B 104 -35.09 -23.49 -0.43
N ASN B 105 -36.33 -23.81 -0.08
CA ASN B 105 -37.49 -23.78 -1.00
C ASN B 105 -37.81 -22.32 -1.33
N TYR B 106 -37.25 -21.82 -2.43
CA TYR B 106 -37.67 -20.57 -3.13
C TYR B 106 -38.52 -20.93 -4.34
N ARG B 107 -39.67 -21.56 -4.10
CA ARG B 107 -40.82 -21.61 -5.03
C ARG B 107 -41.85 -20.60 -4.60
N GLN B 108 -42.68 -20.13 -5.53
CA GLN B 108 -43.64 -19.03 -5.31
C GLN B 108 -44.80 -19.53 -4.43
N ASN B 109 -45.41 -20.65 -4.82
CA ASN B 109 -46.60 -21.24 -4.13
C ASN B 109 -46.55 -22.76 -4.29
N GLN B 110 -45.58 -23.40 -3.68
CA GLN B 110 -45.43 -24.87 -3.64
C GLN B 110 -44.44 -25.26 -2.54
N GLU B 111 -44.93 -25.88 -1.47
CA GLU B 111 -44.12 -26.66 -0.50
C GLU B 111 -43.58 -27.92 -1.21
N LEU B 112 -42.41 -28.39 -0.80
CA LEU B 112 -41.77 -29.62 -1.34
C LEU B 112 -41.45 -30.58 -0.16
N LYS B 113 -41.88 -31.84 -0.29
CA LYS B 113 -41.51 -32.96 0.62
C LYS B 113 -40.09 -33.43 0.27
N VAL B 114 -39.09 -33.01 1.04
CA VAL B 114 -37.64 -33.26 0.78
C VAL B 114 -37.14 -34.34 1.75
N ARG B 115 -36.10 -35.09 1.36
CA ARG B 115 -35.33 -35.99 2.25
C ARG B 115 -33.84 -35.63 2.19
N VAL B 116 -33.42 -34.69 3.03
CA VAL B 116 -31.98 -34.33 3.23
C VAL B 116 -31.30 -35.47 3.99
N GLU B 117 -30.05 -35.76 3.64
CA GLU B 117 -29.32 -36.97 4.05
C GLU B 117 -27.84 -36.64 4.13
N LEU B 118 -27.24 -36.86 5.29
CA LEU B 118 -25.77 -36.71 5.51
C LEU B 118 -25.06 -37.96 5.00
N LEU B 119 -24.03 -37.75 4.16
CA LEU B 119 -23.13 -38.83 3.67
C LEU B 119 -22.06 -39.14 4.72
N HIS B 120 -22.02 -40.37 5.19
CA HIS B 120 -20.95 -40.93 6.04
C HIS B 120 -19.60 -40.66 5.40
N ASN B 121 -18.69 -40.04 6.15
CA ASN B 121 -17.24 -39.99 5.84
C ASN B 121 -16.46 -40.70 6.96
N PRO B 122 -15.61 -41.70 6.62
CA PRO B 122 -14.79 -42.36 7.62
C PRO B 122 -13.95 -41.39 8.47
N ALA B 123 -13.64 -40.21 7.93
CA ALA B 123 -12.83 -39.15 8.59
C ALA B 123 -13.65 -38.49 9.72
N PHE B 124 -14.97 -38.75 9.75
CA PHE B 124 -15.93 -38.15 10.71
C PHE B 124 -16.70 -39.26 11.41
N CYS B 125 -16.74 -39.20 12.74
CA CYS B 125 -17.71 -39.94 13.59
C CYS B 125 -19.04 -39.18 13.60
N SER B 126 -20.12 -39.87 13.30
CA SER B 126 -21.48 -39.30 13.17
C SER B 126 -22.50 -40.43 13.11
N LEU B 127 -23.77 -40.08 13.22
CA LEU B 127 -24.90 -41.04 13.17
C LEU B 127 -25.03 -41.57 11.74
N ALA B 128 -24.08 -41.19 10.86
CA ALA B 128 -23.89 -41.80 9.52
C ALA B 128 -22.81 -42.87 9.61
N THR B 129 -23.06 -44.03 9.00
CA THR B 129 -22.13 -45.19 8.95
C THR B 129 -22.45 -46.03 7.71
N THR B 130 -21.51 -46.90 7.32
CA THR B 130 -21.52 -47.61 6.01
C THR B 130 -22.82 -48.40 5.85
N LYS B 131 -23.35 -48.96 6.94
CA LYS B 131 -24.44 -49.97 6.92
C LYS B 131 -25.81 -49.26 7.01
N ARG B 132 -25.87 -48.12 7.73
CA ARG B 132 -27.13 -47.38 8.02
C ARG B 132 -26.89 -45.88 7.80
N ARG B 133 -27.54 -45.31 6.79
CA ARG B 133 -27.36 -43.90 6.37
C ARG B 133 -28.12 -42.97 7.33
N HIS B 134 -27.95 -41.66 7.16
CA HIS B 134 -28.56 -40.61 8.00
C HIS B 134 -29.57 -39.79 7.17
N GLN B 135 -30.80 -40.30 7.04
CA GLN B 135 -31.89 -39.69 6.22
C GLN B 135 -32.93 -39.08 7.16
N GLN B 136 -33.20 -37.79 7.02
CA GLN B 136 -34.38 -37.10 7.60
C GLN B 136 -35.26 -36.58 6.45
N THR B 137 -36.56 -36.86 6.50
CA THR B 137 -37.57 -36.35 5.55
C THR B 137 -38.27 -35.14 6.17
N VAL B 138 -38.29 -34.01 5.45
CA VAL B 138 -38.80 -32.70 5.95
C VAL B 138 -39.35 -31.91 4.74
N THR B 139 -40.60 -31.46 4.83
CA THR B 139 -41.24 -30.60 3.83
C THR B 139 -41.11 -29.14 4.27
N ILE B 140 -40.67 -28.26 3.35
CA ILE B 140 -40.49 -26.79 3.59
C ILE B 140 -41.65 -26.05 2.94
N PRO B 141 -42.28 -25.09 3.67
CA PRO B 141 -43.36 -24.29 3.10
C PRO B 141 -42.86 -23.35 2.02
N PRO B 142 -43.74 -22.83 1.13
CA PRO B 142 -43.33 -22.00 0.02
C PRO B 142 -42.47 -20.80 0.48
N LYS B 143 -41.56 -20.34 -0.40
CA LYS B 143 -40.67 -19.17 -0.17
C LYS B 143 -40.22 -19.17 1.30
N SER B 144 -39.48 -20.19 1.71
CA SER B 144 -39.03 -20.41 3.10
C SER B 144 -37.74 -21.21 3.12
N SER B 145 -37.17 -21.38 4.32
CA SER B 145 -35.98 -22.22 4.60
C SER B 145 -36.14 -22.86 5.98
N LEU B 146 -35.96 -24.18 6.07
CA LEU B 146 -35.84 -24.93 7.34
C LEU B 146 -34.36 -25.25 7.60
N SER B 147 -33.93 -25.22 8.87
CA SER B 147 -32.55 -25.54 9.32
C SER B 147 -32.47 -26.98 9.83
N VAL B 148 -31.48 -27.75 9.36
CA VAL B 148 -31.22 -29.16 9.77
C VAL B 148 -29.84 -29.24 10.42
N PRO B 149 -29.76 -29.57 11.73
CA PRO B 149 -28.49 -29.72 12.41
C PRO B 149 -27.89 -31.12 12.23
N TYR B 150 -26.57 -31.21 12.30
CA TYR B 150 -25.80 -32.47 12.15
C TYR B 150 -24.62 -32.44 13.12
N VAL B 151 -24.73 -33.16 14.24
CA VAL B 151 -23.66 -33.29 15.27
C VAL B 151 -22.72 -34.41 14.86
N ILE B 152 -21.43 -34.12 14.80
CA ILE B 152 -20.39 -35.02 14.27
C ILE B 152 -19.07 -34.73 14.98
N VAL B 153 -18.12 -35.63 14.85
CA VAL B 153 -16.76 -35.51 15.44
C VAL B 153 -15.74 -35.62 14.32
N PRO B 154 -14.80 -34.68 14.24
CA PRO B 154 -13.65 -34.83 13.38
C PRO B 154 -12.52 -35.64 14.06
N LEU B 155 -12.07 -36.72 13.41
CA LEU B 155 -11.07 -37.68 13.95
C LEU B 155 -9.76 -37.55 13.16
N LYS B 156 -9.83 -37.00 11.94
CA LYS B 156 -8.71 -36.93 10.96
C LYS B 156 -8.22 -35.48 10.84
N THR B 157 -6.90 -35.29 10.83
CA THR B 157 -6.22 -33.95 10.84
C THR B 157 -6.01 -33.49 9.38
N GLY B 158 -5.90 -32.16 9.17
CA GLY B 158 -5.86 -31.52 7.83
C GLY B 158 -7.26 -31.12 7.37
N LEU B 159 -7.39 -30.72 6.09
CA LEU B 159 -8.71 -30.49 5.43
C LEU B 159 -9.48 -31.80 5.40
N GLN B 160 -10.79 -31.73 5.63
CA GLN B 160 -11.70 -32.88 5.59
C GLN B 160 -13.06 -32.43 5.08
N GLU B 161 -13.81 -33.33 4.44
CA GLU B 161 -14.94 -33.00 3.52
C GLU B 161 -16.25 -33.52 4.11
N VAL B 162 -17.19 -32.61 4.40
CA VAL B 162 -18.61 -32.92 4.71
C VAL B 162 -19.42 -32.81 3.41
N GLU B 163 -20.44 -33.64 3.27
CA GLU B 163 -21.23 -33.79 2.01
C GLU B 163 -22.65 -34.22 2.39
N VAL B 164 -23.57 -33.27 2.50
CA VAL B 164 -25.02 -33.54 2.65
C VAL B 164 -25.71 -33.29 1.30
N LYS B 165 -26.84 -33.95 1.08
CA LYS B 165 -27.61 -33.89 -0.18
C LYS B 165 -29.09 -33.81 0.16
N ALA B 166 -29.94 -33.73 -0.87
CA ALA B 166 -31.41 -33.70 -0.75
C ALA B 166 -32.02 -33.85 -2.13
N ALA B 167 -33.17 -34.51 -2.20
CA ALA B 167 -34.08 -34.53 -3.36
C ALA B 167 -35.51 -34.33 -2.88
N VAL B 168 -36.39 -33.85 -3.76
CA VAL B 168 -37.84 -33.69 -3.51
C VAL B 168 -38.56 -34.97 -3.95
N TYR B 169 -39.46 -35.47 -3.12
CA TYR B 169 -40.34 -36.62 -3.41
C TYR B 169 -41.26 -36.27 -4.60
N HIS B 170 -41.39 -37.20 -5.56
CA HIS B 170 -42.41 -37.19 -6.65
C HIS B 170 -41.92 -36.30 -7.80
N HIS B 171 -40.92 -35.45 -7.54
CA HIS B 171 -40.32 -34.50 -8.52
C HIS B 171 -38.82 -34.78 -8.65
N PHE B 172 -38.17 -34.14 -9.61
CA PHE B 172 -36.83 -34.50 -10.13
C PHE B 172 -35.78 -33.54 -9.58
N ILE B 173 -36.14 -32.77 -8.55
CA ILE B 173 -35.41 -31.56 -8.08
C ILE B 173 -34.53 -31.93 -6.88
N SER B 174 -33.21 -32.03 -7.12
CA SER B 174 -32.18 -32.47 -6.13
C SER B 174 -31.10 -31.41 -5.99
N ASP B 175 -30.34 -31.45 -4.89
CA ASP B 175 -29.10 -30.65 -4.70
C ASP B 175 -28.19 -31.37 -3.70
N GLY B 176 -26.95 -31.66 -4.13
CA GLY B 176 -25.87 -32.18 -3.26
C GLY B 176 -24.73 -31.19 -3.13
N VAL B 177 -24.22 -31.02 -1.91
CA VAL B 177 -23.08 -30.13 -1.59
C VAL B 177 -21.95 -30.97 -0.99
N ARG B 178 -20.72 -30.46 -1.04
CA ARG B 178 -19.58 -30.96 -0.23
C ARG B 178 -18.52 -29.85 -0.14
N LYS B 179 -18.58 -29.06 0.92
CA LYS B 179 -17.50 -28.16 1.37
C LYS B 179 -16.55 -28.94 2.28
N SER B 180 -15.25 -28.85 2.01
CA SER B 180 -14.15 -29.21 2.95
C SER B 180 -14.07 -28.16 4.07
N LEU B 181 -13.48 -28.54 5.20
CA LEU B 181 -13.11 -27.61 6.31
C LEU B 181 -11.82 -28.11 6.96
N LYS B 182 -11.07 -27.20 7.56
CA LYS B 182 -9.81 -27.49 8.28
C LYS B 182 -10.14 -28.16 9.61
N VAL B 183 -9.62 -29.37 9.81
CA VAL B 183 -9.56 -30.05 11.14
C VAL B 183 -8.16 -29.86 11.72
N VAL B 184 -8.07 -29.43 12.98
CA VAL B 184 -6.84 -28.86 13.58
C VAL B 184 -6.46 -29.70 14.80
N PRO B 185 -5.14 -29.90 15.05
CA PRO B 185 -4.69 -30.61 16.23
C PRO B 185 -5.03 -29.86 17.53
N GLU B 186 -5.56 -30.59 18.52
CA GLU B 186 -5.70 -30.15 19.95
C GLU B 186 -4.45 -29.37 20.34
N GLY B 187 -4.60 -28.08 20.64
CA GLY B 187 -3.50 -27.18 21.06
C GLY B 187 -3.77 -25.75 20.65
N ILE B 188 -2.72 -25.00 20.34
CA ILE B 188 -2.74 -23.52 20.19
C ILE B 188 -1.43 -23.05 19.55
N ARG B 189 -1.47 -21.95 18.79
CA ARG B 189 -0.30 -21.41 18.03
C ARG B 189 0.73 -20.89 19.02
N MET B 190 2.01 -20.93 18.66
CA MET B 190 3.14 -20.65 19.55
C MET B 190 4.42 -20.45 18.72
N ASN B 191 4.93 -19.22 18.72
CA ASN B 191 6.29 -18.89 18.20
C ASN B 191 7.29 -19.07 19.34
N LYS B 192 8.58 -19.08 19.02
CA LYS B 192 9.69 -19.30 20.00
C LYS B 192 11.03 -19.01 19.32
N THR B 193 11.79 -18.06 19.89
CA THR B 193 13.09 -17.57 19.34
C THR B 193 14.17 -18.63 19.57
N VAL B 194 14.58 -19.32 18.51
CA VAL B 194 15.61 -20.41 18.54
C VAL B 194 16.96 -19.80 18.91
N ALA B 195 17.27 -18.62 18.39
CA ALA B 195 18.63 -18.02 18.39
C ALA B 195 18.57 -16.60 17.82
N VAL B 196 19.36 -15.69 18.39
CA VAL B 196 19.64 -14.34 17.84
C VAL B 196 21.15 -14.07 17.94
N ARG B 197 21.92 -14.55 16.97
CA ARG B 197 23.38 -14.29 16.87
C ARG B 197 23.60 -12.96 16.15
N THR B 198 24.84 -12.44 16.19
CA THR B 198 25.26 -11.17 15.54
C THR B 198 26.31 -11.48 14.46
N LEU B 199 26.15 -10.86 13.28
CA LEU B 199 26.83 -11.28 12.02
C LEU B 199 27.90 -10.25 11.64
N ASP B 200 29.09 -10.38 12.24
CA ASP B 200 30.28 -9.55 11.94
C ASP B 200 31.49 -10.47 11.76
N PRO B 201 32.10 -10.54 10.54
CA PRO B 201 33.23 -11.42 10.30
C PRO B 201 34.58 -10.81 10.71
N GLU B 202 34.61 -9.50 10.97
CA GLU B 202 35.84 -8.73 11.30
C GLU B 202 36.21 -8.99 12.76
N ARG B 203 35.23 -8.85 13.66
CA ARG B 203 35.41 -9.02 15.12
C ARG B 203 35.33 -10.51 15.48
N LEU B 204 34.18 -11.14 15.22
CA LEU B 204 33.88 -12.56 15.58
C LEU B 204 34.69 -13.50 14.66
N GLY B 205 35.26 -14.57 15.23
CA GLY B 205 36.00 -15.62 14.49
C GLY B 205 37.27 -15.07 13.84
N ARG B 206 38.01 -14.23 14.58
CA ARG B 206 39.00 -13.24 14.04
C ARG B 206 39.88 -13.93 12.97
N GLU B 207 40.02 -13.27 11.79
CA GLU B 207 41.03 -13.60 10.73
C GLU B 207 40.56 -14.84 9.93
N GLY B 208 39.37 -15.35 10.23
CA GLY B 208 38.77 -16.52 9.57
C GLY B 208 37.35 -16.24 9.10
N VAL B 209 36.56 -17.30 8.90
CA VAL B 209 35.12 -17.24 8.53
C VAL B 209 34.28 -17.59 9.76
N GLN B 210 33.41 -16.65 10.21
CA GLN B 210 32.58 -16.79 11.44
C GLN B 210 31.62 -17.99 11.27
N LYS B 211 31.64 -18.93 12.22
CA LYS B 211 30.76 -20.13 12.24
C LYS B 211 30.13 -20.26 13.63
N GLU B 212 29.00 -19.56 13.86
CA GLU B 212 28.17 -19.68 15.09
C GLU B 212 27.23 -20.90 14.95
N ASP B 213 27.23 -21.80 15.95
CA ASP B 213 26.60 -23.15 15.90
C ASP B 213 25.18 -23.07 16.48
N ILE B 214 24.19 -22.86 15.62
CA ILE B 214 22.76 -22.66 16.02
C ILE B 214 22.14 -24.01 16.34
N PRO B 215 21.38 -24.12 17.45
CA PRO B 215 20.66 -25.35 17.78
C PRO B 215 19.39 -25.53 16.95
N PRO B 216 18.73 -26.69 17.05
CA PRO B 216 17.31 -26.79 16.71
C PRO B 216 16.45 -26.12 17.79
N ALA B 217 15.15 -26.39 17.77
CA ALA B 217 14.16 -25.88 18.72
C ALA B 217 14.11 -26.78 19.96
N ASP B 218 13.41 -26.35 21.01
CA ASP B 218 13.14 -27.15 22.23
C ASP B 218 11.87 -28.00 22.00
N LEU B 219 10.76 -27.36 21.62
CA LEU B 219 9.53 -28.02 21.08
C LEU B 219 9.03 -29.07 22.07
N SER B 220 9.29 -28.88 23.36
CA SER B 220 8.93 -29.84 24.45
C SER B 220 7.40 -29.98 24.52
N ASP B 221 6.66 -28.91 24.18
CA ASP B 221 5.17 -28.83 24.26
C ASP B 221 4.56 -29.26 22.91
N GLN B 222 5.41 -29.57 21.92
CA GLN B 222 5.06 -29.59 20.47
C GLN B 222 4.16 -30.79 20.17
N VAL B 223 2.84 -30.57 20.12
CA VAL B 223 1.80 -31.61 19.87
C VAL B 223 2.22 -32.48 18.69
N PRO B 224 1.87 -33.79 18.68
CA PRO B 224 2.34 -34.70 17.64
C PRO B 224 1.75 -34.37 16.26
N ASP B 225 2.45 -34.80 15.20
CA ASP B 225 2.09 -34.54 13.78
C ASP B 225 1.63 -33.08 13.63
N THR B 226 2.55 -32.13 13.81
CA THR B 226 2.32 -30.67 13.63
C THR B 226 3.56 -30.04 13.00
N GLU B 227 3.38 -29.30 11.89
CA GLU B 227 4.48 -28.67 11.11
C GLU B 227 5.18 -27.62 11.98
N SER B 228 6.50 -27.49 11.81
CA SER B 228 7.41 -26.73 12.71
C SER B 228 8.29 -25.80 11.87
N GLU B 229 7.69 -24.81 11.21
CA GLU B 229 8.38 -23.89 10.24
C GLU B 229 9.36 -22.99 11.03
N THR B 230 10.64 -23.05 10.66
CA THR B 230 11.76 -22.36 11.35
C THR B 230 12.12 -21.08 10.58
N ARG B 231 11.39 -19.99 10.84
CA ARG B 231 11.48 -18.70 10.09
C ARG B 231 12.89 -18.09 10.30
N ILE B 232 13.81 -18.32 9.36
CA ILE B 232 15.20 -17.79 9.38
C ILE B 232 15.23 -16.49 8.57
N LEU B 233 16.09 -15.53 8.97
CA LEU B 233 16.15 -14.16 8.38
C LEU B 233 17.57 -13.60 8.54
N LEU B 234 18.13 -13.02 7.46
CA LEU B 234 19.53 -12.56 7.37
C LEU B 234 19.57 -11.04 7.14
N GLN B 235 18.71 -10.31 7.85
CA GLN B 235 18.75 -8.81 7.96
C GLN B 235 20.23 -8.37 8.04
N GLY B 236 20.70 -7.63 7.03
CA GLY B 236 22.13 -7.28 6.85
C GLY B 236 22.35 -5.77 6.95
N THR B 237 22.59 -5.27 8.17
CA THR B 237 22.51 -3.83 8.54
C THR B 237 23.56 -3.04 7.77
N PRO B 238 23.31 -1.74 7.49
CA PRO B 238 24.35 -0.83 7.06
C PRO B 238 24.91 0.03 8.20
N VAL B 239 26.06 0.67 7.97
CA VAL B 239 26.73 1.60 8.93
C VAL B 239 27.19 2.85 8.16
N ALA B 240 26.86 4.03 8.69
CA ALA B 240 27.14 5.34 8.04
C ALA B 240 28.15 6.13 8.88
N GLN B 241 29.43 6.07 8.51
CA GLN B 241 30.54 6.83 9.16
C GLN B 241 30.35 8.32 8.88
N MET B 242 29.71 9.05 9.80
CA MET B 242 29.47 10.51 9.70
C MET B 242 30.73 11.19 9.19
N THR B 243 30.61 11.99 8.15
CA THR B 243 31.66 12.90 7.65
C THR B 243 31.26 14.34 7.96
N GLU B 244 32.12 15.08 8.67
CA GLU B 244 32.01 16.55 8.85
C GLU B 244 31.70 17.19 7.50
N ASP B 245 30.50 17.75 7.34
CA ASP B 245 29.94 18.22 6.05
C ASP B 245 30.41 19.66 5.79
N ALA B 246 30.10 20.21 4.62
CA ALA B 246 30.85 21.29 3.94
C ALA B 246 30.56 22.64 4.60
N VAL B 247 31.38 23.64 4.31
CA VAL B 247 31.18 25.06 4.74
C VAL B 247 29.90 25.59 4.10
N ASP B 248 29.14 26.45 4.82
CA ASP B 248 27.88 27.09 4.34
C ASP B 248 28.19 27.90 3.08
N ALA B 249 27.34 27.78 2.06
CA ALA B 249 27.35 28.61 0.84
C ALA B 249 27.40 30.10 1.25
N GLU B 250 26.70 30.47 2.32
CA GLU B 250 26.43 31.89 2.71
C GLU B 250 27.74 32.58 3.08
N ARG B 251 28.73 31.84 3.57
CA ARG B 251 30.04 32.38 4.04
C ARG B 251 31.02 32.46 2.85
N LEU B 252 30.67 31.77 1.76
CA LEU B 252 31.53 31.62 0.55
C LEU B 252 31.12 32.66 -0.50
N LYS B 253 30.25 33.60 -0.13
CA LYS B 253 29.71 34.66 -1.04
C LYS B 253 30.87 35.52 -1.54
N HIS B 254 31.78 35.89 -0.64
CA HIS B 254 32.76 37.00 -0.82
C HIS B 254 33.99 36.49 -1.61
N LEU B 255 33.91 35.27 -2.14
CA LEU B 255 35.01 34.62 -2.91
C LEU B 255 34.74 34.73 -4.41
N ILE B 256 33.56 35.27 -4.78
CA ILE B 256 33.16 35.56 -6.18
C ILE B 256 33.54 37.01 -6.53
N VAL B 257 34.78 37.23 -6.97
CA VAL B 257 35.30 38.56 -7.35
C VAL B 257 35.58 38.57 -8.84
N THR B 258 35.29 39.69 -9.49
CA THR B 258 35.39 39.87 -10.95
C THR B 258 36.84 40.18 -11.31
N PRO B 259 37.58 39.20 -11.90
CA PRO B 259 39.04 39.30 -12.04
C PRO B 259 39.49 40.53 -12.83
N SER B 260 40.00 41.53 -12.13
CA SER B 260 40.56 42.78 -12.72
C SER B 260 41.97 43.02 -12.17
N GLY B 261 42.81 43.73 -12.93
CA GLY B 261 44.24 43.94 -12.64
C GLY B 261 45.12 43.46 -13.79
N CYS B 262 46.42 43.27 -13.53
CA CYS B 262 47.45 42.90 -14.54
C CYS B 262 48.35 41.79 -13.98
N GLY B 263 48.51 40.70 -14.74
CA GLY B 263 49.61 39.72 -14.58
C GLY B 263 49.42 38.85 -13.35
N GLU B 264 49.41 39.47 -12.16
CA GLU B 264 49.27 38.77 -10.86
C GLU B 264 48.02 39.31 -10.12
N GLN B 265 47.65 40.57 -10.38
CA GLN B 265 46.54 41.28 -9.68
C GLN B 265 45.20 40.85 -10.30
N ASN B 266 45.15 40.70 -11.63
CA ASN B 266 44.11 39.93 -12.36
C ASN B 266 44.06 38.53 -11.78
N MET B 267 45.22 37.92 -11.57
CA MET B 267 45.38 36.51 -11.16
C MET B 267 44.79 36.31 -9.77
N ILE B 268 45.24 37.10 -8.79
CA ILE B 268 44.78 37.04 -7.37
C ILE B 268 43.27 37.27 -7.33
N GLY B 269 42.75 38.12 -8.23
CA GLY B 269 41.32 38.32 -8.47
C GLY B 269 40.61 37.02 -8.81
N MET B 270 41.14 36.26 -9.77
CA MET B 270 40.51 35.04 -10.34
C MET B 270 40.70 33.87 -9.37
N THR B 271 41.82 33.86 -8.65
CA THR B 271 42.29 32.72 -7.80
C THR B 271 41.10 32.10 -7.05
N PRO B 272 40.41 32.89 -6.18
CA PRO B 272 39.41 32.32 -5.26
C PRO B 272 38.12 31.85 -5.97
N THR B 273 37.61 32.66 -6.90
CA THR B 273 36.34 32.41 -7.64
C THR B 273 36.43 31.06 -8.37
N VAL B 274 37.64 30.67 -8.79
CA VAL B 274 37.94 29.33 -9.37
C VAL B 274 37.54 28.26 -8.36
N ILE B 275 38.09 28.35 -7.14
CA ILE B 275 38.02 27.28 -6.09
C ILE B 275 36.62 27.27 -5.49
N ALA B 276 35.96 28.43 -5.45
CA ALA B 276 34.54 28.59 -5.09
C ALA B 276 33.69 27.62 -5.92
N VAL B 277 33.78 27.71 -7.25
CA VAL B 277 33.07 26.81 -8.21
C VAL B 277 33.40 25.34 -7.86
N HIS B 278 34.70 25.03 -7.73
CA HIS B 278 35.24 23.63 -7.66
C HIS B 278 34.75 22.94 -6.39
N TYR B 279 34.75 23.67 -5.27
CA TYR B 279 34.13 23.25 -3.99
C TYR B 279 32.63 23.05 -4.21
N LEU B 280 31.92 24.13 -4.51
CA LEU B 280 30.44 24.14 -4.70
C LEU B 280 30.04 23.02 -5.69
N ASP B 281 30.92 22.70 -6.65
CA ASP B 281 30.74 21.61 -7.63
C ASP B 281 30.57 20.27 -6.89
N GLU B 282 31.48 19.99 -5.94
CA GLU B 282 31.69 18.64 -5.31
C GLU B 282 30.77 18.49 -4.09
N THR B 283 30.36 19.63 -3.50
CA THR B 283 29.44 19.69 -2.33
C THR B 283 28.01 19.97 -2.82
N GLU B 284 27.77 19.80 -4.13
CA GLU B 284 26.53 20.27 -4.84
C GLU B 284 25.70 21.18 -3.91
N GLN B 285 26.25 22.35 -3.57
CA GLN B 285 25.62 23.36 -2.68
C GLN B 285 25.10 24.54 -3.53
N TRP B 286 25.13 24.38 -4.86
CA TRP B 286 24.67 25.40 -5.84
C TRP B 286 23.22 25.78 -5.54
N GLU B 287 22.45 24.86 -4.95
CA GLU B 287 21.03 25.08 -4.54
C GLU B 287 20.97 26.27 -3.58
N LYS B 288 21.35 26.07 -2.31
CA LYS B 288 21.20 27.07 -1.21
C LYS B 288 22.01 28.32 -1.57
N PHE B 289 22.95 28.18 -2.51
CA PHE B 289 23.78 29.29 -3.02
C PHE B 289 23.00 30.08 -4.09
N GLY B 290 22.24 29.36 -4.94
CA GLY B 290 21.48 29.93 -6.08
C GLY B 290 22.03 29.44 -7.41
N LEU B 291 21.35 28.47 -8.04
CA LEU B 291 21.77 27.83 -9.31
C LEU B 291 22.21 28.90 -10.31
N GLU B 292 21.42 29.97 -10.42
CA GLU B 292 21.63 31.08 -11.38
C GLU B 292 23.06 31.59 -11.26
N LYS B 293 23.58 31.64 -10.03
CA LYS B 293 24.80 32.38 -9.64
C LYS B 293 26.03 31.72 -10.30
N ARG B 294 25.89 30.46 -10.72
CA ARG B 294 27.01 29.63 -11.25
C ARG B 294 27.51 30.22 -12.56
N GLN B 295 26.65 30.27 -13.58
CA GLN B 295 27.00 30.69 -14.97
C GLN B 295 27.40 32.17 -14.95
N GLY B 296 26.75 32.97 -14.10
CA GLY B 296 27.12 34.38 -13.84
C GLY B 296 28.52 34.51 -13.28
N ALA B 297 28.95 33.53 -12.47
CA ALA B 297 30.29 33.45 -11.82
C ALA B 297 31.28 32.76 -12.75
N LEU B 298 30.88 31.61 -13.32
CA LEU B 298 31.66 30.85 -14.33
C LEU B 298 32.12 31.82 -15.44
N GLU B 299 31.25 32.78 -15.82
CA GLU B 299 31.58 33.90 -16.77
C GLU B 299 32.94 34.50 -16.39
N LEU B 300 33.14 34.80 -15.10
CA LEU B 300 34.32 35.55 -14.58
C LEU B 300 35.60 34.78 -14.89
N ILE B 301 35.63 33.49 -14.56
CA ILE B 301 36.85 32.61 -14.66
C ILE B 301 37.32 32.59 -16.13
N LYS B 302 36.40 32.34 -17.08
CA LYS B 302 36.64 32.50 -18.55
C LYS B 302 37.41 33.80 -18.79
N LYS B 303 36.86 34.92 -18.31
CA LYS B 303 37.37 36.30 -18.56
C LYS B 303 38.74 36.46 -17.88
N GLY B 304 38.92 35.84 -16.70
CA GLY B 304 40.16 35.89 -15.92
C GLY B 304 41.27 35.06 -16.55
N TYR B 305 40.91 33.89 -17.08
CA TYR B 305 41.78 33.04 -17.93
C TYR B 305 42.23 33.84 -19.14
N THR B 306 41.26 34.34 -19.91
CA THR B 306 41.46 35.02 -21.21
C THR B 306 42.30 36.30 -20.99
N GLN B 307 41.90 37.13 -20.01
CA GLN B 307 42.60 38.40 -19.65
C GLN B 307 44.07 38.12 -19.36
N GLN B 308 44.35 37.02 -18.64
CA GLN B 308 45.68 36.69 -18.07
C GLN B 308 46.59 36.14 -19.16
N LEU B 309 46.00 35.58 -20.23
CA LEU B 309 46.74 35.06 -21.42
C LEU B 309 47.44 36.21 -22.13
N ALA B 310 46.94 37.45 -21.96
CA ALA B 310 47.56 38.70 -22.43
C ALA B 310 48.57 39.21 -21.40
N PHE B 311 48.76 38.44 -20.32
CA PHE B 311 49.96 38.51 -19.45
C PHE B 311 50.84 37.26 -19.72
N ARG B 312 50.77 36.72 -20.95
CA ARG B 312 51.52 35.50 -21.38
C ARG B 312 52.63 35.91 -22.34
N GLN B 313 53.89 35.77 -21.92
CA GLN B 313 55.12 36.07 -22.74
C GLN B 313 55.29 34.99 -23.81
N PRO B 314 55.77 35.36 -25.03
CA PRO B 314 55.75 34.45 -26.17
C PRO B 314 56.68 33.23 -25.96
N SER B 315 57.16 33.03 -24.72
CA SER B 315 57.95 31.85 -24.30
C SER B 315 57.02 30.78 -23.70
N SER B 316 55.71 30.89 -23.97
CA SER B 316 54.62 30.08 -23.32
C SER B 316 54.58 30.39 -21.82
N ALA B 317 55.02 31.59 -21.43
CA ALA B 317 55.38 31.96 -20.03
C ALA B 317 54.56 33.18 -19.59
N PHE B 318 54.48 33.40 -18.28
CA PHE B 318 53.58 34.40 -17.64
C PHE B 318 54.41 35.40 -16.83
N ALA B 319 54.35 36.67 -17.24
CA ALA B 319 55.00 37.80 -16.56
C ALA B 319 53.95 38.61 -15.78
N ALA B 320 54.40 39.41 -14.82
CA ALA B 320 53.58 40.40 -14.10
C ALA B 320 53.09 41.48 -15.08
N PHE B 321 53.98 42.41 -15.45
CA PHE B 321 53.69 43.56 -16.37
C PHE B 321 53.62 43.05 -17.81
N VAL B 322 53.31 43.96 -18.75
CA VAL B 322 53.05 43.63 -20.19
C VAL B 322 54.28 42.93 -20.78
N LYS B 323 55.48 43.23 -20.27
CA LYS B 323 56.79 42.88 -20.90
C LYS B 323 57.84 42.59 -19.81
N ARG B 324 57.42 42.28 -18.59
CA ARG B 324 58.31 42.12 -17.40
C ARG B 324 59.07 40.80 -17.52
N ALA B 325 60.27 40.72 -16.92
CA ALA B 325 61.13 39.53 -16.88
C ALA B 325 60.34 38.33 -16.34
N PRO B 326 60.20 37.23 -17.13
CA PRO B 326 59.28 36.14 -16.77
C PRO B 326 59.58 35.53 -15.39
N SER B 327 58.56 34.98 -14.74
CA SER B 327 58.59 34.47 -13.34
C SER B 327 58.69 32.95 -13.34
N THR B 328 59.35 32.39 -12.33
CA THR B 328 59.15 31.00 -11.88
C THR B 328 57.74 30.85 -11.32
N TRP B 329 57.44 31.56 -10.23
CA TRP B 329 56.35 31.22 -9.29
C TRP B 329 55.00 31.58 -9.91
N LEU B 330 54.81 32.85 -10.29
CA LEU B 330 53.60 33.34 -11.00
C LEU B 330 53.18 32.30 -12.03
N THR B 331 54.10 31.94 -12.93
CA THR B 331 53.94 30.84 -13.93
C THR B 331 53.62 29.53 -13.20
N ALA B 332 54.45 29.16 -12.22
CA ALA B 332 54.31 27.94 -11.41
C ALA B 332 52.87 27.83 -10.87
N TYR B 333 52.31 28.95 -10.41
CA TYR B 333 50.95 29.05 -9.79
C TYR B 333 49.88 28.81 -10.86
N VAL B 334 49.86 29.66 -11.90
CA VAL B 334 48.83 29.64 -12.99
C VAL B 334 48.86 28.27 -13.67
N VAL B 335 49.99 27.57 -13.58
CA VAL B 335 50.11 26.13 -13.97
C VAL B 335 49.20 25.32 -13.07
N LYS B 336 49.12 25.68 -11.77
CA LYS B 336 48.40 24.93 -10.70
C LYS B 336 46.91 25.29 -10.72
N VAL B 337 46.58 26.58 -10.95
CA VAL B 337 45.20 27.12 -10.91
C VAL B 337 44.45 26.65 -12.16
N PHE B 338 45.07 26.77 -13.33
CA PHE B 338 44.59 26.19 -14.62
C PHE B 338 44.55 24.67 -14.50
N SER B 339 45.56 24.09 -13.85
CA SER B 339 45.82 22.63 -13.79
C SER B 339 44.48 21.87 -13.70
N LEU B 340 43.61 22.26 -12.77
CA LEU B 340 42.27 21.65 -12.56
C LEU B 340 41.21 22.76 -12.39
N ALA B 341 41.37 23.87 -13.14
CA ALA B 341 40.26 24.68 -13.70
C ALA B 341 39.99 24.24 -15.15
N VAL B 342 40.64 23.14 -15.57
CA VAL B 342 40.47 22.53 -16.93
C VAL B 342 39.07 21.92 -17.01
N ASN B 343 38.66 21.17 -15.98
CA ASN B 343 37.32 20.55 -15.87
C ASN B 343 36.27 21.65 -15.83
N LEU B 344 36.60 22.78 -15.22
CA LEU B 344 35.67 23.91 -15.00
C LEU B 344 35.43 24.64 -16.33
N ILE B 345 36.49 24.87 -17.10
CA ILE B 345 36.46 25.60 -18.41
C ILE B 345 37.56 25.06 -19.31
N ALA B 346 37.20 24.31 -20.36
CA ALA B 346 38.09 23.88 -21.46
C ALA B 346 39.11 24.99 -21.74
N ILE B 347 40.37 24.78 -21.35
CA ILE B 347 41.50 25.73 -21.55
C ILE B 347 42.48 25.10 -22.55
N ASP B 348 43.24 25.95 -23.26
CA ASP B 348 44.14 25.53 -24.38
C ASP B 348 45.23 24.59 -23.84
N SER B 349 45.02 23.27 -23.96
CA SER B 349 45.92 22.20 -23.42
C SER B 349 47.33 22.36 -24.01
N GLN B 350 47.46 23.16 -25.06
CA GLN B 350 48.76 23.62 -25.61
C GLN B 350 49.35 24.69 -24.69
N VAL B 351 48.51 25.64 -24.25
CA VAL B 351 48.93 26.89 -23.54
C VAL B 351 49.35 26.52 -22.11
N LEU B 352 48.85 25.39 -21.60
CA LEU B 352 49.18 24.86 -20.24
C LEU B 352 50.41 23.95 -20.32
N CYS B 353 50.28 22.82 -21.01
CA CYS B 353 51.31 21.75 -21.12
C CYS B 353 52.54 22.28 -21.88
N GLY B 354 52.34 23.30 -22.72
CA GLY B 354 53.42 24.07 -23.36
C GLY B 354 54.04 25.09 -22.41
N ALA B 355 53.33 25.44 -21.33
CA ALA B 355 53.77 26.40 -20.28
C ALA B 355 54.46 25.64 -19.13
N VAL B 356 54.01 24.42 -18.85
CA VAL B 356 54.72 23.45 -17.97
C VAL B 356 56.08 23.14 -18.59
N LYS B 357 56.11 22.99 -19.92
CA LYS B 357 57.31 22.61 -20.71
C LYS B 357 58.41 23.67 -20.52
N TRP B 358 58.05 24.96 -20.57
CA TRP B 358 58.99 26.11 -20.51
C TRP B 358 59.67 26.18 -19.12
N LEU B 359 58.91 25.84 -18.06
CA LEU B 359 59.33 26.04 -16.65
C LEU B 359 60.48 25.07 -16.32
N ILE B 360 60.37 23.82 -16.79
CA ILE B 360 61.39 22.74 -16.58
C ILE B 360 62.60 23.01 -17.47
N LEU B 361 62.39 23.70 -18.61
CA LEU B 361 63.42 23.91 -19.68
C LEU B 361 64.44 24.95 -19.20
N GLU B 362 64.00 26.17 -18.90
CA GLU B 362 64.87 27.35 -18.60
C GLU B 362 64.49 27.93 -17.22
N LYS B 363 64.46 27.08 -16.18
CA LYS B 363 64.25 27.52 -14.76
C LYS B 363 64.54 26.34 -13.80
N GLN B 364 65.12 25.24 -14.30
CA GLN B 364 65.49 24.03 -13.50
C GLN B 364 66.71 23.33 -14.13
N LYS B 365 67.61 22.80 -13.27
CA LYS B 365 68.94 22.21 -13.67
C LYS B 365 69.03 20.77 -13.14
N PRO B 366 70.26 20.17 -13.07
CA PRO B 366 70.38 18.74 -12.76
C PRO B 366 70.12 18.41 -11.29
N ASP B 367 70.46 19.33 -10.38
CA ASP B 367 70.20 19.21 -8.92
C ASP B 367 68.74 18.79 -8.70
N GLY B 368 67.79 19.54 -9.31
CA GLY B 368 66.34 19.23 -9.28
C GLY B 368 65.52 20.37 -8.67
N VAL B 369 66.16 21.52 -8.43
CA VAL B 369 65.54 22.73 -7.79
C VAL B 369 64.90 23.59 -8.89
N PHE B 370 64.26 24.70 -8.50
CA PHE B 370 63.71 25.73 -9.41
C PHE B 370 64.17 27.12 -8.94
N GLN B 371 64.60 27.98 -9.88
CA GLN B 371 65.05 29.37 -9.62
C GLN B 371 63.89 30.18 -9.03
N GLU B 372 64.12 30.87 -7.92
CA GLU B 372 63.28 32.01 -7.45
C GLU B 372 63.97 33.32 -7.84
N ASP B 373 64.13 33.55 -9.14
CA ASP B 373 64.04 34.88 -9.79
C ASP B 373 62.63 35.05 -10.36
N ALA B 374 61.63 35.18 -9.47
CA ALA B 374 60.21 35.38 -9.79
C ALA B 374 59.63 36.49 -8.91
N PRO B 375 60.15 37.74 -9.02
CA PRO B 375 59.68 38.84 -8.17
C PRO B 375 58.28 39.31 -8.58
N VAL B 376 57.23 38.79 -7.93
CA VAL B 376 55.80 39.08 -8.26
C VAL B 376 55.38 40.39 -7.57
N ILE B 377 56.31 41.35 -7.47
CA ILE B 377 56.10 42.71 -6.87
C ILE B 377 55.61 42.54 -5.42
N HIS B 378 54.31 42.31 -5.24
CA HIS B 378 53.69 42.03 -3.92
C HIS B 378 53.72 40.52 -3.65
N GLN B 379 54.63 40.06 -2.76
CA GLN B 379 54.98 38.63 -2.54
C GLN B 379 54.09 38.05 -1.44
N GLU B 380 52.86 38.56 -1.31
CA GLU B 380 51.92 38.26 -0.19
C GLU B 380 50.96 37.15 -0.63
N MET B 381 50.55 37.17 -1.89
CA MET B 381 49.91 36.03 -2.58
C MET B 381 50.77 34.77 -2.41
N ILE B 382 52.10 34.95 -2.41
CA ILE B 382 53.12 33.86 -2.49
C ILE B 382 52.95 32.91 -1.29
N GLY B 383 52.50 33.44 -0.15
CA GLY B 383 52.30 32.69 1.11
C GLY B 383 53.52 32.78 2.01
N GLY B 384 53.96 31.64 2.57
CA GLY B 384 55.07 31.53 3.54
C GLY B 384 56.38 31.16 2.86
N LEU B 385 56.53 31.54 1.58
CA LEU B 385 57.78 31.34 0.79
C LEU B 385 58.52 32.68 0.68
N ARG B 386 57.82 33.80 0.97
CA ARG B 386 58.40 35.17 1.04
C ARG B 386 59.59 35.17 2.00
N ASN B 387 59.46 34.47 3.14
CA ASN B 387 60.47 34.43 4.23
C ASN B 387 61.70 33.63 3.74
N ASN B 388 62.89 34.07 4.13
CA ASN B 388 64.16 33.84 3.39
C ASN B 388 64.77 32.49 3.79
N ASN B 389 63.92 31.54 4.18
CA ASN B 389 64.33 30.25 4.80
C ASN B 389 63.80 29.09 3.93
N GLU B 390 64.72 28.28 3.40
CA GLU B 390 64.43 27.09 2.57
C GLU B 390 63.67 27.51 1.30
N LYS B 391 63.99 28.70 0.77
CA LYS B 391 63.29 29.30 -0.41
C LYS B 391 63.53 28.42 -1.65
N ASP B 392 64.73 27.83 -1.78
CA ASP B 392 65.13 26.93 -2.91
C ASP B 392 64.62 25.50 -2.61
N MET B 393 64.30 25.23 -1.35
CA MET B 393 63.83 23.90 -0.88
C MET B 393 62.29 23.89 -0.82
N ALA B 394 61.69 25.04 -0.46
CA ALA B 394 60.22 25.20 -0.20
C ALA B 394 59.49 25.44 -1.52
N LEU B 395 59.92 26.46 -2.27
CA LEU B 395 59.41 26.77 -3.65
C LEU B 395 59.43 25.50 -4.50
N THR B 396 60.58 24.82 -4.56
CA THR B 396 60.82 23.60 -5.38
C THR B 396 59.71 22.57 -5.12
N ALA B 397 59.19 22.53 -3.88
CA ALA B 397 58.14 21.60 -3.42
C ALA B 397 56.77 22.06 -3.96
N PHE B 398 56.49 23.37 -3.87
CA PHE B 398 55.26 24.02 -4.41
C PHE B 398 55.21 23.84 -5.93
N VAL B 399 56.29 24.23 -6.62
CA VAL B 399 56.38 24.31 -8.11
C VAL B 399 56.24 22.89 -8.68
N LEU B 400 56.63 21.87 -7.90
CA LEU B 400 56.46 20.43 -8.27
C LEU B 400 54.99 20.04 -8.13
N ILE B 401 54.27 20.68 -7.20
CA ILE B 401 52.79 20.51 -7.00
C ILE B 401 52.09 20.87 -8.32
N SER B 402 52.44 22.02 -8.90
CA SER B 402 51.86 22.55 -10.16
C SER B 402 52.07 21.53 -11.30
N LEU B 403 53.15 20.73 -11.23
CA LEU B 403 53.47 19.66 -12.22
C LEU B 403 52.55 18.46 -12.00
N GLN B 404 52.13 18.23 -10.75
CA GLN B 404 51.42 16.99 -10.31
C GLN B 404 49.96 17.08 -10.75
N GLU B 405 49.33 18.25 -10.58
CA GLU B 405 47.90 18.49 -10.91
C GLU B 405 47.72 18.46 -12.44
N ALA B 406 48.74 18.93 -13.18
CA ALA B 406 48.79 18.97 -14.66
C ALA B 406 49.78 17.91 -15.19
N LYS B 407 50.01 16.86 -14.39
CA LYS B 407 50.89 15.71 -14.75
C LYS B 407 50.16 14.82 -15.76
N ASP B 408 48.93 14.40 -15.43
CA ASP B 408 48.20 13.29 -16.11
C ASP B 408 47.79 13.76 -17.51
N ILE B 409 47.60 15.06 -17.70
CA ILE B 409 46.97 15.66 -18.92
C ILE B 409 48.06 15.97 -19.95
N CYS B 410 49.32 16.11 -19.50
CA CYS B 410 50.44 16.71 -20.27
C CYS B 410 51.42 15.62 -20.73
N GLU B 411 51.24 14.38 -20.26
CA GLU B 411 52.24 13.28 -20.36
C GLU B 411 52.39 12.86 -21.83
N GLU B 412 51.49 13.31 -22.71
CA GLU B 412 51.53 13.06 -24.17
C GLU B 412 52.12 14.29 -24.88
N GLN B 413 51.46 15.46 -24.73
CA GLN B 413 51.84 16.74 -25.40
C GLN B 413 53.33 17.01 -25.17
N VAL B 414 53.85 16.64 -23.99
CA VAL B 414 55.30 16.69 -23.65
C VAL B 414 55.66 15.36 -22.95
N ASN B 415 56.52 14.54 -23.58
CA ASN B 415 56.98 13.22 -23.04
C ASN B 415 58.30 13.41 -22.28
N SER B 416 58.96 14.56 -22.47
CA SER B 416 60.25 14.92 -21.82
C SER B 416 60.00 15.30 -20.35
N LEU B 417 58.80 15.80 -20.04
CA LEU B 417 58.41 16.34 -18.71
C LEU B 417 58.36 15.20 -17.68
N PRO B 418 57.68 14.06 -17.99
CA PRO B 418 57.60 12.95 -17.04
C PRO B 418 58.93 12.67 -16.34
N GLY B 419 60.02 12.60 -17.11
CA GLY B 419 61.40 12.48 -16.60
C GLY B 419 61.68 13.50 -15.50
N SER B 420 61.42 14.79 -15.79
CA SER B 420 61.69 15.95 -14.88
C SER B 420 61.02 15.73 -13.52
N ILE B 421 59.71 15.43 -13.54
CA ILE B 421 58.86 15.24 -12.33
C ILE B 421 59.56 14.26 -11.38
N THR B 422 59.88 13.06 -11.88
CA THR B 422 60.46 11.94 -11.09
C THR B 422 61.78 12.39 -10.44
N LYS B 423 62.62 13.12 -11.19
CA LYS B 423 64.06 13.39 -10.86
C LYS B 423 64.13 14.30 -9.62
N ALA B 424 63.44 15.44 -9.66
CA ALA B 424 63.27 16.37 -8.53
C ALA B 424 62.56 15.66 -7.36
N GLY B 425 61.66 14.70 -7.68
CA GLY B 425 60.99 13.83 -6.70
C GLY B 425 61.97 13.19 -5.74
N ASP B 426 63.17 12.89 -6.22
CA ASP B 426 64.31 12.40 -5.40
C ASP B 426 64.83 13.55 -4.53
N PHE B 427 65.09 14.71 -5.14
CA PHE B 427 65.87 15.84 -4.55
C PHE B 427 65.08 16.46 -3.38
N LEU B 428 63.76 16.25 -3.35
CA LEU B 428 62.85 16.73 -2.27
C LEU B 428 62.58 15.57 -1.28
N GLU B 429 63.02 14.36 -1.61
CA GLU B 429 62.95 13.16 -0.73
C GLU B 429 64.15 13.15 0.23
N ALA B 430 65.33 13.51 -0.29
CA ALA B 430 66.63 13.42 0.42
C ALA B 430 66.78 14.59 1.41
N ASN B 431 66.19 15.74 1.07
CA ASN B 431 66.52 17.06 1.68
C ASN B 431 65.39 17.48 2.65
N TYR B 432 64.24 16.79 2.61
CA TYR B 432 62.98 17.18 3.33
C TYR B 432 62.95 16.51 4.72
N MET B 433 64.13 16.23 5.31
CA MET B 433 64.31 15.60 6.65
C MET B 433 64.88 16.63 7.64
N ASN B 434 65.69 17.59 7.14
CA ASN B 434 66.39 18.62 7.95
C ASN B 434 65.79 20.00 7.64
N LEU B 435 64.47 20.14 7.81
CA LEU B 435 63.74 21.43 7.69
C LEU B 435 63.07 21.75 9.03
N GLN B 436 63.02 23.03 9.40
CA GLN B 436 62.51 23.52 10.72
C GLN B 436 61.10 24.11 10.53
N ARG B 437 60.98 25.17 9.71
CA ARG B 437 59.70 25.89 9.44
C ARG B 437 58.59 24.85 9.14
N SER B 438 57.42 25.01 9.79
CA SER B 438 56.29 24.02 9.78
C SER B 438 55.32 24.33 8.62
N TYR B 439 55.46 25.52 8.02
CA TYR B 439 55.08 25.82 6.61
C TYR B 439 55.76 24.79 5.69
N THR B 440 57.09 24.89 5.55
CA THR B 440 57.91 24.21 4.50
C THR B 440 57.90 22.68 4.73
N VAL B 441 57.69 22.25 5.98
CA VAL B 441 57.56 20.81 6.38
C VAL B 441 56.42 20.19 5.59
N ALA B 442 55.32 20.94 5.41
CA ALA B 442 53.97 20.42 5.06
C ALA B 442 53.83 20.33 3.53
N ILE B 443 54.16 21.41 2.81
CA ILE B 443 54.19 21.46 1.31
C ILE B 443 55.00 20.25 0.81
N ALA B 444 56.29 20.17 1.16
CA ALA B 444 57.24 19.12 0.72
C ALA B 444 56.68 17.73 1.04
N GLY B 445 56.02 17.58 2.20
CA GLY B 445 55.37 16.32 2.65
C GLY B 445 54.30 15.85 1.65
N TYR B 446 53.52 16.80 1.12
CA TYR B 446 52.48 16.57 0.07
C TYR B 446 53.16 16.09 -1.23
N ALA B 447 54.18 16.83 -1.68
CA ALA B 447 54.81 16.71 -3.01
C ALA B 447 55.10 15.23 -3.34
N LEU B 448 55.80 14.55 -2.44
CA LEU B 448 56.23 13.14 -2.64
C LEU B 448 55.03 12.21 -2.41
N ALA B 449 54.31 12.41 -1.29
CA ALA B 449 53.16 11.56 -0.87
C ALA B 449 52.23 11.33 -2.05
N GLN B 450 52.03 12.37 -2.87
CA GLN B 450 51.31 12.31 -4.18
C GLN B 450 51.92 11.19 -5.03
N MET B 451 53.25 11.23 -5.23
CA MET B 451 54.00 10.29 -6.10
C MET B 451 54.31 9.00 -5.32
N GLY B 452 53.69 8.83 -4.15
CA GLY B 452 53.76 7.61 -3.33
C GLY B 452 55.16 7.38 -2.80
N ARG B 453 56.04 8.38 -2.94
CA ARG B 453 57.47 8.30 -2.53
C ARG B 453 57.55 8.29 -0.99
N LEU B 454 56.50 8.78 -0.31
CA LEU B 454 56.46 8.95 1.17
C LEU B 454 55.96 7.65 1.82
N LYS B 455 56.89 6.76 2.22
CA LYS B 455 56.64 5.57 3.08
C LYS B 455 57.10 5.89 4.52
N GLY B 456 57.36 4.85 5.34
CA GLY B 456 57.50 4.93 6.81
C GLY B 456 58.56 5.96 7.24
N PRO B 457 59.78 5.94 6.64
CA PRO B 457 60.89 6.76 7.13
C PRO B 457 60.56 8.26 7.28
N LEU B 458 60.21 8.94 6.17
CA LEU B 458 59.96 10.41 6.11
C LEU B 458 58.46 10.69 6.33
N LEU B 459 57.64 9.63 6.31
CA LEU B 459 56.19 9.69 6.70
C LEU B 459 56.08 10.21 8.12
N ASN B 460 56.81 9.61 9.06
CA ASN B 460 56.61 9.76 10.52
C ASN B 460 57.58 10.83 11.06
N LYS B 461 58.19 11.61 10.15
CA LYS B 461 58.79 12.93 10.45
C LYS B 461 57.76 14.03 10.19
N PHE B 462 57.19 14.03 8.98
CA PHE B 462 56.06 14.90 8.56
C PHE B 462 54.86 14.67 9.51
N LEU B 463 54.47 13.41 9.69
CA LEU B 463 53.35 12.98 10.58
C LEU B 463 53.53 13.62 11.98
N THR B 464 54.75 13.55 12.54
CA THR B 464 55.08 13.92 13.96
C THR B 464 54.86 15.43 14.17
N THR B 465 55.21 16.24 13.15
CA THR B 465 55.07 17.73 13.16
C THR B 465 53.62 18.10 13.52
N ALA B 466 52.66 17.25 13.11
CA ALA B 466 51.23 17.36 13.45
C ALA B 466 51.08 17.57 14.97
N LYS B 467 50.35 18.61 15.36
CA LYS B 467 50.12 19.00 16.78
C LYS B 467 49.06 18.06 17.37
N ASP B 468 49.44 16.82 17.68
CA ASP B 468 48.53 15.72 18.09
C ASP B 468 47.51 15.49 16.97
N LYS B 469 47.96 15.58 15.72
CA LYS B 469 47.24 15.11 14.50
C LYS B 469 46.07 16.08 14.19
N ASN B 470 46.31 17.39 14.30
CA ASN B 470 45.24 18.44 14.28
C ASN B 470 45.68 19.62 13.38
N ARG B 471 46.97 20.03 13.43
CA ARG B 471 47.50 21.22 12.69
C ARG B 471 49.04 21.16 12.58
N TRP B 472 49.58 21.77 11.51
CA TRP B 472 51.01 22.22 11.37
C TRP B 472 51.06 23.75 11.40
N GLU B 473 52.10 24.34 12.02
CA GLU B 473 52.26 25.82 12.10
C GLU B 473 53.54 26.19 12.87
N ASP B 474 53.87 27.49 12.87
CA ASP B 474 54.99 28.11 13.63
C ASP B 474 54.52 29.45 14.20
N PRO B 475 55.41 30.27 14.81
CA PRO B 475 55.12 31.68 15.04
C PRO B 475 55.23 32.51 13.74
N GLY B 476 54.15 33.23 13.38
CA GLY B 476 54.13 34.19 12.26
C GLY B 476 52.71 34.61 11.90
N LYS B 477 52.47 34.95 10.63
CA LYS B 477 51.12 35.17 10.05
C LYS B 477 50.27 33.93 10.30
N GLN B 478 49.01 34.12 10.72
CA GLN B 478 48.09 33.04 11.20
C GLN B 478 47.38 32.41 9.99
N LEU B 479 47.51 33.03 8.81
CA LEU B 479 46.96 32.49 7.52
C LEU B 479 48.02 31.60 6.86
N TYR B 480 49.30 31.73 7.29
CA TYR B 480 50.45 30.87 6.88
C TYR B 480 50.24 29.44 7.39
N ASN B 481 49.81 29.32 8.64
CA ASN B 481 49.55 28.03 9.33
C ASN B 481 48.39 27.32 8.64
N VAL B 482 47.38 28.10 8.23
CA VAL B 482 46.07 27.59 7.72
C VAL B 482 46.29 26.95 6.35
N GLU B 483 47.04 27.62 5.47
CA GLU B 483 47.40 27.13 4.11
C GLU B 483 48.36 25.95 4.25
N ALA B 484 49.24 25.99 5.25
CA ALA B 484 50.23 24.93 5.56
C ALA B 484 49.49 23.64 5.95
N THR B 485 48.54 23.74 6.88
CA THR B 485 47.74 22.59 7.42
C THR B 485 47.05 21.87 6.26
N SER B 486 46.59 22.63 5.26
CA SER B 486 45.81 22.14 4.11
C SER B 486 46.71 21.26 3.21
N TYR B 487 47.78 21.85 2.65
CA TYR B 487 48.84 21.13 1.90
C TYR B 487 49.04 19.76 2.51
N ALA B 488 49.31 19.72 3.82
CA ALA B 488 49.47 18.49 4.62
C ALA B 488 48.25 17.59 4.44
N LEU B 489 47.07 18.11 4.78
CA LEU B 489 45.78 17.39 4.68
C LEU B 489 45.70 16.65 3.35
N LEU B 490 45.87 17.38 2.24
CA LEU B 490 45.78 16.85 0.84
C LEU B 490 46.57 15.52 0.75
N ALA B 491 47.74 15.47 1.39
CA ALA B 491 48.63 14.30 1.44
C ALA B 491 47.90 13.12 2.12
N LEU B 492 47.28 13.39 3.27
CA LEU B 492 46.70 12.35 4.17
C LEU B 492 45.68 11.52 3.40
N LEU B 493 44.94 12.16 2.48
CA LEU B 493 43.86 11.52 1.68
C LEU B 493 44.42 11.08 0.33
N GLN B 494 45.63 11.55 -0.02
CA GLN B 494 46.40 11.09 -1.20
C GLN B 494 47.07 9.74 -0.86
N LEU B 495 47.54 9.58 0.38
CA LEU B 495 48.18 8.32 0.88
C LEU B 495 47.12 7.44 1.58
N LYS B 496 45.89 7.97 1.73
CA LYS B 496 44.64 7.19 1.98
C LYS B 496 44.62 6.70 3.44
N ASP B 497 45.10 7.52 4.38
CA ASP B 497 45.06 7.24 5.84
C ASP B 497 43.79 7.88 6.44
N PHE B 498 42.63 7.24 6.22
CA PHE B 498 41.29 7.71 6.63
C PHE B 498 41.18 7.68 8.17
N ASP B 499 42.02 6.86 8.82
CA ASP B 499 42.15 6.78 10.31
C ASP B 499 42.45 8.18 10.86
N PHE B 500 43.50 8.82 10.35
CA PHE B 500 44.24 9.94 10.99
C PHE B 500 43.62 11.27 10.55
N VAL B 501 42.73 11.21 9.56
CA VAL B 501 42.25 12.38 8.75
C VAL B 501 41.35 13.26 9.63
N PRO B 502 40.18 12.74 10.09
CA PRO B 502 39.07 13.61 10.49
C PRO B 502 39.48 14.79 11.38
N PRO B 503 40.18 14.54 12.52
CA PRO B 503 40.35 15.58 13.55
C PRO B 503 41.11 16.82 13.05
N VAL B 504 41.85 16.68 11.95
CA VAL B 504 42.50 17.81 11.22
C VAL B 504 41.39 18.70 10.66
N VAL B 505 40.41 18.08 9.97
CA VAL B 505 39.28 18.76 9.28
C VAL B 505 38.53 19.65 10.28
N ARG B 506 38.42 19.19 11.53
CA ARG B 506 37.71 19.89 12.63
C ARG B 506 38.46 21.17 12.96
N TRP B 507 39.81 21.09 13.05
CA TRP B 507 40.69 22.23 13.41
C TRP B 507 40.58 23.33 12.34
N LEU B 508 40.32 22.95 11.09
CA LEU B 508 40.03 23.88 9.97
C LEU B 508 38.72 24.63 10.27
N ASN B 509 37.63 23.89 10.40
CA ASN B 509 36.27 24.43 10.59
C ASN B 509 36.19 25.18 11.92
N GLU B 510 37.17 24.97 12.80
CA GLU B 510 37.43 25.79 14.02
C GLU B 510 37.84 27.21 13.59
N GLN B 511 38.82 27.31 12.68
CA GLN B 511 39.39 28.60 12.21
C GLN B 511 38.36 29.33 11.35
N ARG B 512 37.30 28.62 10.93
CA ARG B 512 36.17 29.20 10.14
C ARG B 512 36.73 30.12 9.05
N TYR B 513 37.81 29.70 8.40
CA TYR B 513 38.52 30.49 7.37
C TYR B 513 37.74 30.44 6.06
N TYR B 514 37.44 31.61 5.50
CA TYR B 514 36.65 31.77 4.26
C TYR B 514 37.46 32.60 3.25
N GLY B 515 38.50 33.29 3.72
CA GLY B 515 39.53 33.95 2.88
C GLY B 515 38.95 35.12 2.10
N GLY B 516 39.83 35.92 1.48
CA GLY B 516 39.46 37.12 0.69
C GLY B 516 39.94 38.40 1.35
N GLY B 517 41.22 38.44 1.74
CA GLY B 517 41.84 39.56 2.49
C GLY B 517 43.32 39.71 2.15
N TYR B 518 43.85 40.93 2.24
CA TYR B 518 45.25 41.30 1.90
C TYR B 518 46.17 40.11 2.18
N GLY B 519 46.58 39.40 1.12
CA GLY B 519 47.49 38.25 1.19
C GLY B 519 46.79 37.02 1.73
N SER B 520 45.76 36.56 1.04
CA SER B 520 45.01 35.32 1.34
C SER B 520 45.12 34.34 0.17
N THR B 521 45.61 34.83 -0.97
CA THR B 521 45.41 34.23 -2.31
C THR B 521 45.69 32.73 -2.25
N GLN B 522 46.88 32.36 -1.76
CA GLN B 522 47.40 30.98 -1.74
C GLN B 522 46.80 30.22 -0.55
N ALA B 523 46.49 30.94 0.53
CA ALA B 523 45.82 30.41 1.73
C ALA B 523 44.39 29.98 1.37
N THR B 524 43.62 30.89 0.76
CA THR B 524 42.22 30.67 0.32
C THR B 524 42.16 29.40 -0.54
N PHE B 525 42.57 29.50 -1.80
CA PHE B 525 42.69 28.36 -2.74
C PHE B 525 42.90 27.07 -1.95
N MET B 526 44.09 26.91 -1.37
CA MET B 526 44.62 25.61 -0.86
C MET B 526 43.61 24.98 0.09
N VAL B 527 43.19 25.74 1.11
CA VAL B 527 42.13 25.33 2.09
C VAL B 527 41.05 24.55 1.34
N PHE B 528 40.36 25.21 0.41
CA PHE B 528 39.06 24.77 -0.18
C PHE B 528 39.30 23.61 -1.15
N GLN B 529 40.49 23.55 -1.76
CA GLN B 529 40.93 22.44 -2.64
C GLN B 529 41.04 21.18 -1.81
N ALA B 530 41.62 21.29 -0.61
CA ALA B 530 41.81 20.20 0.36
C ALA B 530 40.45 19.67 0.82
N LEU B 531 39.50 20.57 1.08
CA LEU B 531 38.15 20.25 1.62
C LEU B 531 37.26 19.70 0.50
N ALA B 532 37.65 19.91 -0.76
CA ALA B 532 36.96 19.40 -1.97
C ALA B 532 37.45 17.99 -2.28
N GLN B 533 38.78 17.82 -2.36
CA GLN B 533 39.46 16.50 -2.34
C GLN B 533 38.83 15.61 -1.27
N TYR B 534 38.91 16.04 -0.01
CA TYR B 534 38.35 15.34 1.17
C TYR B 534 36.99 14.72 0.79
N GLN B 535 36.07 15.54 0.32
CA GLN B 535 34.61 15.25 0.30
C GLN B 535 34.30 14.21 -0.77
N LYS B 536 35.19 14.04 -1.75
CA LYS B 536 35.06 13.07 -2.87
C LYS B 536 35.80 11.78 -2.51
N ASP B 537 36.80 11.88 -1.63
CA ASP B 537 37.58 10.74 -1.08
C ASP B 537 36.79 10.13 0.09
N ALA B 538 35.97 10.95 0.76
CA ALA B 538 35.38 10.67 2.10
C ALA B 538 34.41 9.50 1.99
N PRO B 539 34.56 8.47 2.85
CA PRO B 539 33.60 7.38 2.89
C PRO B 539 32.66 7.51 4.10
N ASP B 540 31.36 7.32 3.88
CA ASP B 540 30.35 6.99 4.92
C ASP B 540 29.99 5.50 4.79
N HIS B 541 29.82 5.04 3.55
CA HIS B 541 30.03 3.63 3.10
C HIS B 541 31.12 2.97 3.96
N GLN B 542 30.73 2.30 5.05
CA GLN B 542 31.58 1.37 5.83
C GLN B 542 31.55 -0.01 5.17
N GLU B 543 32.63 -0.38 4.47
CA GLU B 543 32.69 -1.52 3.51
C GLU B 543 31.74 -2.64 3.97
N LEU B 544 30.70 -2.94 3.17
CA LEU B 544 29.74 -4.06 3.39
C LEU B 544 29.85 -5.08 2.24
N ASN B 545 30.16 -6.34 2.56
CA ASN B 545 30.15 -7.48 1.62
C ASN B 545 30.16 -8.79 2.42
N LEU B 546 29.07 -9.55 2.35
CA LEU B 546 28.86 -10.81 3.13
C LEU B 546 28.62 -11.97 2.15
N ASP B 547 29.56 -12.94 2.11
CA ASP B 547 29.46 -14.19 1.31
C ASP B 547 28.83 -15.28 2.19
N VAL B 548 27.81 -14.92 2.97
CA VAL B 548 27.27 -15.73 4.10
C VAL B 548 26.42 -16.88 3.51
N SER B 549 26.76 -18.14 3.86
CA SER B 549 26.02 -19.37 3.48
C SER B 549 25.79 -20.24 4.72
N LEU B 550 25.07 -21.35 4.55
CA LEU B 550 24.79 -22.35 5.61
C LEU B 550 24.14 -23.59 4.99
N GLN B 551 24.93 -24.66 4.80
CA GLN B 551 24.45 -25.98 4.28
C GLN B 551 23.44 -26.56 5.28
N LEU B 552 22.17 -26.55 4.90
CA LEU B 552 21.03 -27.05 5.73
C LEU B 552 21.06 -28.58 5.75
N PRO B 553 20.84 -29.21 6.93
CA PRO B 553 20.57 -30.64 6.99
C PRO B 553 19.36 -31.05 6.13
N SER B 554 18.33 -30.18 6.05
CA SER B 554 16.98 -30.48 5.51
C SER B 554 17.03 -30.52 3.97
N ARG B 555 17.30 -29.37 3.34
CA ARG B 555 17.46 -29.24 1.87
C ARG B 555 18.84 -29.77 1.46
N SER B 556 18.95 -30.28 0.22
CA SER B 556 20.18 -30.90 -0.32
C SER B 556 21.10 -29.83 -0.92
N SER B 557 20.50 -28.76 -1.49
CA SER B 557 21.20 -27.64 -2.16
C SER B 557 21.40 -26.48 -1.17
N LYS B 558 22.64 -25.98 -1.06
CA LYS B 558 23.05 -24.93 -0.06
C LYS B 558 22.26 -23.65 -0.33
N ILE B 559 22.29 -22.70 0.60
CA ILE B 559 21.77 -21.31 0.42
C ILE B 559 22.87 -20.31 0.77
N THR B 560 23.57 -19.79 -0.25
CA THR B 560 24.53 -18.66 -0.13
C THR B 560 23.82 -17.35 -0.49
N HIS B 561 24.27 -16.24 0.10
CA HIS B 561 23.70 -14.88 -0.11
C HIS B 561 24.84 -13.87 -0.26
N ARG B 562 24.58 -12.80 -1.01
CA ARG B 562 25.56 -11.74 -1.31
C ARG B 562 24.95 -10.37 -0.94
N ILE B 563 25.01 -10.01 0.34
CA ILE B 563 24.60 -8.67 0.86
C ILE B 563 25.80 -7.73 0.83
N HIS B 564 25.74 -6.68 0.03
CA HIS B 564 26.78 -5.63 -0.09
C HIS B 564 26.11 -4.25 -0.18
N TRP B 565 26.91 -3.18 -0.15
CA TRP B 565 26.47 -1.77 -0.36
C TRP B 565 26.28 -1.53 -1.87
N GLU B 566 25.47 -0.53 -2.22
CA GLU B 566 24.83 -0.39 -3.57
C GLU B 566 24.17 -1.72 -3.94
N SER B 567 23.63 -2.44 -2.93
CA SER B 567 22.60 -3.49 -3.08
C SER B 567 21.39 -3.14 -2.21
N ALA B 568 20.18 -3.29 -2.75
CA ALA B 568 18.91 -2.85 -2.12
C ALA B 568 18.40 -3.94 -1.19
N SER B 569 18.24 -5.16 -1.71
CA SER B 569 17.57 -6.30 -1.02
C SER B 569 18.41 -6.76 0.17
N LEU B 570 18.13 -6.21 1.36
CA LEU B 570 18.99 -6.34 2.58
C LEU B 570 18.36 -7.33 3.57
N LEU B 571 17.36 -8.10 3.11
CA LEU B 571 16.55 -9.01 3.97
C LEU B 571 16.34 -10.35 3.24
N ARG B 572 17.43 -11.08 3.01
CA ARG B 572 17.40 -12.47 2.48
C ARG B 572 16.92 -13.42 3.60
N SER B 573 16.17 -14.47 3.21
CA SER B 573 15.38 -15.34 4.13
C SER B 573 14.84 -16.57 3.38
N GLU B 574 14.92 -17.74 4.00
CA GLU B 574 14.25 -19.00 3.56
C GLU B 574 13.87 -19.82 4.81
N GLU B 575 12.80 -20.62 4.71
CA GLU B 575 12.06 -21.19 5.88
C GLU B 575 11.78 -22.68 5.64
N THR B 576 12.55 -23.55 6.30
CA THR B 576 12.32 -25.03 6.36
C THR B 576 11.09 -25.32 7.23
N LYS B 577 10.37 -26.40 6.93
CA LYS B 577 9.13 -26.83 7.65
C LYS B 577 9.46 -27.97 8.62
N GLU B 578 10.69 -28.50 8.54
CA GLU B 578 11.29 -29.40 9.55
C GLU B 578 12.27 -28.60 10.42
N ASN B 579 12.52 -29.08 11.63
CA ASN B 579 13.32 -28.38 12.67
C ASN B 579 14.53 -29.23 13.02
N GLU B 580 15.73 -28.74 12.72
CA GLU B 580 17.02 -29.32 13.19
C GLU B 580 18.04 -28.19 13.37
N GLY B 581 19.13 -28.48 14.09
CA GLY B 581 20.29 -27.58 14.26
C GLY B 581 21.20 -27.62 13.05
N PHE B 582 21.96 -26.55 12.83
CA PHE B 582 22.69 -26.26 11.58
C PHE B 582 23.62 -25.06 11.79
N THR B 583 24.90 -25.25 11.53
CA THR B 583 25.95 -24.19 11.57
C THR B 583 25.73 -23.24 10.39
N VAL B 584 26.32 -22.04 10.47
CA VAL B 584 26.27 -21.00 9.40
C VAL B 584 27.70 -20.54 9.10
N THR B 585 28.08 -20.51 7.82
CA THR B 585 29.34 -19.93 7.30
C THR B 585 29.12 -18.44 7.00
N ALA B 586 29.79 -17.57 7.76
CA ALA B 586 29.64 -16.10 7.69
C ALA B 586 31.01 -15.45 7.47
N GLU B 587 31.33 -15.12 6.21
CA GLU B 587 32.62 -14.51 5.81
C GLU B 587 32.34 -13.29 4.94
N GLY B 588 33.24 -12.30 4.97
CA GLY B 588 33.12 -11.02 4.25
C GLY B 588 33.57 -9.85 5.10
N LYS B 589 32.77 -8.78 5.14
CA LYS B 589 33.09 -7.50 5.83
C LYS B 589 31.80 -6.68 6.01
N GLY B 590 31.46 -6.33 7.25
CA GLY B 590 30.32 -5.46 7.60
C GLY B 590 29.62 -5.88 8.88
N GLN B 591 28.29 -5.71 8.94
CA GLN B 591 27.46 -5.97 10.14
C GLN B 591 26.03 -6.34 9.69
N GLY B 592 25.73 -7.66 9.66
CA GLY B 592 24.37 -8.19 9.43
C GLY B 592 23.78 -8.78 10.71
N THR B 593 22.60 -9.40 10.60
CA THR B 593 21.80 -9.93 11.75
C THR B 593 21.18 -11.27 11.36
N LEU B 594 21.54 -12.33 12.08
CA LEU B 594 20.91 -13.67 11.98
C LEU B 594 20.01 -13.89 13.19
N SER B 595 18.68 -13.90 12.97
CA SER B 595 17.64 -14.33 13.95
C SER B 595 16.92 -15.56 13.41
N VAL B 596 16.53 -16.48 14.30
CA VAL B 596 15.95 -17.81 13.96
C VAL B 596 14.72 -18.04 14.83
N VAL B 597 13.53 -17.98 14.24
CA VAL B 597 12.22 -18.16 14.93
C VAL B 597 11.55 -19.40 14.37
N THR B 598 10.52 -19.89 15.05
CA THR B 598 9.92 -21.22 14.83
C THR B 598 8.52 -21.26 15.45
N MET B 599 7.52 -21.63 14.67
CA MET B 599 6.10 -21.71 15.10
C MET B 599 5.63 -23.17 15.11
N TYR B 600 4.77 -23.53 16.06
CA TYR B 600 4.19 -24.89 16.24
C TYR B 600 2.89 -24.79 17.06
N HIS B 601 2.40 -25.94 17.56
CA HIS B 601 1.16 -26.05 18.39
C HIS B 601 1.55 -26.40 19.84
N ALA B 602 1.77 -25.39 20.67
CA ALA B 602 1.94 -25.52 22.14
C ALA B 602 0.68 -26.13 22.74
N LYS B 603 0.85 -27.01 23.73
CA LYS B 603 -0.23 -27.84 24.30
C LYS B 603 -1.22 -26.95 25.06
N ALA B 604 -2.42 -27.46 25.33
CA ALA B 604 -3.62 -26.69 25.67
C ALA B 604 -3.59 -26.33 27.17
N LYS B 605 -3.82 -25.06 27.50
CA LYS B 605 -4.12 -24.57 28.87
C LYS B 605 -5.62 -24.22 28.96
N ASP B 606 -6.13 -23.96 30.18
CA ASP B 606 -7.59 -23.91 30.54
C ASP B 606 -8.44 -24.36 29.31
N GLN B 607 -8.13 -25.55 28.76
CA GLN B 607 -9.08 -26.40 27.97
C GLN B 607 -9.34 -25.75 26.61
N LEU B 608 -10.62 -25.46 26.30
CA LEU B 608 -11.13 -25.19 24.93
C LEU B 608 -11.44 -23.69 24.80
N THR B 609 -12.24 -23.30 23.79
CA THR B 609 -12.73 -21.89 23.57
C THR B 609 -14.11 -21.71 24.23
N CYS B 610 -14.22 -22.12 25.52
CA CYS B 610 -15.46 -22.05 26.35
C CYS B 610 -15.09 -21.78 27.83
N ASN B 611 -14.57 -20.59 28.12
CA ASN B 611 -14.09 -20.17 29.47
C ASN B 611 -14.55 -18.74 29.74
N LYS B 612 -15.73 -18.36 29.25
CA LYS B 612 -16.39 -17.05 29.55
C LYS B 612 -17.92 -17.24 29.59
N PHE B 613 -18.38 -18.48 29.71
CA PHE B 613 -19.82 -18.85 29.71
C PHE B 613 -19.98 -20.30 30.14
N ASP B 614 -20.24 -20.52 31.43
CA ASP B 614 -20.63 -21.83 32.01
C ASP B 614 -22.13 -22.02 31.81
N LEU B 615 -22.51 -23.17 31.27
CA LEU B 615 -23.93 -23.58 31.08
C LEU B 615 -24.06 -25.11 31.25
N LYS B 616 -25.24 -25.57 31.60
CA LYS B 616 -25.53 -26.97 31.95
C LYS B 616 -26.89 -27.37 31.35
N VAL B 617 -26.90 -28.39 30.50
CA VAL B 617 -28.09 -28.85 29.74
C VAL B 617 -28.56 -30.20 30.32
N THR B 618 -29.83 -30.27 30.73
CA THR B 618 -30.40 -31.39 31.51
C THR B 618 -31.61 -31.95 30.76
N ILE B 619 -31.51 -33.20 30.32
CA ILE B 619 -32.61 -33.92 29.61
C ILE B 619 -33.14 -35.03 30.52
N LYS B 620 -34.40 -34.90 30.95
CA LYS B 620 -35.12 -35.90 31.79
C LYS B 620 -36.59 -35.93 31.39
N PRO B 621 -37.24 -37.13 31.38
CA PRO B 621 -38.65 -37.23 31.01
C PRO B 621 -39.59 -36.70 32.11
N ALA B 622 -40.87 -36.51 31.77
CA ALA B 622 -41.89 -35.86 32.65
C ALA B 622 -43.04 -36.83 32.89
N PRO B 623 -43.79 -36.67 34.02
CA PRO B 623 -44.78 -37.67 34.44
C PRO B 623 -46.06 -37.64 33.60
N ALA B 632 -47.41 -37.01 18.96
CA ALA B 632 -47.14 -36.71 20.39
C ALA B 632 -46.13 -37.72 20.95
N LYS B 633 -46.63 -38.75 21.66
CA LYS B 633 -45.81 -39.85 22.27
C LYS B 633 -44.99 -39.28 23.45
N ASN B 634 -43.66 -39.43 23.41
CA ASN B 634 -42.73 -39.04 24.50
C ASN B 634 -42.96 -37.56 24.86
N THR B 635 -42.45 -37.14 26.01
CA THR B 635 -42.39 -35.71 26.43
C THR B 635 -41.33 -35.55 27.53
N MET B 636 -40.17 -34.98 27.18
CA MET B 636 -39.03 -34.76 28.09
C MET B 636 -38.87 -33.25 28.34
N ILE B 637 -38.51 -32.87 29.56
CA ILE B 637 -38.28 -31.46 29.97
C ILE B 637 -36.80 -31.14 29.80
N LEU B 638 -36.50 -30.03 29.10
CA LEU B 638 -35.14 -29.58 28.77
C LEU B 638 -34.81 -28.33 29.58
N GLU B 639 -33.90 -28.46 30.54
CA GLU B 639 -33.52 -27.38 31.49
C GLU B 639 -32.15 -26.83 31.09
N ILE B 640 -32.07 -25.52 30.84
CA ILE B 640 -30.82 -24.81 30.43
C ILE B 640 -30.43 -23.84 31.54
N CYS B 641 -29.27 -24.06 32.16
CA CYS B 641 -28.74 -23.27 33.30
C CYS B 641 -27.40 -22.65 32.91
N THR B 642 -27.38 -21.32 32.75
CA THR B 642 -26.20 -20.56 32.30
C THR B 642 -25.81 -19.55 33.37
N ARG B 643 -24.59 -19.03 33.29
CA ARG B 643 -24.06 -17.96 34.17
C ARG B 643 -22.84 -17.35 33.49
N TYR B 644 -22.59 -16.07 33.75
CA TYR B 644 -21.52 -15.26 33.09
C TYR B 644 -20.23 -15.38 33.90
N ARG B 645 -19.18 -15.90 33.27
CA ARG B 645 -17.87 -16.19 33.90
C ARG B 645 -17.11 -14.87 34.09
N GLY B 646 -17.82 -13.79 34.40
CA GLY B 646 -17.28 -12.42 34.44
C GLY B 646 -17.66 -11.70 35.72
N ASP B 647 -17.48 -10.38 35.74
CA ASP B 647 -17.36 -9.56 36.97
C ASP B 647 -18.68 -8.83 37.22
N GLN B 648 -19.59 -8.83 36.24
CA GLN B 648 -20.88 -8.11 36.31
C GLN B 648 -21.86 -8.75 35.32
N ASP B 649 -23.15 -8.79 35.69
CA ASP B 649 -24.26 -9.31 34.84
C ASP B 649 -24.03 -8.88 33.39
N ALA B 650 -23.99 -9.86 32.48
CA ALA B 650 -23.78 -9.67 31.03
C ALA B 650 -24.98 -8.91 30.42
N THR B 651 -24.79 -8.36 29.22
CA THR B 651 -25.87 -7.74 28.38
C THR B 651 -26.86 -8.83 27.95
N MET B 652 -27.62 -8.56 26.89
CA MET B 652 -28.36 -9.60 26.13
C MET B 652 -27.39 -10.70 25.75
N SER B 653 -27.92 -11.86 25.40
CA SER B 653 -27.15 -12.95 24.79
C SER B 653 -28.09 -13.95 24.14
N ILE B 654 -27.54 -14.82 23.31
CA ILE B 654 -28.27 -15.72 22.40
C ILE B 654 -28.36 -17.09 23.05
N LEU B 655 -29.52 -17.72 22.99
CA LEU B 655 -29.69 -19.17 23.25
C LEU B 655 -30.06 -19.88 21.94
N ASP B 656 -29.04 -20.39 21.23
CA ASP B 656 -29.19 -21.12 19.94
C ASP B 656 -29.35 -22.61 20.24
N ILE B 657 -30.57 -23.09 20.25
CA ILE B 657 -30.93 -24.48 20.60
C ILE B 657 -31.09 -25.29 19.31
N SER B 658 -30.69 -26.55 19.35
CA SER B 658 -31.12 -27.61 18.40
C SER B 658 -31.93 -28.66 19.15
N MET B 659 -33.08 -29.07 18.57
CA MET B 659 -33.89 -30.23 19.03
C MET B 659 -33.11 -31.52 18.75
N MET B 660 -33.46 -32.60 19.46
CA MET B 660 -33.03 -33.98 19.15
C MET B 660 -33.90 -34.54 18.01
N THR B 661 -33.33 -35.38 17.16
CA THR B 661 -33.98 -35.92 15.94
C THR B 661 -35.45 -36.22 16.25
N GLY B 662 -36.36 -35.66 15.44
CA GLY B 662 -37.82 -35.83 15.59
C GLY B 662 -38.31 -35.34 16.94
N PHE B 663 -38.13 -34.04 17.22
CA PHE B 663 -38.65 -33.34 18.43
C PHE B 663 -39.05 -31.91 18.06
N ALA B 664 -39.85 -31.27 18.91
CA ALA B 664 -40.25 -29.85 18.79
C ALA B 664 -40.86 -29.39 20.11
N PRO B 665 -40.48 -28.20 20.62
CA PRO B 665 -40.89 -27.77 21.96
C PRO B 665 -42.39 -27.48 22.05
N ASP B 666 -42.98 -27.69 23.22
CA ASP B 666 -44.36 -27.28 23.56
C ASP B 666 -44.56 -25.81 23.17
N THR B 667 -45.64 -25.50 22.47
CA THR B 667 -45.93 -24.17 21.90
C THR B 667 -46.41 -23.23 23.01
N ASP B 668 -46.96 -23.78 24.09
CA ASP B 668 -47.51 -23.00 25.22
C ASP B 668 -46.41 -22.74 26.26
N ASP B 669 -45.34 -23.54 26.22
CA ASP B 669 -44.19 -23.45 27.15
C ASP B 669 -43.21 -22.38 26.64
N LEU B 670 -43.23 -22.09 25.32
CA LEU B 670 -42.51 -20.95 24.67
C LEU B 670 -43.32 -19.66 24.88
N LYS B 671 -44.65 -19.76 24.75
CA LYS B 671 -45.61 -18.67 25.07
C LYS B 671 -45.28 -18.10 26.46
N GLN B 672 -45.18 -18.97 27.47
CA GLN B 672 -44.79 -18.60 28.85
C GLN B 672 -43.54 -17.71 28.80
N LEU B 673 -42.48 -18.17 28.12
CA LEU B 673 -41.08 -17.72 28.33
C LEU B 673 -40.87 -16.33 27.72
N ALA B 674 -41.49 -16.07 26.55
CA ALA B 674 -41.39 -14.80 25.80
C ALA B 674 -41.86 -13.63 26.68
N ASN B 675 -42.98 -13.83 27.39
CA ASN B 675 -43.57 -12.83 28.32
C ASN B 675 -42.68 -12.71 29.57
N GLY B 676 -41.36 -12.73 29.39
CA GLY B 676 -40.38 -12.60 30.48
C GLY B 676 -39.75 -11.23 30.51
N VAL B 677 -39.54 -10.69 31.71
CA VAL B 677 -38.99 -9.31 31.93
C VAL B 677 -37.65 -9.20 31.22
N ASP B 678 -36.89 -10.30 31.13
CA ASP B 678 -35.52 -10.34 30.53
C ASP B 678 -35.46 -11.44 29.45
N ARG B 679 -36.62 -11.94 29.02
CA ARG B 679 -36.73 -12.99 27.98
C ARG B 679 -37.51 -12.42 26.78
N TYR B 680 -37.29 -13.00 25.60
CA TYR B 680 -38.00 -12.66 24.35
C TYR B 680 -37.62 -13.69 23.26
N ILE B 681 -38.63 -14.33 22.68
CA ILE B 681 -38.52 -15.14 21.42
C ILE B 681 -39.23 -14.40 20.30
N SER B 682 -38.68 -14.46 19.08
CA SER B 682 -39.29 -13.90 17.85
C SER B 682 -40.61 -14.61 17.57
N LYS B 683 -41.70 -13.84 17.38
CA LYS B 683 -43.05 -14.34 17.04
C LYS B 683 -42.97 -15.18 15.77
N TYR B 684 -41.97 -14.92 14.92
CA TYR B 684 -41.69 -15.67 13.67
C TYR B 684 -41.51 -17.15 13.98
N GLU B 685 -40.90 -17.45 15.15
CA GLU B 685 -40.54 -18.83 15.59
C GLU B 685 -41.68 -19.39 16.44
N LEU B 686 -42.55 -18.51 16.96
CA LEU B 686 -43.74 -18.86 17.75
C LEU B 686 -44.91 -19.19 16.81
N ASP B 687 -44.95 -18.58 15.62
CA ASP B 687 -46.01 -18.80 14.60
C ASP B 687 -45.47 -19.77 13.52
N LYS B 688 -44.27 -20.31 13.73
CA LYS B 688 -43.78 -21.56 13.07
C LYS B 688 -44.32 -22.78 13.83
N ALA B 689 -45.49 -23.30 13.41
CA ALA B 689 -46.11 -24.53 13.98
C ALA B 689 -45.07 -25.66 14.05
N PHE B 690 -45.39 -26.75 14.75
CA PHE B 690 -44.53 -27.97 14.86
C PHE B 690 -44.13 -28.44 13.45
N SER B 691 -44.80 -27.89 12.41
CA SER B 691 -44.37 -27.90 10.98
C SER B 691 -43.06 -28.70 10.83
N ASP B 692 -41.89 -28.03 10.99
CA ASP B 692 -40.55 -28.67 11.03
C ASP B 692 -39.60 -27.77 11.84
N ARG B 693 -40.04 -27.31 13.03
CA ARG B 693 -39.26 -26.41 13.94
C ARG B 693 -38.31 -27.27 14.78
N ASN B 694 -37.09 -27.49 14.29
CA ASN B 694 -36.05 -28.34 14.95
C ASN B 694 -34.87 -27.45 15.39
N THR B 695 -34.79 -26.23 14.86
CA THR B 695 -33.93 -25.14 15.39
C THR B 695 -34.82 -24.09 16.07
N LEU B 696 -34.23 -23.27 16.93
CA LEU B 696 -34.93 -22.26 17.76
C LEU B 696 -33.89 -21.35 18.41
N ILE B 697 -34.20 -20.07 18.53
CA ILE B 697 -33.36 -19.05 19.21
C ILE B 697 -34.19 -18.36 20.27
N ILE B 698 -33.75 -18.43 21.53
CA ILE B 698 -34.32 -17.68 22.68
C ILE B 698 -33.30 -16.64 23.14
N TYR B 699 -33.65 -15.35 23.03
CA TYR B 699 -32.75 -14.21 23.36
C TYR B 699 -32.93 -13.82 24.83
N LEU B 700 -31.83 -13.58 25.52
CA LEU B 700 -31.80 -13.11 26.93
C LEU B 700 -31.32 -11.67 26.96
N ASP B 701 -31.94 -10.84 27.82
CA ASP B 701 -31.68 -9.39 27.93
C ASP B 701 -30.48 -9.17 28.87
N LYS B 702 -30.36 -10.01 29.88
CA LYS B 702 -29.25 -9.98 30.86
C LYS B 702 -29.04 -11.38 31.43
N VAL B 703 -27.84 -11.94 31.25
CA VAL B 703 -27.37 -13.18 31.92
C VAL B 703 -26.54 -12.77 33.14
N SER B 704 -26.78 -13.42 34.28
CA SER B 704 -26.16 -13.08 35.60
C SER B 704 -24.80 -13.77 35.75
N HIS B 705 -23.92 -13.19 36.56
CA HIS B 705 -22.55 -13.71 36.84
C HIS B 705 -22.52 -14.32 38.24
N SER B 706 -23.63 -14.23 38.98
CA SER B 706 -23.68 -14.36 40.47
C SER B 706 -24.53 -15.58 40.85
N GLU B 707 -25.85 -15.53 40.61
CA GLU B 707 -26.74 -16.72 40.59
C GLU B 707 -26.64 -17.39 39.21
N ASP B 708 -27.20 -18.58 39.06
CA ASP B 708 -27.36 -19.29 37.77
C ASP B 708 -28.81 -19.13 37.29
N ASP B 709 -29.03 -18.26 36.29
CA ASP B 709 -30.35 -18.06 35.63
C ASP B 709 -30.69 -19.32 34.81
N CYS B 710 -31.61 -20.15 35.32
CA CYS B 710 -32.12 -21.37 34.64
C CYS B 710 -33.44 -21.06 33.94
N LEU B 711 -33.88 -21.96 33.06
CA LEU B 711 -35.31 -22.22 32.76
C LEU B 711 -35.43 -23.38 31.77
N ALA B 712 -36.57 -24.07 31.77
CA ALA B 712 -36.83 -25.30 30.99
C ALA B 712 -38.20 -25.20 30.32
N PHE B 713 -38.49 -26.12 29.40
CA PHE B 713 -39.75 -26.20 28.63
C PHE B 713 -39.91 -27.63 28.08
N LYS B 714 -41.15 -28.03 27.86
CA LYS B 714 -41.52 -29.40 27.42
C LYS B 714 -41.16 -29.55 25.94
N VAL B 715 -40.69 -30.74 25.56
CA VAL B 715 -40.53 -31.18 24.15
C VAL B 715 -41.44 -32.40 23.93
N HIS B 716 -41.85 -32.64 22.67
CA HIS B 716 -42.79 -33.74 22.28
C HIS B 716 -42.21 -34.51 21.08
N GLN B 717 -42.38 -35.85 21.06
CA GLN B 717 -41.80 -36.77 20.02
C GLN B 717 -42.71 -36.76 18.78
N TYR B 718 -42.51 -35.77 17.90
CA TYR B 718 -43.34 -35.50 16.70
C TYR B 718 -43.36 -36.75 15.81
N PHE B 719 -42.18 -37.31 15.53
CA PHE B 719 -42.00 -38.57 14.77
C PHE B 719 -41.17 -39.54 15.60
N ASN B 720 -41.63 -40.79 15.72
CA ASN B 720 -40.86 -41.92 16.29
C ASN B 720 -39.91 -42.46 15.21
N VAL B 721 -38.69 -41.89 15.15
CA VAL B 721 -37.48 -42.54 14.55
C VAL B 721 -36.48 -42.84 15.66
N GLU B 722 -36.11 -44.11 15.82
CA GLU B 722 -35.06 -44.58 16.76
C GLU B 722 -33.78 -43.76 16.53
N LEU B 723 -32.72 -44.05 17.31
CA LEU B 723 -31.33 -43.56 17.07
C LEU B 723 -31.33 -42.02 16.97
N ILE B 724 -32.20 -41.35 17.72
CA ILE B 724 -32.39 -39.88 17.67
C ILE B 724 -31.08 -39.20 18.08
N GLN B 725 -30.62 -38.24 17.27
CA GLN B 725 -29.34 -37.51 17.42
C GLN B 725 -29.41 -36.64 18.66
N PRO B 726 -28.28 -36.43 19.37
CA PRO B 726 -28.24 -35.49 20.47
C PRO B 726 -28.52 -34.06 20.01
N GLY B 727 -29.35 -33.34 20.74
CA GLY B 727 -29.52 -31.89 20.61
C GLY B 727 -28.31 -31.14 21.12
N ALA B 728 -28.38 -29.81 21.15
CA ALA B 728 -27.30 -28.90 21.60
C ALA B 728 -27.89 -27.59 22.09
N VAL B 729 -27.11 -26.83 22.85
CA VAL B 729 -27.47 -25.47 23.37
C VAL B 729 -26.20 -24.62 23.42
N LYS B 730 -26.00 -23.78 22.41
CA LYS B 730 -24.89 -22.81 22.35
C LYS B 730 -25.40 -21.45 22.83
N VAL B 731 -24.66 -20.81 23.75
CA VAL B 731 -25.05 -19.54 24.42
C VAL B 731 -23.90 -18.55 24.31
N TYR B 732 -24.07 -17.49 23.52
CA TYR B 732 -23.07 -16.41 23.32
C TYR B 732 -23.72 -15.04 23.56
N ALA B 733 -22.96 -14.13 24.17
CA ALA B 733 -23.17 -12.66 24.11
C ALA B 733 -23.30 -12.23 22.64
N TYR B 734 -24.05 -11.15 22.39
CA TYR B 734 -24.41 -10.67 21.03
C TYR B 734 -23.13 -10.26 20.30
N TYR B 735 -22.18 -9.67 21.01
CA TYR B 735 -21.12 -8.80 20.44
C TYR B 735 -19.96 -9.67 19.93
N ASN B 736 -19.80 -10.88 20.48
CA ASN B 736 -18.76 -11.86 20.06
C ASN B 736 -19.35 -13.28 20.13
N LEU B 737 -19.51 -13.93 18.99
CA LEU B 737 -19.84 -15.38 18.88
C LEU B 737 -18.62 -16.20 19.29
N GLU B 738 -17.43 -15.78 18.84
CA GLU B 738 -16.16 -16.57 18.99
C GLU B 738 -16.17 -17.28 20.35
N GLU B 739 -16.10 -16.51 21.45
CA GLU B 739 -16.03 -17.05 22.84
C GLU B 739 -17.44 -17.37 23.32
N SER B 740 -17.72 -18.65 23.53
CA SER B 740 -19.06 -19.22 23.75
C SER B 740 -18.93 -20.72 24.03
N CYS B 741 -19.89 -21.29 24.76
CA CYS B 741 -19.94 -22.73 25.13
C CYS B 741 -21.25 -23.34 24.64
N THR B 742 -21.17 -24.19 23.62
CA THR B 742 -22.21 -25.17 23.28
C THR B 742 -22.06 -26.40 24.17
N ARG B 743 -23.17 -26.95 24.66
CA ARG B 743 -23.26 -28.29 25.29
C ARG B 743 -24.38 -29.09 24.60
N PHE B 744 -24.12 -30.38 24.34
CA PHE B 744 -25.08 -31.32 23.70
C PHE B 744 -25.90 -32.02 24.78
N TYR B 745 -26.92 -32.79 24.37
CA TYR B 745 -27.80 -33.57 25.29
C TYR B 745 -28.50 -34.69 24.50
N HIS B 746 -28.81 -35.80 25.18
CA HIS B 746 -29.39 -37.06 24.61
C HIS B 746 -29.88 -37.96 25.73
N PRO B 747 -31.08 -38.59 25.59
CA PRO B 747 -31.68 -39.35 26.67
C PRO B 747 -30.93 -40.67 26.98
N GLU B 748 -30.49 -41.37 25.94
CA GLU B 748 -29.87 -42.72 26.04
C GLU B 748 -28.36 -42.59 26.34
N LYS B 749 -27.74 -41.47 25.89
CA LYS B 749 -26.32 -41.13 26.17
C LYS B 749 -26.25 -40.29 27.45
N GLU B 750 -25.03 -39.92 27.88
CA GLU B 750 -24.77 -39.26 29.19
C GLU B 750 -24.98 -37.74 29.04
N ASP B 751 -24.18 -37.09 28.21
CA ASP B 751 -23.99 -35.61 28.21
C ASP B 751 -24.24 -35.05 26.81
N GLY B 752 -24.52 -35.93 25.84
CA GLY B 752 -24.88 -35.56 24.45
C GLY B 752 -23.74 -35.81 23.48
N LYS B 753 -22.65 -36.46 23.94
CA LYS B 753 -21.49 -36.87 23.10
C LYS B 753 -21.76 -38.26 22.50
N LEU B 754 -21.31 -38.48 21.26
CA LEU B 754 -21.41 -39.79 20.55
C LEU B 754 -20.40 -40.76 21.18
N ASN B 755 -20.77 -42.04 21.26
CA ASN B 755 -19.87 -43.15 21.71
C ASN B 755 -18.68 -43.26 20.74
N LYS B 756 -17.49 -42.91 21.21
CA LYS B 756 -16.21 -43.09 20.49
C LYS B 756 -15.14 -43.56 21.48
N LEU B 757 -14.47 -44.66 21.16
CA LEU B 757 -13.25 -45.11 21.87
C LEU B 757 -12.08 -44.22 21.45
N CYS B 758 -11.47 -43.55 22.42
CA CYS B 758 -10.45 -42.50 22.22
C CYS B 758 -9.27 -42.72 23.17
N ARG B 759 -8.07 -42.93 22.63
CA ARG B 759 -6.87 -43.36 23.37
C ARG B 759 -5.78 -42.31 23.19
N ASP B 760 -5.68 -41.39 24.14
CA ASP B 760 -4.76 -40.21 24.09
C ASP B 760 -5.20 -39.28 22.95
N GLU B 761 -4.59 -39.42 21.76
CA GLU B 761 -4.83 -38.52 20.59
C GLU B 761 -5.72 -39.24 19.56
N LEU B 762 -5.39 -40.52 19.26
CA LEU B 762 -6.14 -41.39 18.30
C LEU B 762 -7.59 -41.51 18.74
N CYS B 763 -8.51 -41.56 17.79
CA CYS B 763 -9.98 -41.65 18.01
C CYS B 763 -10.62 -42.35 16.83
N ARG B 764 -11.26 -43.48 17.07
CA ARG B 764 -12.16 -44.13 16.11
C ARG B 764 -13.58 -44.06 16.64
N CYS B 765 -14.55 -44.39 15.81
CA CYS B 765 -15.97 -44.14 16.03
C CYS B 765 -16.68 -45.46 16.32
N ALA B 766 -17.62 -45.45 17.26
CA ALA B 766 -18.24 -46.65 17.84
C ALA B 766 -19.77 -46.49 17.85
N GLU B 767 -20.31 -45.73 16.90
CA GLU B 767 -21.76 -45.58 16.68
C GLU B 767 -22.20 -46.56 15.61
N GLU B 768 -22.71 -47.71 16.04
CA GLU B 768 -22.88 -48.92 15.19
C GLU B 768 -23.23 -50.11 16.09
N ASN B 769 -23.42 -51.29 15.48
CA ASN B 769 -23.70 -52.56 16.19
C ASN B 769 -22.42 -53.02 16.91
N CYS B 770 -22.56 -53.94 17.87
CA CYS B 770 -21.52 -54.28 18.90
C CYS B 770 -20.75 -55.53 18.46
N PHE B 771 -21.47 -56.61 18.14
CA PHE B 771 -20.93 -57.84 17.49
C PHE B 771 -21.51 -57.94 16.08
N ILE B 772 -21.23 -59.05 15.38
CA ILE B 772 -21.93 -59.46 14.12
C ILE B 772 -23.39 -59.78 14.47
N GLN B 773 -24.33 -59.18 13.76
CA GLN B 773 -25.77 -59.15 14.12
C GLN B 773 -26.44 -60.43 13.61
N LYS B 774 -26.04 -61.58 14.15
CA LYS B 774 -26.66 -62.90 13.88
C LYS B 774 -26.29 -63.87 15.02
N ASP B 777 -30.13 -72.08 17.13
CA ASP B 777 -30.79 -70.77 17.39
C ASP B 777 -30.27 -69.75 16.38
N LYS B 778 -30.70 -69.86 15.10
CA LYS B 778 -30.38 -68.92 14.00
C LYS B 778 -28.89 -69.02 13.63
N VAL B 779 -28.15 -69.90 14.32
CA VAL B 779 -26.65 -69.86 14.41
C VAL B 779 -26.07 -71.01 13.55
N THR B 780 -26.73 -71.29 12.41
CA THR B 780 -26.34 -72.35 11.44
C THR B 780 -24.80 -72.45 11.36
N LEU B 781 -24.26 -73.66 11.60
CA LEU B 781 -22.80 -74.00 11.40
C LEU B 781 -22.46 -73.96 9.91
N GLU B 782 -23.31 -74.58 9.08
CA GLU B 782 -23.17 -74.60 7.60
C GLU B 782 -22.73 -73.21 7.12
N GLU B 783 -23.55 -72.18 7.39
CA GLU B 783 -23.35 -70.78 6.92
C GLU B 783 -22.25 -70.12 7.77
N ARG B 784 -22.36 -70.22 9.10
CA ARG B 784 -21.37 -69.64 10.07
C ARG B 784 -19.96 -69.81 9.52
N LEU B 785 -19.62 -71.00 9.04
CA LEU B 785 -18.25 -71.39 8.61
C LEU B 785 -17.92 -70.67 7.30
N ASP B 786 -18.91 -70.51 6.43
CA ASP B 786 -18.76 -69.85 5.09
C ASP B 786 -18.42 -68.38 5.30
N LYS B 787 -19.07 -67.73 6.27
CA LYS B 787 -18.90 -66.29 6.59
C LYS B 787 -17.74 -66.13 7.57
N ALA B 788 -17.15 -67.22 8.01
CA ALA B 788 -16.02 -67.25 8.97
C ALA B 788 -14.71 -66.91 8.23
N CYS B 789 -14.58 -67.32 6.96
CA CYS B 789 -13.34 -67.21 6.14
C CYS B 789 -13.51 -66.16 5.04
N GLU B 790 -13.19 -64.90 5.34
CA GLU B 790 -13.04 -63.81 4.36
C GLU B 790 -11.62 -63.28 4.42
N PRO B 791 -11.14 -62.59 3.37
CA PRO B 791 -9.91 -61.80 3.47
C PRO B 791 -9.94 -60.87 4.69
N GLY B 792 -11.14 -60.34 5.01
CA GLY B 792 -11.39 -59.45 6.15
C GLY B 792 -10.90 -60.06 7.45
N VAL B 793 -11.66 -61.00 8.02
CA VAL B 793 -11.36 -61.66 9.32
C VAL B 793 -9.89 -62.07 9.32
N ASP B 794 -9.21 -61.91 10.46
CA ASP B 794 -7.74 -62.07 10.59
C ASP B 794 -7.40 -62.85 11.85
N TYR B 795 -8.30 -62.84 12.85
CA TYR B 795 -8.15 -63.60 14.11
C TYR B 795 -9.43 -64.37 14.43
N VAL B 796 -9.35 -65.72 14.34
CA VAL B 796 -10.29 -66.69 14.99
C VAL B 796 -9.63 -67.24 16.26
N TYR B 797 -10.23 -66.98 17.43
CA TYR B 797 -9.73 -67.38 18.76
C TYR B 797 -10.83 -68.12 19.54
N LYS B 798 -10.46 -69.22 20.20
CA LYS B 798 -11.05 -69.69 21.49
C LYS B 798 -10.29 -69.02 22.65
N THR B 799 -11.04 -68.48 23.63
CA THR B 799 -10.49 -67.60 24.71
C THR B 799 -11.30 -67.78 25.99
N ARG B 800 -10.88 -67.08 27.06
CA ARG B 800 -11.40 -67.23 28.44
C ARG B 800 -11.14 -65.92 29.21
N LEU B 801 -12.21 -65.22 29.58
CA LEU B 801 -12.14 -63.92 30.29
C LEU B 801 -11.48 -64.12 31.65
N VAL B 802 -10.28 -63.55 31.83
CA VAL B 802 -9.60 -63.39 33.15
C VAL B 802 -10.43 -62.39 34.00
N LYS B 803 -10.20 -61.08 33.79
CA LYS B 803 -10.81 -59.98 34.62
C LYS B 803 -11.73 -59.11 33.73
N VAL B 804 -12.71 -58.43 34.35
CA VAL B 804 -13.59 -57.40 33.71
C VAL B 804 -13.23 -56.02 34.31
N GLN B 805 -13.31 -54.96 33.49
CA GLN B 805 -12.90 -53.56 33.87
C GLN B 805 -14.01 -52.58 33.46
N LEU B 806 -15.28 -52.99 33.60
CA LEU B 806 -16.49 -52.13 33.37
C LEU B 806 -16.36 -50.85 34.21
N SER B 807 -16.58 -49.68 33.60
CA SER B 807 -16.39 -48.34 34.23
C SER B 807 -17.27 -47.31 33.54
N ASN B 808 -16.81 -46.05 33.49
CA ASN B 808 -17.56 -44.87 32.96
C ASN B 808 -17.32 -44.75 31.45
N ASP B 809 -16.04 -44.73 31.03
CA ASP B 809 -15.60 -44.74 29.60
C ASP B 809 -16.04 -46.07 28.97
N PHE B 810 -15.41 -46.46 27.85
CA PHE B 810 -15.33 -47.87 27.35
C PHE B 810 -15.07 -48.82 28.56
N ASP B 811 -15.65 -50.04 28.53
CA ASP B 811 -15.38 -51.11 29.53
C ASP B 811 -14.47 -52.18 28.89
N GLU B 812 -13.19 -52.25 29.32
CA GLU B 812 -12.16 -53.21 28.80
C GLU B 812 -12.43 -54.60 29.38
N TYR B 813 -12.62 -55.60 28.52
CA TYR B 813 -12.54 -57.05 28.84
C TYR B 813 -11.13 -57.58 28.49
N ILE B 814 -10.34 -57.89 29.51
CA ILE B 814 -9.07 -58.66 29.37
C ILE B 814 -9.41 -60.14 29.15
N MET B 815 -9.08 -60.68 27.98
CA MET B 815 -9.45 -62.03 27.52
C MET B 815 -8.19 -62.88 27.38
N ALA B 816 -8.05 -63.90 28.22
CA ALA B 816 -7.00 -64.95 28.13
C ALA B 816 -7.22 -65.78 26.87
N ILE B 817 -6.27 -65.76 25.95
CA ILE B 817 -6.20 -66.67 24.78
C ILE B 817 -6.06 -68.11 25.28
N GLU B 818 -6.97 -69.01 24.86
CA GLU B 818 -6.93 -70.48 25.18
C GLU B 818 -6.24 -71.22 24.03
N GLN B 819 -6.92 -71.37 22.89
CA GLN B 819 -6.37 -72.01 21.65
C GLN B 819 -6.73 -71.15 20.42
N THR B 820 -5.70 -70.68 19.69
CA THR B 820 -5.85 -69.76 18.52
C THR B 820 -6.08 -70.60 17.26
N ILE B 821 -7.27 -70.50 16.66
CA ILE B 821 -7.66 -71.26 15.45
C ILE B 821 -6.95 -70.65 14.24
N LYS B 822 -7.32 -69.42 13.87
CA LYS B 822 -6.67 -68.65 12.77
C LYS B 822 -5.94 -67.45 13.36
N SER B 823 -4.60 -67.51 13.40
CA SER B 823 -3.70 -66.41 13.86
C SER B 823 -3.48 -65.41 12.70
N GLY B 824 -3.28 -64.13 13.03
CA GLY B 824 -3.29 -63.01 12.07
C GLY B 824 -1.93 -62.35 11.93
N SER B 825 -1.74 -61.22 12.61
CA SER B 825 -0.42 -60.55 12.80
C SER B 825 -0.19 -60.25 14.29
N ASP B 826 -0.29 -61.30 15.13
CA ASP B 826 0.07 -61.25 16.57
C ASP B 826 0.67 -62.61 16.98
N GLU B 827 2.00 -62.70 17.02
CA GLU B 827 2.75 -63.65 17.87
C GLU B 827 1.93 -63.91 19.15
N VAL B 828 1.45 -65.14 19.32
CA VAL B 828 0.56 -65.56 20.44
C VAL B 828 0.83 -67.04 20.76
N GLN B 829 0.69 -67.43 22.03
CA GLN B 829 0.75 -68.83 22.51
C GLN B 829 -0.68 -69.35 22.72
N VAL B 830 -0.90 -70.17 23.76
CA VAL B 830 -2.24 -70.59 24.26
C VAL B 830 -2.47 -69.98 25.64
N GLY B 831 -1.51 -69.19 26.14
CA GLY B 831 -1.49 -68.68 27.52
C GLY B 831 -1.46 -67.16 27.56
N GLN B 832 -1.25 -66.52 26.41
CA GLN B 832 -1.03 -65.06 26.29
C GLN B 832 -2.36 -64.33 26.53
N GLN B 833 -2.48 -63.67 27.68
CA GLN B 833 -3.63 -62.79 28.02
C GLN B 833 -3.62 -61.59 27.07
N ARG B 834 -4.79 -60.97 26.85
CA ARG B 834 -5.01 -59.95 25.77
C ARG B 834 -6.27 -59.11 26.09
N THR B 835 -6.24 -57.82 25.72
CA THR B 835 -7.25 -56.79 26.10
C THR B 835 -8.25 -56.61 24.97
N PHE B 836 -9.54 -56.82 25.24
CA PHE B 836 -10.68 -56.50 24.34
C PHE B 836 -11.54 -55.41 24.96
N ILE B 837 -11.80 -54.33 24.21
CA ILE B 837 -12.47 -53.08 24.73
C ILE B 837 -13.79 -52.88 23.97
N SER B 838 -14.82 -52.39 24.67
CA SER B 838 -16.21 -52.22 24.16
C SER B 838 -16.78 -50.89 24.65
N PRO B 839 -17.67 -50.24 23.87
CA PRO B 839 -18.48 -49.13 24.37
C PRO B 839 -19.40 -49.58 25.51
N ILE B 840 -19.35 -48.87 26.63
CA ILE B 840 -20.33 -48.99 27.75
C ILE B 840 -21.68 -49.48 27.20
N LYS B 841 -22.19 -48.83 26.14
CA LYS B 841 -23.52 -49.14 25.54
C LYS B 841 -23.59 -50.62 25.17
N CYS B 842 -22.46 -51.19 24.75
CA CYS B 842 -22.32 -52.61 24.33
C CYS B 842 -21.96 -53.48 25.53
N ARG B 843 -22.41 -53.10 26.72
CA ARG B 843 -22.52 -53.99 27.91
C ARG B 843 -23.72 -54.92 27.70
N GLU B 844 -24.94 -54.39 27.85
CA GLU B 844 -26.20 -55.18 27.91
C GLU B 844 -26.19 -56.25 26.81
N ALA B 845 -25.90 -55.85 25.58
CA ALA B 845 -26.03 -56.69 24.37
C ALA B 845 -24.99 -57.80 24.38
N LEU B 846 -23.81 -57.53 24.97
CA LEU B 846 -22.65 -58.46 25.01
C LEU B 846 -22.86 -59.53 26.11
N LYS B 847 -23.46 -59.12 27.25
CA LYS B 847 -23.72 -59.99 28.44
C LYS B 847 -22.53 -60.96 28.62
N LEU B 848 -21.34 -60.41 28.93
CA LEU B 848 -20.07 -61.19 29.06
C LEU B 848 -19.91 -61.68 30.52
N GLU B 849 -19.08 -62.72 30.71
CA GLU B 849 -18.81 -63.36 32.04
C GLU B 849 -17.34 -63.83 32.08
N GLU B 850 -16.85 -64.17 33.29
CA GLU B 850 -15.41 -64.44 33.56
C GLU B 850 -15.20 -65.95 33.66
N LYS B 851 -14.00 -66.42 33.28
CA LYS B 851 -13.62 -67.86 33.23
C LYS B 851 -14.64 -68.62 32.36
N LYS B 852 -14.99 -68.03 31.20
CA LYS B 852 -15.94 -68.59 30.20
C LYS B 852 -15.19 -68.92 28.91
N HIS B 853 -15.11 -70.22 28.55
CA HIS B 853 -15.27 -70.72 27.17
C HIS B 853 -15.94 -69.62 26.30
N TYR B 854 -15.20 -69.03 25.35
CA TYR B 854 -15.70 -67.96 24.41
C TYR B 854 -15.08 -68.16 23.03
N LEU B 855 -15.92 -68.25 22.00
CA LEU B 855 -15.53 -68.13 20.56
C LEU B 855 -15.54 -66.66 20.16
N MET B 856 -14.40 -66.14 19.75
CA MET B 856 -14.20 -64.72 19.39
C MET B 856 -13.31 -64.64 18.14
N TRP B 857 -13.91 -64.84 16.97
CA TRP B 857 -13.31 -64.48 15.64
C TRP B 857 -13.75 -63.06 15.27
N GLY B 858 -12.80 -62.23 14.88
CA GLY B 858 -13.01 -60.80 14.59
C GLY B 858 -12.29 -60.37 13.34
N LEU B 859 -12.14 -59.06 13.14
CA LEU B 859 -11.67 -58.45 11.87
C LEU B 859 -10.40 -57.66 12.14
N SER B 860 -9.42 -57.78 11.24
CA SER B 860 -8.13 -57.06 11.27
C SER B 860 -8.39 -55.55 11.32
N SER B 861 -7.38 -54.77 11.72
CA SER B 861 -7.51 -53.32 12.00
C SER B 861 -8.73 -53.07 12.91
N ASP B 862 -8.85 -53.87 13.96
CA ASP B 862 -9.55 -53.50 15.22
C ASP B 862 -8.53 -53.51 16.37
N PHE B 863 -7.38 -52.87 16.15
CA PHE B 863 -6.14 -53.05 16.95
C PHE B 863 -5.70 -51.70 17.53
N TRP B 864 -5.88 -51.52 18.83
CA TRP B 864 -5.78 -50.23 19.54
C TRP B 864 -4.38 -50.05 20.10
N GLY B 865 -3.55 -49.29 19.39
CA GLY B 865 -2.09 -49.27 19.58
C GLY B 865 -1.42 -50.39 18.83
N GLU B 866 -0.11 -50.55 19.04
CA GLU B 866 0.80 -51.39 18.19
C GLU B 866 1.83 -52.07 19.08
N LYS B 867 2.43 -53.16 18.60
CA LYS B 867 3.09 -54.21 19.44
C LYS B 867 3.92 -53.53 20.53
N PRO B 868 3.88 -54.06 21.79
CA PRO B 868 2.96 -55.13 22.15
C PRO B 868 1.73 -54.65 22.95
N ASN B 869 1.48 -53.34 22.94
CA ASN B 869 0.40 -52.68 23.73
C ASN B 869 -0.92 -52.74 22.94
N LEU B 870 -0.90 -53.34 21.74
CA LEU B 870 -2.07 -53.41 20.83
C LEU B 870 -3.16 -54.29 21.47
N SER B 871 -4.42 -53.87 21.32
CA SER B 871 -5.59 -54.45 22.02
C SER B 871 -6.76 -54.62 21.03
N TYR B 872 -7.33 -55.83 20.95
CA TYR B 872 -8.43 -56.19 20.04
C TYR B 872 -9.72 -55.52 20.52
N ILE B 873 -10.35 -54.73 19.64
CA ILE B 873 -11.65 -54.04 19.90
C ILE B 873 -12.77 -54.89 19.33
N ILE B 874 -13.87 -55.04 20.07
CA ILE B 874 -15.14 -55.62 19.56
C ILE B 874 -15.75 -54.62 18.58
N GLY B 875 -16.42 -55.10 17.53
CA GLY B 875 -16.65 -54.36 16.29
C GLY B 875 -17.95 -54.77 15.61
N LYS B 876 -18.43 -53.95 14.68
CA LYS B 876 -19.56 -54.27 13.77
C LYS B 876 -19.20 -55.49 12.90
N ASP B 877 -17.91 -55.85 12.87
CA ASP B 877 -17.39 -56.95 12.02
C ASP B 877 -16.83 -58.06 12.92
N THR B 878 -16.65 -57.77 14.21
CA THR B 878 -16.24 -58.75 15.25
C THR B 878 -17.41 -59.70 15.55
N TRP B 879 -17.10 -60.98 15.80
CA TRP B 879 -18.08 -62.05 16.12
C TRP B 879 -17.76 -62.62 17.50
N VAL B 880 -18.81 -62.94 18.30
CA VAL B 880 -18.68 -63.48 19.69
C VAL B 880 -19.68 -64.63 19.88
N GLU B 881 -19.32 -65.63 20.69
CA GLU B 881 -20.20 -66.74 21.13
C GLU B 881 -19.77 -67.22 22.52
N HIS B 882 -20.71 -67.31 23.47
CA HIS B 882 -20.53 -67.97 24.80
C HIS B 882 -20.38 -69.48 24.60
N TRP B 883 -19.24 -69.90 24.05
CA TRP B 883 -18.74 -71.31 24.08
C TRP B 883 -19.18 -71.99 25.39
N PRO B 884 -19.91 -73.13 25.31
CA PRO B 884 -20.36 -73.84 26.51
C PRO B 884 -19.23 -74.64 27.17
N GLU B 885 -19.26 -74.74 28.50
CA GLU B 885 -18.34 -75.60 29.30
C GLU B 885 -18.62 -77.07 28.98
N GLU B 886 -17.58 -77.82 28.59
CA GLU B 886 -17.67 -79.24 28.16
C GLU B 886 -18.54 -80.02 29.16
N ASP B 887 -18.27 -79.84 30.46
CA ASP B 887 -18.84 -80.68 31.55
C ASP B 887 -20.35 -80.41 31.67
N GLU B 888 -20.82 -79.26 31.16
CA GLU B 888 -22.26 -78.87 31.12
C GLU B 888 -22.69 -78.61 29.66
N CYS B 889 -22.11 -79.37 28.71
CA CYS B 889 -22.67 -79.62 27.36
C CYS B 889 -23.68 -80.78 27.42
N GLN B 890 -23.66 -81.55 28.53
CA GLN B 890 -24.42 -82.81 28.71
C GLN B 890 -25.92 -82.50 28.73
N ASP B 891 -26.29 -81.22 28.60
CA ASP B 891 -27.69 -80.76 28.42
C ASP B 891 -28.11 -80.97 26.95
N GLU B 892 -29.35 -81.41 26.72
CA GLU B 892 -29.88 -81.79 25.38
C GLU B 892 -30.46 -80.55 24.68
N GLU B 893 -30.45 -79.40 25.36
CA GLU B 893 -30.73 -78.06 24.76
C GLU B 893 -29.42 -77.26 24.69
N ASN B 894 -28.31 -77.85 25.19
CA ASN B 894 -26.92 -77.37 24.99
C ASN B 894 -26.24 -78.18 23.88
N GLN B 895 -26.41 -79.50 23.91
CA GLN B 895 -25.61 -80.48 23.11
C GLN B 895 -25.73 -80.14 21.62
N LYS B 896 -26.87 -79.57 21.21
CA LYS B 896 -27.14 -79.11 19.81
C LYS B 896 -26.06 -78.08 19.41
N GLN B 897 -25.80 -77.10 20.28
CA GLN B 897 -24.84 -75.99 20.05
C GLN B 897 -23.41 -76.55 20.06
N CYS B 898 -22.96 -77.10 21.20
CA CYS B 898 -21.62 -77.73 21.39
C CYS B 898 -21.18 -78.41 20.09
N GLN B 899 -22.00 -79.34 19.58
CA GLN B 899 -21.73 -80.12 18.35
C GLN B 899 -21.29 -79.16 17.23
N ASP B 900 -22.22 -78.33 16.75
CA ASP B 900 -22.00 -77.33 15.68
C ASP B 900 -20.68 -76.61 15.94
N LEU B 901 -20.48 -76.13 17.17
CA LEU B 901 -19.26 -75.39 17.61
C LEU B 901 -18.04 -76.31 17.44
N GLY B 902 -18.09 -77.51 18.01
CA GLY B 902 -17.05 -78.56 17.86
C GLY B 902 -16.83 -78.91 16.41
N ALA B 903 -17.91 -78.96 15.62
CA ALA B 903 -17.91 -79.18 14.16
C ALA B 903 -17.11 -78.06 13.47
N PHE B 904 -17.33 -76.81 13.88
CA PHE B 904 -16.61 -75.60 13.39
C PHE B 904 -15.13 -75.71 13.74
N THR B 905 -14.83 -75.96 15.01
CA THR B 905 -13.48 -75.82 15.62
C THR B 905 -12.48 -76.67 14.84
N GLU B 906 -12.77 -77.97 14.66
CA GLU B 906 -12.00 -78.89 13.79
C GLU B 906 -11.97 -78.34 12.36
N SER B 907 -13.12 -78.32 11.68
CA SER B 907 -13.26 -78.15 10.20
C SER B 907 -12.52 -76.87 9.74
N MET B 908 -12.39 -75.89 10.64
CA MET B 908 -11.65 -74.63 10.39
C MET B 908 -10.15 -74.92 10.35
N VAL B 909 -9.61 -75.50 11.43
CA VAL B 909 -8.16 -75.51 11.77
C VAL B 909 -7.51 -76.73 11.10
N VAL B 910 -8.22 -77.86 11.04
CA VAL B 910 -7.71 -79.18 10.52
C VAL B 910 -6.88 -78.92 9.24
N PHE B 911 -7.55 -78.45 8.17
CA PHE B 911 -6.91 -78.02 6.90
C PHE B 911 -6.67 -76.51 6.93
N GLY B 912 -7.76 -75.75 7.00
CA GLY B 912 -7.77 -74.29 6.80
C GLY B 912 -8.97 -73.85 5.99
N CYS B 913 -8.94 -72.60 5.50
CA CYS B 913 -10.00 -71.97 4.65
C CYS B 913 -9.57 -72.00 3.19
N PRO B 914 -10.49 -71.74 2.22
CA PRO B 914 -10.12 -71.57 0.82
C PRO B 914 -9.18 -70.37 0.61
N ASN B 915 -8.79 -70.11 -0.65
CA ASN B 915 -7.78 -69.08 -1.02
C ASN B 915 -8.20 -68.42 -2.34
N MET C 1 -26.84 56.25 -15.93
CA MET C 1 -26.75 55.51 -14.63
C MET C 1 -26.77 54.00 -14.91
N VAL C 2 -25.60 53.36 -14.79
CA VAL C 2 -25.45 51.87 -14.58
C VAL C 2 -24.70 51.64 -13.26
N LYS C 3 -25.23 50.77 -12.42
CA LYS C 3 -24.77 50.56 -11.03
C LYS C 3 -23.88 49.33 -10.99
N VAL C 4 -22.77 49.41 -10.26
CA VAL C 4 -21.76 48.32 -10.08
C VAL C 4 -21.63 48.03 -8.59
N LYS C 5 -21.97 46.82 -8.16
CA LYS C 5 -21.99 46.36 -6.73
C LYS C 5 -20.58 45.88 -6.31
N PHE C 6 -20.24 46.04 -5.02
CA PHE C 6 -19.03 45.45 -4.39
C PHE C 6 -19.44 44.65 -3.15
N ASP C 7 -19.83 43.39 -3.35
CA ASP C 7 -20.55 42.53 -2.36
C ASP C 7 -19.69 42.40 -1.09
N ALA C 8 -18.36 42.59 -1.23
CA ALA C 8 -17.43 42.80 -0.09
C ALA C 8 -17.58 44.24 0.43
N THR C 9 -18.41 44.42 1.47
CA THR C 9 -18.66 45.71 2.18
C THR C 9 -19.96 46.35 1.66
N GLY C 10 -20.42 45.94 0.46
CA GLY C 10 -21.74 46.30 -0.10
C GLY C 10 -21.78 47.75 -0.57
N GLU C 11 -20.66 48.24 -1.12
CA GLU C 11 -20.55 49.60 -1.72
C GLU C 11 -21.28 49.60 -3.07
N GLU C 12 -21.32 50.76 -3.74
CA GLU C 12 -21.97 50.95 -5.05
C GLU C 12 -21.31 52.13 -5.79
N LYS C 13 -20.46 51.84 -6.77
CA LYS C 13 -20.05 52.80 -7.83
C LYS C 13 -21.19 52.96 -8.82
N GLU C 14 -21.37 54.16 -9.36
CA GLU C 14 -22.30 54.45 -10.47
C GLU C 14 -21.49 54.91 -11.68
N VAL C 15 -21.61 54.19 -12.80
CA VAL C 15 -20.89 54.48 -14.07
C VAL C 15 -21.87 55.15 -15.06
N GLU C 16 -21.44 56.26 -15.68
CA GLU C 16 -22.16 56.95 -16.78
C GLU C 16 -22.11 56.08 -18.04
N THR C 17 -23.27 55.87 -18.68
CA THR C 17 -23.44 54.92 -19.82
C THR C 17 -22.45 55.29 -20.95
N SER C 18 -22.31 56.59 -21.24
CA SER C 18 -21.49 57.14 -22.35
C SER C 18 -20.02 56.71 -22.19
N LYS C 19 -19.54 56.64 -20.93
CA LYS C 19 -18.11 56.45 -20.58
C LYS C 19 -17.68 54.99 -20.85
N ILE C 20 -18.65 54.06 -20.79
CA ILE C 20 -18.43 52.60 -21.00
C ILE C 20 -17.58 52.40 -22.26
N SER C 21 -16.68 51.41 -22.25
CA SER C 21 -15.70 51.12 -23.32
C SER C 21 -16.25 50.06 -24.27
N ALA C 22 -16.93 49.06 -23.72
CA ALA C 22 -17.45 47.88 -24.45
C ALA C 22 -18.18 46.96 -23.47
N VAL C 23 -19.13 46.18 -23.97
CA VAL C 23 -19.99 45.28 -23.16
C VAL C 23 -19.88 43.87 -23.72
N TYR C 24 -19.57 42.89 -22.86
CA TYR C 24 -19.46 41.45 -23.18
C TYR C 24 -20.38 40.64 -22.25
N ARG C 25 -20.58 39.36 -22.59
CA ARG C 25 -21.55 38.45 -21.90
C ARG C 25 -20.82 37.20 -21.41
N THR C 26 -21.16 36.72 -20.20
CA THR C 26 -20.66 35.47 -19.57
C THR C 26 -21.85 34.62 -19.12
N GLY C 27 -22.15 33.55 -19.85
CA GLY C 27 -23.28 32.64 -19.57
C GLY C 27 -24.60 33.40 -19.51
N LYS C 28 -25.12 33.64 -18.29
CA LYS C 28 -26.28 34.56 -18.03
C LYS C 28 -25.75 35.98 -17.81
N ASP C 29 -24.72 36.12 -16.96
CA ASP C 29 -24.29 37.41 -16.36
C ASP C 29 -23.67 38.31 -17.44
N VAL C 30 -23.44 39.58 -17.12
CA VAL C 30 -22.91 40.61 -18.05
C VAL C 30 -21.70 41.28 -17.43
N LEU C 31 -20.77 41.74 -18.27
CA LEU C 31 -19.38 42.04 -17.89
C LEU C 31 -18.79 43.04 -18.92
N PHE C 32 -18.63 44.31 -18.52
CA PHE C 32 -18.26 45.42 -19.43
C PHE C 32 -16.95 46.07 -18.96
N SER C 33 -16.42 47.00 -19.77
CA SER C 33 -15.16 47.75 -19.52
C SER C 33 -15.48 49.22 -19.23
N TYR C 34 -14.72 49.85 -18.34
CA TYR C 34 -14.84 51.27 -17.97
C TYR C 34 -14.05 52.13 -18.92
N ASP C 35 -13.91 53.41 -18.59
CA ASP C 35 -12.68 54.21 -18.79
C ASP C 35 -12.38 54.97 -17.48
N ASP C 36 -11.88 54.24 -16.45
CA ASP C 36 -11.73 54.74 -15.05
C ASP C 36 -10.99 56.10 -15.08
N GLN C 37 -9.66 56.07 -15.20
CA GLN C 37 -8.79 57.28 -15.30
C GLN C 37 -7.86 57.12 -16.50
N GLY C 38 -8.43 56.76 -17.66
CA GLY C 38 -7.68 56.23 -18.82
C GLY C 38 -7.19 54.82 -18.57
N LYS C 39 -7.25 54.37 -17.32
CA LYS C 39 -7.16 52.94 -16.93
C LYS C 39 -8.41 52.21 -17.40
N ILE C 40 -8.24 51.10 -18.10
CA ILE C 40 -9.33 50.25 -18.63
C ILE C 40 -9.88 49.37 -17.47
N GLY C 41 -10.56 50.00 -16.50
CA GLY C 41 -11.25 49.31 -15.38
C GLY C 41 -12.44 48.52 -15.87
N TRP C 42 -12.99 47.64 -15.01
CA TRP C 42 -14.03 46.63 -15.39
C TRP C 42 -15.24 46.73 -14.45
N GLY C 43 -16.10 45.70 -14.46
CA GLY C 43 -17.35 45.65 -13.67
C GLY C 43 -18.25 44.51 -14.12
N TYR C 44 -18.34 43.45 -13.31
CA TYR C 44 -19.32 42.33 -13.49
C TYR C 44 -20.64 42.71 -12.82
N VAL C 45 -21.77 42.26 -13.40
CA VAL C 45 -23.15 42.54 -12.90
C VAL C 45 -24.03 41.33 -13.21
N SER C 46 -24.79 40.87 -12.21
CA SER C 46 -25.58 39.61 -12.24
C SER C 46 -26.80 39.79 -13.16
N GLU C 47 -27.04 38.80 -14.04
CA GLU C 47 -28.32 38.63 -14.78
C GLU C 47 -29.44 39.33 -14.00
N LYS C 48 -29.72 38.86 -12.79
CA LYS C 48 -30.78 39.37 -11.89
C LYS C 48 -30.65 40.90 -11.77
N ASP C 49 -29.40 41.41 -11.75
CA ASP C 49 -29.07 42.83 -11.40
C ASP C 49 -28.63 43.59 -12.66
N ALA C 50 -29.00 43.10 -13.84
CA ALA C 50 -28.81 43.77 -15.14
C ALA C 50 -29.91 44.81 -15.36
N PRO C 51 -29.56 46.09 -15.55
CA PRO C 51 -30.52 47.09 -15.99
C PRO C 51 -30.63 47.11 -17.52
N LYS C 52 -31.69 47.74 -18.04
CA LYS C 52 -32.09 47.65 -19.47
C LYS C 52 -30.99 48.27 -20.35
N GLU C 53 -30.48 49.45 -19.97
CA GLU C 53 -29.48 50.22 -20.75
C GLU C 53 -28.34 49.27 -21.19
N LEU C 54 -27.96 48.33 -20.31
CA LEU C 54 -26.75 47.49 -20.46
C LEU C 54 -27.07 46.30 -21.36
N LEU C 55 -28.23 45.67 -21.17
CA LEU C 55 -28.74 44.56 -22.02
C LEU C 55 -28.90 45.06 -23.45
N ASP C 56 -29.30 46.33 -23.61
CA ASP C 56 -29.52 47.01 -24.92
C ASP C 56 -28.18 47.14 -25.65
N LEU C 57 -27.22 47.83 -25.03
CA LEU C 57 -25.87 48.11 -25.60
C LEU C 57 -25.20 46.77 -25.98
N LEU C 58 -25.55 45.69 -25.29
CA LEU C 58 -25.05 44.31 -25.56
C LEU C 58 -25.73 43.77 -26.84
N ALA C 59 -27.06 43.69 -26.83
CA ALA C 59 -27.88 43.09 -27.93
C ALA C 59 -27.54 43.76 -29.27
N ARG C 60 -27.14 45.04 -29.24
CA ARG C 60 -26.52 45.76 -30.38
C ARG C 60 -25.20 45.07 -30.76
N ALA C 61 -24.16 45.22 -29.92
CA ALA C 61 -22.78 44.77 -30.18
C ALA C 61 -22.77 43.28 -30.54
N GLU C 62 -23.84 42.54 -30.15
CA GLU C 62 -24.03 41.09 -30.47
C GLU C 62 -24.65 40.97 -31.89
N ARG C 63 -25.99 40.88 -31.96
CA ARG C 63 -26.72 40.28 -33.10
C ARG C 63 -26.86 41.33 -34.22
#